data_2EZ5
#
_entry.id   2EZ5
#
loop_
_entity.id
_entity.type
_entity.pdbx_description
1 polymer 'E3 ubiquitin-protein ligase NEDD4'
2 polymer 'Commissureless LPSY Peptide'
#
loop_
_entity_poly.entity_id
_entity_poly.type
_entity_poly.pdbx_seq_one_letter_code
_entity_poly.pdbx_strand_id
1 'polypeptide(L)' GPLGSGEEEPLPPRWSMQVAPNGRTFFIDHASRRTTWIDPRNGRAS W
2 'polypeptide(L)' TGLPSYDEALH P
#
# COMPACT_ATOMS: atom_id res chain seq x y z
N GLY A 1 -6.25 -0.28 14.84
CA GLY A 1 -5.06 -0.10 15.74
C GLY A 1 -5.00 1.29 16.35
N PRO A 2 -6.04 1.69 17.11
CA PRO A 2 -6.09 3.00 17.75
C PRO A 2 -5.00 3.18 18.80
N LEU A 3 -4.43 4.38 18.86
CA LEU A 3 -3.37 4.68 19.83
C LEU A 3 -2.08 3.98 19.44
N GLY A 4 -2.05 2.66 19.61
CA GLY A 4 -0.85 1.89 19.28
C GLY A 4 -0.57 1.89 17.79
N SER A 5 0.14 2.91 17.33
CA SER A 5 0.49 3.03 15.92
C SER A 5 -0.77 3.14 15.06
N GLY A 6 -0.57 3.39 13.77
CA GLY A 6 -1.71 3.51 12.87
C GLY A 6 -2.24 4.93 12.81
N GLU A 7 -1.46 5.83 12.20
CA GLU A 7 -1.86 7.22 12.07
C GLU A 7 -2.17 7.57 10.62
N GLU A 8 -3.01 6.76 9.99
CA GLU A 8 -3.38 6.98 8.59
C GLU A 8 -4.67 6.25 8.25
N GLU A 9 -5.15 6.43 7.02
CA GLU A 9 -6.37 5.79 6.58
C GLU A 9 -6.22 4.27 6.54
N PRO A 10 -6.95 3.55 7.40
CA PRO A 10 -6.87 2.07 7.45
C PRO A 10 -6.96 1.44 6.07
N LEU A 11 -6.11 0.44 5.82
CA LEU A 11 -6.10 -0.26 4.55
C LEU A 11 -7.38 -1.08 4.39
N PRO A 12 -7.97 -1.12 3.19
CA PRO A 12 -9.20 -1.86 2.93
C PRO A 12 -9.14 -3.29 3.48
N PRO A 13 -10.23 -4.05 3.31
CA PRO A 13 -10.35 -5.43 3.80
C PRO A 13 -9.15 -6.32 3.52
N ARG A 14 -8.58 -6.18 2.35
CA ARG A 14 -7.45 -7.01 1.97
C ARG A 14 -6.32 -6.18 1.39
N TRP A 15 -5.75 -5.31 2.20
CA TRP A 15 -4.65 -4.47 1.75
C TRP A 15 -3.68 -4.10 2.87
N SER A 16 -2.50 -3.66 2.46
CA SER A 16 -1.46 -3.27 3.40
C SER A 16 -0.65 -2.11 2.82
N MET A 17 0.44 -1.74 3.47
CA MET A 17 1.28 -0.65 3.00
C MET A 17 2.73 -0.83 3.43
N GLN A 18 3.63 -0.85 2.44
CA GLN A 18 5.05 -1.01 2.71
C GLN A 18 5.88 -0.17 1.74
N VAL A 19 6.95 0.43 2.24
CA VAL A 19 7.82 1.25 1.42
C VAL A 19 8.77 0.39 0.58
N ALA A 20 8.92 0.76 -0.68
CA ALA A 20 9.79 0.02 -1.59
C ALA A 20 11.12 0.74 -1.77
N PRO A 21 12.11 0.08 -2.39
CA PRO A 21 13.43 0.66 -2.63
C PRO A 21 13.38 1.77 -3.68
N ASN A 22 12.38 1.70 -4.54
CA ASN A 22 12.21 2.69 -5.60
C ASN A 22 12.22 4.10 -5.03
N GLY A 23 11.73 4.24 -3.81
CA GLY A 23 11.70 5.54 -3.16
C GLY A 23 10.30 5.96 -2.72
N ARG A 24 9.29 5.19 -3.13
CA ARG A 24 7.91 5.49 -2.77
C ARG A 24 7.21 4.28 -2.18
N THR A 25 6.15 4.53 -1.44
CA THR A 25 5.36 3.47 -0.81
C THR A 25 4.28 2.95 -1.75
N PHE A 26 3.98 1.67 -1.64
CA PHE A 26 2.97 1.05 -2.48
C PHE A 26 1.84 0.46 -1.63
N PHE A 27 0.91 -0.22 -2.29
CA PHE A 27 -0.22 -0.84 -1.59
C PHE A 27 -0.31 -2.32 -1.93
N ILE A 28 -0.13 -3.16 -0.93
CA ILE A 28 -0.20 -4.60 -1.11
C ILE A 28 -1.65 -5.08 -1.16
N ASP A 29 -1.94 -5.95 -2.12
CA ASP A 29 -3.28 -6.49 -2.27
C ASP A 29 -3.36 -7.92 -1.71
N HIS A 30 -4.10 -8.07 -0.61
CA HIS A 30 -4.26 -9.37 0.02
C HIS A 30 -5.31 -10.21 -0.69
N ALA A 31 -6.22 -9.55 -1.39
CA ALA A 31 -7.29 -10.23 -2.12
C ALA A 31 -6.71 -11.17 -3.16
N SER A 32 -5.64 -10.74 -3.82
CA SER A 32 -5.00 -11.54 -4.85
C SER A 32 -3.48 -11.55 -4.66
N ARG A 33 -3.02 -11.21 -3.46
CA ARG A 33 -1.59 -11.19 -3.16
C ARG A 33 -0.81 -10.44 -4.24
N ARG A 34 -0.89 -9.11 -4.22
CA ARG A 34 -0.19 -8.28 -5.19
C ARG A 34 0.19 -6.93 -4.58
N THR A 35 0.50 -5.98 -5.44
CA THR A 35 0.88 -4.64 -5.00
C THR A 35 0.60 -3.60 -6.09
N THR A 36 0.47 -2.34 -5.66
CA THR A 36 0.21 -1.25 -6.60
C THR A 36 0.68 0.08 -6.03
N TRP A 37 0.93 1.03 -6.92
CA TRP A 37 1.40 2.36 -6.53
C TRP A 37 0.25 3.25 -6.07
N ILE A 38 -0.97 2.90 -6.48
CA ILE A 38 -2.13 3.69 -6.13
C ILE A 38 -2.90 3.06 -4.98
N ASP A 39 -3.26 3.87 -4.00
CA ASP A 39 -3.99 3.40 -2.83
C ASP A 39 -5.45 3.07 -3.19
N PRO A 40 -6.00 1.99 -2.62
CA PRO A 40 -7.37 1.59 -2.89
C PRO A 40 -8.36 2.33 -2.00
N ARG A 41 -7.90 2.74 -0.82
CA ARG A 41 -8.73 3.47 0.12
C ARG A 41 -9.36 4.69 -0.53
N ASN A 42 -8.71 5.19 -1.59
CA ASN A 42 -9.21 6.35 -2.31
C ASN A 42 -9.06 6.18 -3.82
N GLY A 43 -7.81 5.94 -4.24
CA GLY A 43 -7.53 5.74 -5.65
C GLY A 43 -6.54 6.75 -6.19
N ARG A 44 -5.58 7.13 -5.35
CA ARG A 44 -4.56 8.09 -5.75
C ARG A 44 -3.16 7.52 -5.51
N ALA A 45 -2.24 7.84 -6.41
CA ALA A 45 -0.87 7.37 -6.31
C ALA A 45 -0.25 7.75 -4.98
N SER A 46 0.40 6.79 -4.32
CA SER A 46 1.03 7.02 -3.04
C SER A 46 1.97 8.23 -3.10
N THR B 1 11.14 1.02 -12.50
CA THR B 1 9.72 0.92 -12.07
C THR B 1 9.61 0.62 -10.57
N GLY B 2 9.90 -0.63 -10.21
CA GLY B 2 9.84 -1.02 -8.82
C GLY B 2 8.55 -1.75 -8.48
N LEU B 3 8.00 -1.45 -7.30
CA LEU B 3 6.76 -2.06 -6.85
C LEU B 3 6.95 -3.57 -6.66
N PRO B 4 7.60 -3.97 -5.56
CA PRO B 4 7.84 -5.39 -5.25
C PRO B 4 6.54 -6.16 -5.07
N SER B 5 6.14 -6.87 -6.12
CA SER B 5 4.91 -7.65 -6.07
C SER B 5 4.87 -8.54 -4.83
N TYR B 6 3.66 -8.92 -4.42
CA TYR B 6 3.48 -9.78 -3.25
C TYR B 6 4.39 -11.00 -3.31
N ASP B 7 5.58 -10.87 -2.73
CA ASP B 7 6.55 -11.97 -2.72
C ASP B 7 7.90 -11.51 -2.18
N GLU B 8 8.23 -10.25 -2.44
CA GLU B 8 9.50 -9.68 -1.99
C GLU B 8 9.29 -8.81 -0.75
N ALA B 9 8.25 -7.98 -0.78
CA ALA B 9 7.95 -7.09 0.34
C ALA B 9 7.19 -7.83 1.43
N LEU B 10 7.85 -8.81 2.04
CA LEU B 10 7.24 -9.61 3.11
C LEU B 10 8.27 -9.95 4.18
N HIS B 11 9.19 -9.03 4.44
CA HIS B 11 10.23 -9.23 5.44
C HIS B 11 9.80 -8.67 6.79
N GLY A 1 8.50 1.23 10.18
CA GLY A 1 9.92 1.52 10.20
C GLY A 1 10.16 3.02 10.13
N PRO A 2 9.52 3.71 9.17
CA PRO A 2 9.66 5.16 9.02
C PRO A 2 8.90 5.94 10.09
N LEU A 3 9.00 7.26 10.02
CA LEU A 3 8.33 8.13 10.99
C LEU A 3 6.81 8.03 10.85
N GLY A 4 6.20 7.21 11.70
CA GLY A 4 4.76 7.04 11.66
C GLY A 4 4.01 8.35 11.87
N SER A 5 2.89 8.51 11.17
CA SER A 5 2.09 9.71 11.29
C SER A 5 0.87 9.64 10.37
N GLY A 6 -0.25 10.21 10.83
CA GLY A 6 -1.46 10.21 10.03
C GLY A 6 -2.42 9.11 10.45
N GLU A 7 -3.71 9.34 10.23
CA GLU A 7 -4.73 8.36 10.59
C GLU A 7 -5.94 8.49 9.67
N GLU A 8 -5.74 8.15 8.39
CA GLU A 8 -6.82 8.23 7.42
C GLU A 8 -6.82 7.00 6.52
N GLU A 9 -7.89 6.22 6.59
CA GLU A 9 -8.02 5.01 5.79
C GLU A 9 -6.92 4.02 6.12
N PRO A 10 -7.16 3.12 7.10
CA PRO A 10 -6.20 2.12 7.53
C PRO A 10 -6.16 0.89 6.61
N LEU A 11 -5.95 1.13 5.32
CA LEU A 11 -5.90 0.04 4.36
C LEU A 11 -7.22 -0.74 4.34
N PRO A 12 -7.95 -0.70 3.22
CA PRO A 12 -9.24 -1.40 3.08
C PRO A 12 -9.19 -2.85 3.59
N PRO A 13 -10.31 -3.57 3.51
CA PRO A 13 -10.42 -4.97 3.97
C PRO A 13 -9.18 -5.80 3.74
N ARG A 14 -8.82 -5.96 2.49
CA ARG A 14 -7.66 -6.76 2.13
C ARG A 14 -6.61 -5.91 1.45
N TRP A 15 -5.94 -5.08 2.25
CA TRP A 15 -4.91 -4.20 1.72
C TRP A 15 -3.93 -3.78 2.80
N SER A 16 -2.70 -3.48 2.37
CA SER A 16 -1.65 -3.05 3.27
C SER A 16 -0.75 -2.03 2.57
N MET A 17 0.36 -1.68 3.23
CA MET A 17 1.29 -0.72 2.66
C MET A 17 2.72 -1.01 3.10
N GLN A 18 3.65 -0.98 2.15
CA GLN A 18 5.04 -1.24 2.44
C GLN A 18 5.95 -0.38 1.55
N VAL A 19 7.04 0.10 2.12
CA VAL A 19 7.99 0.93 1.39
C VAL A 19 8.84 0.10 0.45
N ALA A 20 9.08 0.60 -0.75
CA ALA A 20 9.88 -0.10 -1.74
C ALA A 20 11.23 0.58 -1.96
N PRO A 21 12.18 -0.12 -2.61
CA PRO A 21 13.51 0.41 -2.88
C PRO A 21 13.47 1.55 -3.90
N ASN A 22 12.44 1.54 -4.73
CA ASN A 22 12.26 2.57 -5.75
C ASN A 22 12.32 3.96 -5.12
N GLY A 23 11.77 4.09 -3.92
CA GLY A 23 11.78 5.36 -3.23
C GLY A 23 10.40 5.78 -2.74
N ARG A 24 9.37 5.05 -3.15
CA ARG A 24 8.01 5.37 -2.74
C ARG A 24 7.30 4.16 -2.16
N THR A 25 6.29 4.40 -1.34
CA THR A 25 5.53 3.33 -0.71
C THR A 25 4.44 2.81 -1.64
N PHE A 26 4.17 1.52 -1.54
CA PHE A 26 3.15 0.90 -2.37
C PHE A 26 2.07 0.24 -1.52
N PHE A 27 1.15 -0.45 -2.18
CA PHE A 27 0.07 -1.14 -1.49
C PHE A 27 0.21 -2.64 -1.67
N ILE A 28 -0.52 -3.40 -0.87
CA ILE A 28 -0.45 -4.86 -0.93
C ILE A 28 -1.85 -5.46 -0.99
N ASP A 29 -2.21 -5.99 -2.15
CA ASP A 29 -3.52 -6.61 -2.34
C ASP A 29 -3.50 -8.05 -1.86
N HIS A 30 -4.18 -8.30 -0.74
CA HIS A 30 -4.25 -9.65 -0.17
C HIS A 30 -5.29 -10.49 -0.89
N ALA A 31 -6.27 -9.83 -1.49
CA ALA A 31 -7.32 -10.53 -2.23
C ALA A 31 -6.75 -11.40 -3.34
N SER A 32 -5.62 -10.96 -3.90
CA SER A 32 -4.96 -11.70 -4.97
C SER A 32 -3.44 -11.66 -4.83
N ARG A 33 -2.97 -11.35 -3.63
CA ARG A 33 -1.54 -11.27 -3.37
C ARG A 33 -0.82 -10.46 -4.43
N ARG A 34 -0.96 -9.13 -4.36
CA ARG A 34 -0.33 -8.24 -5.31
C ARG A 34 0.01 -6.90 -4.67
N THR A 35 0.48 -5.96 -5.48
CA THR A 35 0.84 -4.63 -4.97
C THR A 35 0.54 -3.55 -6.01
N THR A 36 0.41 -2.32 -5.53
CA THR A 36 0.13 -1.19 -6.40
C THR A 36 0.70 0.11 -5.83
N TRP A 37 0.79 1.12 -6.68
CA TRP A 37 1.31 2.41 -6.28
C TRP A 37 0.22 3.35 -5.75
N ILE A 38 -1.03 3.02 -6.04
CA ILE A 38 -2.15 3.84 -5.61
C ILE A 38 -3.03 3.12 -4.59
N ASP A 39 -3.54 3.87 -3.64
CA ASP A 39 -4.41 3.30 -2.61
C ASP A 39 -5.81 3.03 -3.16
N PRO A 40 -6.43 1.92 -2.75
CA PRO A 40 -7.77 1.55 -3.21
C PRO A 40 -8.86 2.21 -2.37
N ARG A 41 -8.52 2.57 -1.13
CA ARG A 41 -9.46 3.19 -0.22
C ARG A 41 -10.10 4.42 -0.87
N ASN A 42 -9.37 5.08 -1.76
CA ASN A 42 -9.86 6.26 -2.44
C ASN A 42 -9.34 6.33 -3.87
N GLY A 43 -8.03 6.12 -4.04
CA GLY A 43 -7.43 6.16 -5.36
C GLY A 43 -6.32 7.19 -5.47
N ARG A 44 -5.64 7.46 -4.36
CA ARG A 44 -4.56 8.43 -4.35
C ARG A 44 -3.21 7.73 -4.13
N ALA A 45 -2.16 8.30 -4.72
CA ALA A 45 -0.82 7.74 -4.60
C ALA A 45 -0.35 7.74 -3.14
N SER A 46 0.41 6.72 -2.77
CA SER A 46 0.91 6.60 -1.41
C SER A 46 1.78 7.80 -1.05
N THR B 1 10.54 2.21 -12.65
CA THR B 1 9.71 1.95 -11.44
C THR B 1 10.17 0.70 -10.72
N GLY B 2 9.65 0.50 -9.50
CA GLY B 2 10.03 -0.67 -8.73
C GLY B 2 8.98 -1.02 -7.68
N LEU B 3 7.98 -1.80 -8.08
CA LEU B 3 6.92 -2.20 -7.16
C LEU B 3 6.98 -3.71 -6.91
N PRO B 4 7.72 -4.13 -5.87
CA PRO B 4 7.86 -5.55 -5.51
C PRO B 4 6.50 -6.21 -5.28
N SER B 5 6.22 -7.26 -6.05
CA SER B 5 4.96 -7.98 -5.93
C SER B 5 4.85 -8.63 -4.55
N TYR B 6 3.63 -9.08 -4.22
CA TYR B 6 3.39 -9.72 -2.94
C TYR B 6 4.31 -10.92 -2.74
N ASP B 7 5.50 -10.67 -2.20
CA ASP B 7 6.47 -11.72 -1.97
C ASP B 7 7.78 -11.16 -1.43
N GLU B 8 8.63 -10.69 -2.33
CA GLU B 8 9.92 -10.12 -1.95
C GLU B 8 9.74 -8.93 -1.01
N ALA B 9 8.58 -8.31 -1.06
CA ALA B 9 8.29 -7.16 -0.21
C ALA B 9 7.70 -7.58 1.12
N LEU B 10 8.44 -8.39 1.88
CA LEU B 10 7.98 -8.87 3.17
C LEU B 10 9.13 -8.97 4.16
N HIS B 11 10.15 -8.16 3.95
CA HIS B 11 11.33 -8.15 4.82
C HIS B 11 11.26 -6.99 5.81
N GLY A 1 -13.75 11.63 19.36
CA GLY A 1 -13.37 11.46 20.75
C GLY A 1 -13.43 9.98 21.12
N PRO A 2 -14.55 9.30 20.81
CA PRO A 2 -14.70 7.88 21.11
C PRO A 2 -13.94 6.98 20.14
N LEU A 3 -13.60 7.52 18.99
CA LEU A 3 -12.87 6.77 17.97
C LEU A 3 -11.79 7.62 17.31
N GLY A 4 -11.21 8.54 18.09
CA GLY A 4 -10.17 9.40 17.55
C GLY A 4 -8.78 8.82 17.74
N SER A 5 -8.64 7.52 17.54
CA SER A 5 -7.35 6.85 17.70
C SER A 5 -6.71 6.60 16.34
N GLY A 6 -6.98 7.48 15.39
CA GLY A 6 -6.42 7.33 14.06
C GLY A 6 -7.34 7.86 12.97
N GLU A 7 -6.79 8.65 12.05
CA GLU A 7 -7.56 9.22 10.96
C GLU A 7 -6.75 9.27 9.68
N GLU A 8 -6.09 8.16 9.35
CA GLU A 8 -5.27 8.08 8.15
C GLU A 8 -5.87 7.10 7.13
N GLU A 9 -7.16 6.85 7.26
CA GLU A 9 -7.85 5.93 6.35
C GLU A 9 -7.10 4.61 6.24
N PRO A 10 -7.26 3.71 7.23
CA PRO A 10 -6.59 2.41 7.22
C PRO A 10 -6.72 1.69 5.89
N LEU A 11 -5.90 0.67 5.69
CA LEU A 11 -5.94 -0.10 4.45
C LEU A 11 -7.21 -0.93 4.38
N PRO A 12 -7.87 -0.98 3.21
CA PRO A 12 -9.11 -1.73 3.03
C PRO A 12 -9.01 -3.16 3.57
N PRO A 13 -10.10 -3.93 3.46
CA PRO A 13 -10.18 -5.31 3.96
C PRO A 13 -8.96 -6.17 3.67
N ARG A 14 -8.55 -6.18 2.43
CA ARG A 14 -7.42 -7.00 2.01
C ARG A 14 -6.31 -6.15 1.41
N TRP A 15 -5.70 -5.32 2.23
CA TRP A 15 -4.62 -4.46 1.77
C TRP A 15 -3.66 -4.09 2.89
N SER A 16 -2.43 -3.74 2.51
CA SER A 16 -1.40 -3.35 3.45
C SER A 16 -0.54 -2.25 2.87
N MET A 17 0.55 -1.91 3.54
CA MET A 17 1.45 -0.86 3.07
C MET A 17 2.88 -1.13 3.51
N GLN A 18 3.82 -0.84 2.61
CA GLN A 18 5.24 -1.03 2.88
C GLN A 18 6.08 -0.27 1.87
N VAL A 19 7.11 0.42 2.36
CA VAL A 19 8.00 1.19 1.48
C VAL A 19 8.85 0.28 0.60
N ALA A 20 9.04 0.70 -0.64
CA ALA A 20 9.83 -0.07 -1.59
C ALA A 20 11.17 0.61 -1.87
N PRO A 21 12.08 -0.10 -2.56
CA PRO A 21 13.41 0.44 -2.89
C PRO A 21 13.35 1.54 -3.94
N ASN A 22 12.24 1.58 -4.68
CA ASN A 22 12.07 2.59 -5.72
C ASN A 22 12.11 3.99 -5.14
N GLY A 23 11.60 4.14 -3.93
CA GLY A 23 11.60 5.45 -3.28
C GLY A 23 10.22 5.84 -2.74
N ARG A 24 9.19 5.11 -3.14
CA ARG A 24 7.84 5.39 -2.68
C ARG A 24 7.17 4.15 -2.10
N THR A 25 6.15 4.37 -1.28
CA THR A 25 5.43 3.26 -0.66
C THR A 25 4.37 2.69 -1.60
N PHE A 26 4.14 1.40 -1.50
CA PHE A 26 3.16 0.73 -2.34
C PHE A 26 2.10 0.03 -1.50
N PHE A 27 0.96 -0.28 -2.11
CA PHE A 27 -0.13 -0.95 -1.43
C PHE A 27 -0.17 -2.42 -1.80
N ILE A 28 -0.08 -3.28 -0.79
CA ILE A 28 -0.11 -4.72 -0.99
C ILE A 28 -1.55 -5.20 -1.17
N ASP A 29 -1.77 -6.05 -2.16
CA ASP A 29 -3.10 -6.59 -2.43
C ASP A 29 -3.17 -8.07 -2.07
N HIS A 30 -3.86 -8.37 -0.97
CA HIS A 30 -4.00 -9.75 -0.51
C HIS A 30 -5.06 -10.49 -1.32
N ALA A 31 -6.01 -9.73 -1.86
CA ALA A 31 -7.09 -10.32 -2.66
C ALA A 31 -6.53 -11.12 -3.82
N SER A 32 -5.34 -10.76 -4.27
CA SER A 32 -4.71 -11.46 -5.38
C SER A 32 -3.18 -11.52 -5.21
N ARG A 33 -2.71 -11.28 -3.99
CA ARG A 33 -1.28 -11.32 -3.71
C ARG A 33 -0.50 -10.47 -4.72
N ARG A 34 -0.73 -9.16 -4.68
CA ARG A 34 -0.05 -8.24 -5.60
C ARG A 34 0.35 -6.96 -4.88
N THR A 35 0.62 -5.92 -5.67
CA THR A 35 1.02 -4.63 -5.13
C THR A 35 0.74 -3.50 -6.12
N THR A 36 0.69 -2.27 -5.62
CA THR A 36 0.42 -1.12 -6.46
C THR A 36 0.98 0.16 -5.85
N TRP A 37 1.02 1.22 -6.65
CA TRP A 37 1.55 2.50 -6.20
C TRP A 37 0.43 3.41 -5.69
N ILE A 38 -0.80 3.13 -6.11
CA ILE A 38 -1.94 3.93 -5.69
C ILE A 38 -2.79 3.18 -4.66
N ASP A 39 -3.16 3.89 -3.60
CA ASP A 39 -3.96 3.31 -2.54
C ASP A 39 -5.39 3.03 -3.01
N PRO A 40 -6.00 1.92 -2.54
CA PRO A 40 -7.36 1.55 -2.91
C PRO A 40 -8.40 2.20 -2.00
N ARG A 41 -7.96 2.62 -0.82
CA ARG A 41 -8.85 3.25 0.14
C ARG A 41 -9.54 4.47 -0.46
N ASN A 42 -8.88 5.09 -1.44
CA ASN A 42 -9.43 6.28 -2.09
C ASN A 42 -9.07 6.30 -3.58
N GLY A 43 -7.79 6.09 -3.87
CA GLY A 43 -7.33 6.09 -5.24
C GLY A 43 -6.33 7.20 -5.52
N ARG A 44 -5.37 7.38 -4.61
CA ARG A 44 -4.35 8.40 -4.76
C ARG A 44 -2.96 7.85 -4.45
N ALA A 45 -1.96 8.37 -5.14
CA ALA A 45 -0.59 7.92 -4.94
C ALA A 45 -0.19 8.04 -3.47
N SER A 46 0.02 6.90 -2.82
CA SER A 46 0.41 6.88 -1.41
C SER A 46 -0.53 7.75 -0.58
N THR B 1 9.60 1.94 -13.41
CA THR B 1 9.22 0.67 -12.73
C THR B 1 9.73 0.63 -11.31
N GLY B 2 9.37 -0.42 -10.58
CA GLY B 2 9.80 -0.55 -9.20
C GLY B 2 8.76 -1.23 -8.33
N LEU B 3 7.49 -1.07 -8.68
CA LEU B 3 6.40 -1.69 -7.93
C LEU B 3 6.68 -3.16 -7.65
N PRO B 4 7.08 -3.50 -6.42
CA PRO B 4 7.38 -4.88 -6.04
C PRO B 4 6.17 -5.79 -6.24
N SER B 5 6.09 -6.85 -5.45
CA SER B 5 4.97 -7.78 -5.54
C SER B 5 4.77 -8.54 -4.23
N TYR B 6 3.54 -8.95 -3.97
CA TYR B 6 3.21 -9.68 -2.76
C TYR B 6 4.10 -10.92 -2.62
N ASP B 7 5.27 -10.75 -2.02
CA ASP B 7 6.20 -11.85 -1.83
C ASP B 7 7.44 -11.39 -1.07
N GLU B 8 8.23 -10.51 -1.69
CA GLU B 8 9.44 -10.00 -1.08
C GLU B 8 9.17 -8.64 -0.41
N ALA B 9 7.92 -8.41 -0.05
CA ALA B 9 7.54 -7.15 0.59
C ALA B 9 6.71 -7.41 1.84
N LEU B 10 7.12 -8.40 2.62
CA LEU B 10 6.42 -8.74 3.85
C LEU B 10 7.41 -9.00 4.99
N HIS B 11 8.46 -9.75 4.70
CA HIS B 11 9.48 -10.07 5.70
C HIS B 11 10.29 -8.83 6.05
N GLY A 1 -11.11 20.93 5.96
CA GLY A 1 -11.96 21.44 4.90
C GLY A 1 -11.16 21.61 3.62
N PRO A 2 -10.00 22.28 3.69
CA PRO A 2 -9.14 22.50 2.52
C PRO A 2 -8.40 21.24 2.10
N LEU A 3 -8.07 20.39 3.07
CA LEU A 3 -7.37 19.15 2.81
C LEU A 3 -7.58 18.15 3.94
N GLY A 4 -8.83 17.95 4.32
CA GLY A 4 -9.14 17.02 5.39
C GLY A 4 -9.37 15.61 4.88
N SER A 5 -8.30 14.83 4.78
CA SER A 5 -8.39 13.45 4.30
C SER A 5 -8.27 12.46 5.45
N GLY A 6 -7.50 12.86 6.48
CA GLY A 6 -7.31 11.99 7.63
C GLY A 6 -5.86 11.64 7.85
N GLU A 7 -5.51 11.35 9.11
CA GLU A 7 -4.15 10.99 9.46
C GLU A 7 -3.89 9.50 9.22
N GLU A 8 -3.59 9.16 7.97
CA GLU A 8 -3.32 7.77 7.61
C GLU A 8 -4.58 6.93 7.68
N GLU A 9 -5.31 6.86 6.57
CA GLU A 9 -6.54 6.08 6.53
C GLU A 9 -6.24 4.58 6.42
N PRO A 10 -6.95 3.75 7.19
CA PRO A 10 -6.74 2.29 7.19
C PRO A 10 -6.91 1.68 5.80
N LEU A 11 -6.21 0.57 5.57
CA LEU A 11 -6.29 -0.12 4.28
C LEU A 11 -7.54 -0.98 4.20
N PRO A 12 -8.13 -1.09 3.00
CA PRO A 12 -9.36 -1.88 2.80
C PRO A 12 -9.26 -3.29 3.40
N PRO A 13 -10.33 -4.09 3.24
CA PRO A 13 -10.39 -5.46 3.78
C PRO A 13 -9.14 -6.29 3.56
N ARG A 14 -8.60 -6.21 2.38
CA ARG A 14 -7.42 -7.00 2.04
C ARG A 14 -6.30 -6.12 1.48
N TRP A 15 -5.81 -5.23 2.30
CA TRP A 15 -4.74 -4.33 1.88
C TRP A 15 -3.83 -3.94 3.02
N SER A 16 -2.63 -3.48 2.67
CA SER A 16 -1.64 -3.05 3.64
C SER A 16 -0.81 -1.90 3.10
N MET A 17 0.40 -1.72 3.62
CA MET A 17 1.27 -0.63 3.18
C MET A 17 2.73 -0.95 3.48
N GLN A 18 3.58 -0.78 2.47
CA GLN A 18 5.01 -1.04 2.63
C GLN A 18 5.83 -0.14 1.72
N VAL A 19 7.05 0.18 2.16
CA VAL A 19 7.93 1.03 1.39
C VAL A 19 8.85 0.21 0.50
N ALA A 20 9.01 0.64 -0.75
CA ALA A 20 9.85 -0.07 -1.70
C ALA A 20 11.15 0.69 -1.95
N PRO A 21 12.13 0.03 -2.59
CA PRO A 21 13.42 0.64 -2.90
C PRO A 21 13.31 1.71 -3.99
N ASN A 22 12.27 1.59 -4.80
CA ASN A 22 12.04 2.54 -5.88
C ASN A 22 12.08 3.97 -5.35
N GLY A 23 11.67 4.15 -4.10
CA GLY A 23 11.67 5.47 -3.50
C GLY A 23 10.30 5.89 -2.99
N ARG A 24 9.27 5.13 -3.33
CA ARG A 24 7.91 5.45 -2.90
C ARG A 24 7.23 4.24 -2.30
N THR A 25 6.26 4.50 -1.42
CA THR A 25 5.51 3.44 -0.78
C THR A 25 4.41 2.92 -1.69
N PHE A 26 4.13 1.64 -1.59
CA PHE A 26 3.10 1.03 -2.42
C PHE A 26 1.96 0.47 -1.57
N PHE A 27 1.01 -0.19 -2.23
CA PHE A 27 -0.12 -0.78 -1.54
C PHE A 27 -0.21 -2.27 -1.83
N ILE A 28 -0.16 -3.06 -0.77
CA ILE A 28 -0.23 -4.50 -0.89
C ILE A 28 -1.69 -4.96 -0.92
N ASP A 29 -1.97 -5.94 -1.75
CA ASP A 29 -3.32 -6.47 -1.88
C ASP A 29 -3.35 -7.97 -1.57
N HIS A 30 -4.03 -8.33 -0.48
CA HIS A 30 -4.13 -9.72 -0.07
C HIS A 30 -5.21 -10.45 -0.86
N ALA A 31 -6.14 -9.70 -1.44
CA ALA A 31 -7.23 -10.28 -2.21
C ALA A 31 -6.72 -10.97 -3.46
N SER A 32 -5.66 -10.42 -4.05
CA SER A 32 -5.08 -10.98 -5.26
C SER A 32 -3.59 -11.26 -5.09
N ARG A 33 -3.06 -11.03 -3.89
CA ARG A 33 -1.64 -11.26 -3.61
C ARG A 33 -0.76 -10.45 -4.56
N ARG A 34 -1.07 -9.16 -4.68
CA ARG A 34 -0.30 -8.27 -5.55
C ARG A 34 -0.21 -6.88 -4.96
N THR A 35 0.79 -6.12 -5.40
CA THR A 35 0.98 -4.75 -4.92
C THR A 35 0.68 -3.74 -6.02
N THR A 36 0.61 -2.47 -5.65
CA THR A 36 0.33 -1.41 -6.61
C THR A 36 0.82 -0.06 -6.11
N TRP A 37 0.98 0.87 -7.04
CA TRP A 37 1.45 2.21 -6.71
C TRP A 37 0.28 3.15 -6.43
N ILE A 38 -0.90 2.59 -6.20
CA ILE A 38 -2.08 3.39 -5.94
C ILE A 38 -2.86 2.86 -4.74
N ASP A 39 -3.38 3.78 -3.93
CA ASP A 39 -4.15 3.41 -2.75
C ASP A 39 -5.62 3.13 -3.10
N PRO A 40 -6.17 2.01 -2.60
CA PRO A 40 -7.56 1.66 -2.85
C PRO A 40 -8.51 2.39 -1.93
N ARG A 41 -8.04 2.66 -0.72
CA ARG A 41 -8.84 3.37 0.27
C ARG A 41 -9.44 4.64 -0.31
N ASN A 42 -8.78 5.18 -1.33
CA ASN A 42 -9.25 6.40 -1.99
C ASN A 42 -9.14 6.27 -3.51
N GLY A 43 -7.99 5.81 -3.98
CA GLY A 43 -7.77 5.65 -5.40
C GLY A 43 -6.81 6.69 -5.96
N ARG A 44 -5.71 6.91 -5.24
CA ARG A 44 -4.71 7.88 -5.67
C ARG A 44 -3.30 7.32 -5.46
N ALA A 45 -2.34 7.83 -6.25
CA ALA A 45 -0.97 7.37 -6.15
C ALA A 45 -0.33 7.81 -4.84
N SER A 46 0.55 6.97 -4.30
CA SER A 46 1.23 7.26 -3.04
C SER A 46 1.95 8.60 -3.12
N THR B 1 10.73 2.40 -12.07
CA THR B 1 9.59 1.68 -11.47
C THR B 1 10.05 0.41 -10.76
N GLY B 2 9.77 0.33 -9.46
CA GLY B 2 10.17 -0.83 -8.68
C GLY B 2 9.12 -1.21 -7.65
N LEU B 3 8.08 -1.90 -8.09
CA LEU B 3 7.01 -2.32 -7.19
C LEU B 3 7.18 -3.79 -6.81
N PRO B 4 7.59 -4.06 -5.56
CA PRO B 4 7.79 -5.43 -5.06
C PRO B 4 6.47 -6.18 -4.91
N SER B 5 6.19 -7.08 -5.84
CA SER B 5 4.96 -7.86 -5.81
C SER B 5 4.81 -8.57 -4.46
N TYR B 6 3.59 -9.05 -4.19
CA TYR B 6 3.31 -9.76 -2.94
C TYR B 6 4.16 -11.01 -2.82
N ASP B 7 5.41 -10.84 -2.37
CA ASP B 7 6.31 -11.95 -2.21
C ASP B 7 7.69 -11.48 -1.75
N GLU B 8 8.23 -10.49 -2.45
CA GLU B 8 9.55 -9.95 -2.11
C GLU B 8 9.43 -8.88 -1.03
N ALA B 9 8.29 -8.20 -0.98
CA ALA B 9 8.07 -7.15 0.01
C ALA B 9 7.41 -7.72 1.26
N LEU B 10 8.17 -8.50 2.03
CA LEU B 10 7.66 -9.10 3.26
C LEU B 10 8.68 -9.02 4.37
N HIS B 11 9.24 -7.82 4.56
CA HIS B 11 10.24 -7.61 5.61
C HIS B 11 10.80 -6.19 5.53
N GLY A 1 -5.08 21.07 9.42
CA GLY A 1 -4.00 20.12 9.57
C GLY A 1 -3.53 20.08 11.02
N PRO A 2 -3.27 21.24 11.63
CA PRO A 2 -2.81 21.32 13.02
C PRO A 2 -3.76 20.61 13.98
N LEU A 3 -5.06 20.67 13.67
CA LEU A 3 -6.06 20.02 14.50
C LEU A 3 -6.84 18.97 13.71
N GLY A 4 -6.13 18.25 12.84
CA GLY A 4 -6.75 17.22 12.04
C GLY A 4 -7.48 16.19 12.88
N SER A 5 -8.30 15.37 12.24
CA SER A 5 -9.04 14.33 12.93
C SER A 5 -8.47 12.96 12.64
N GLY A 6 -8.06 12.75 11.39
CA GLY A 6 -7.49 11.47 10.99
C GLY A 6 -6.18 11.62 10.25
N GLU A 7 -5.16 10.91 10.72
CA GLU A 7 -3.84 10.96 10.10
C GLU A 7 -3.67 9.82 9.10
N GLU A 8 -3.78 8.59 9.57
CA GLU A 8 -3.63 7.42 8.71
C GLU A 8 -4.97 6.72 8.50
N GLU A 9 -5.27 6.37 7.26
CA GLU A 9 -6.52 5.69 6.93
C GLU A 9 -6.30 4.18 6.78
N PRO A 10 -6.93 3.37 7.65
CA PRO A 10 -6.79 1.91 7.60
C PRO A 10 -7.00 1.35 6.19
N LEU A 11 -6.16 0.38 5.82
CA LEU A 11 -6.26 -0.26 4.51
C LEU A 11 -7.50 -1.13 4.42
N PRO A 12 -8.18 -1.14 3.26
CA PRO A 12 -9.40 -1.93 3.05
C PRO A 12 -9.24 -3.39 3.50
N PRO A 13 -10.29 -4.21 3.29
CA PRO A 13 -10.30 -5.63 3.70
C PRO A 13 -9.00 -6.36 3.46
N ARG A 14 -8.57 -6.36 2.22
CA ARG A 14 -7.35 -7.07 1.84
C ARG A 14 -6.34 -6.11 1.23
N TRP A 15 -5.76 -5.26 2.06
CA TRP A 15 -4.79 -4.30 1.60
C TRP A 15 -3.81 -3.89 2.69
N SER A 16 -2.62 -3.50 2.28
CA SER A 16 -1.58 -3.07 3.20
C SER A 16 -0.68 -2.03 2.55
N MET A 17 0.39 -1.64 3.23
CA MET A 17 1.31 -0.65 2.71
C MET A 17 2.75 -0.96 3.12
N GLN A 18 3.67 -0.77 2.19
CA GLN A 18 5.08 -1.03 2.45
C GLN A 18 5.97 -0.10 1.64
N VAL A 19 7.18 0.16 2.12
CA VAL A 19 8.11 1.03 1.44
C VAL A 19 9.10 0.24 0.60
N ALA A 20 9.30 0.66 -0.64
CA ALA A 20 10.22 0.00 -1.55
C ALA A 20 11.49 0.84 -1.77
N PRO A 21 12.47 0.30 -2.50
CA PRO A 21 13.72 1.01 -2.77
C PRO A 21 13.55 2.09 -3.84
N ASN A 22 12.50 1.96 -4.64
CA ASN A 22 12.21 2.92 -5.70
C ASN A 22 12.23 4.33 -5.15
N GLY A 23 11.75 4.50 -3.93
CA GLY A 23 11.72 5.81 -3.31
C GLY A 23 10.35 6.17 -2.74
N ARG A 24 9.34 5.38 -3.09
CA ARG A 24 7.99 5.65 -2.60
C ARG A 24 7.33 4.37 -2.07
N THR A 25 6.36 4.56 -1.19
CA THR A 25 5.65 3.43 -0.59
C THR A 25 4.53 2.96 -1.51
N PHE A 26 4.27 1.66 -1.48
CA PHE A 26 3.25 1.07 -2.32
C PHE A 26 2.20 0.37 -1.47
N PHE A 27 1.25 -0.30 -2.13
CA PHE A 27 0.19 -1.01 -1.43
C PHE A 27 0.32 -2.51 -1.69
N ILE A 28 -0.37 -3.30 -0.87
CA ILE A 28 -0.32 -4.75 -1.01
C ILE A 28 -1.71 -5.36 -0.98
N ASP A 29 -2.18 -5.81 -2.13
CA ASP A 29 -3.50 -6.43 -2.23
C ASP A 29 -3.45 -7.88 -1.74
N HIS A 30 -4.05 -8.13 -0.59
CA HIS A 30 -4.06 -9.47 -0.01
C HIS A 30 -5.09 -10.36 -0.71
N ALA A 31 -6.05 -9.75 -1.39
CA ALA A 31 -7.07 -10.51 -2.11
C ALA A 31 -6.46 -11.26 -3.28
N SER A 32 -5.71 -10.55 -4.10
CA SER A 32 -5.06 -11.14 -5.27
C SER A 32 -3.60 -11.49 -4.99
N ARG A 33 -3.05 -10.92 -3.90
CA ARG A 33 -1.66 -11.16 -3.54
C ARG A 33 -0.71 -10.41 -4.45
N ARG A 34 -0.92 -9.11 -4.58
CA ARG A 34 -0.09 -8.26 -5.43
C ARG A 34 0.11 -6.89 -4.79
N THR A 35 0.82 -6.02 -5.50
CA THR A 35 1.08 -4.67 -4.99
C THR A 35 0.81 -3.62 -6.07
N THR A 36 0.60 -2.38 -5.63
CA THR A 36 0.33 -1.28 -6.54
C THR A 36 0.79 0.05 -5.94
N TRP A 37 0.89 1.05 -6.80
CA TRP A 37 1.32 2.39 -6.37
C TRP A 37 0.14 3.22 -5.90
N ILE A 38 -1.06 2.82 -6.28
CA ILE A 38 -2.27 3.55 -5.91
C ILE A 38 -2.97 2.89 -4.73
N ASP A 39 -3.62 3.70 -3.90
CA ASP A 39 -4.34 3.19 -2.73
C ASP A 39 -5.82 3.00 -3.04
N PRO A 40 -6.45 1.97 -2.46
CA PRO A 40 -7.87 1.70 -2.66
C PRO A 40 -8.75 2.54 -1.75
N ARG A 41 -8.24 2.82 -0.55
CA ARG A 41 -8.97 3.62 0.42
C ARG A 41 -9.37 4.96 -0.17
N ASN A 42 -8.64 5.41 -1.19
CA ASN A 42 -8.92 6.68 -1.84
C ASN A 42 -8.83 6.53 -3.35
N GLY A 43 -7.61 6.29 -3.85
CA GLY A 43 -7.41 6.14 -5.28
C GLY A 43 -6.36 7.09 -5.81
N ARG A 44 -5.32 7.33 -5.02
CA ARG A 44 -4.24 8.23 -5.42
C ARG A 44 -2.87 7.57 -5.25
N ALA A 45 -1.92 7.99 -6.06
CA ALA A 45 -0.57 7.43 -5.99
C ALA A 45 0.04 7.61 -4.60
N SER A 46 -0.17 6.62 -3.74
CA SER A 46 0.35 6.68 -2.38
C SER A 46 -0.07 7.97 -1.69
N THR B 1 10.22 0.41 -13.64
CA THR B 1 9.28 0.07 -12.55
C THR B 1 10.03 -0.20 -11.24
N GLY B 2 9.42 0.17 -10.13
CA GLY B 2 10.04 -0.05 -8.83
C GLY B 2 9.06 -0.53 -7.78
N LEU B 3 8.05 -1.28 -8.23
CA LEU B 3 7.03 -1.81 -7.33
C LEU B 3 7.22 -3.32 -7.13
N PRO B 4 7.87 -3.74 -6.03
CA PRO B 4 8.10 -5.15 -5.74
C PRO B 4 6.82 -5.97 -5.81
N SER B 5 6.91 -7.24 -5.40
CA SER B 5 5.75 -8.12 -5.42
C SER B 5 5.23 -8.38 -4.01
N TYR B 6 4.13 -9.13 -3.91
CA TYR B 6 3.53 -9.44 -2.63
C TYR B 6 4.40 -10.42 -1.84
N ASP B 7 5.04 -11.35 -2.55
CA ASP B 7 5.89 -12.34 -1.92
C ASP B 7 7.27 -11.76 -1.62
N GLU B 8 7.70 -10.83 -2.45
CA GLU B 8 9.00 -10.19 -2.27
C GLU B 8 8.87 -8.87 -1.51
N ALA B 9 7.86 -8.80 -0.65
CA ALA B 9 7.62 -7.59 0.13
C ALA B 9 6.84 -7.92 1.41
N LEU B 10 7.42 -8.77 2.25
CA LEU B 10 6.77 -9.16 3.50
C LEU B 10 7.81 -9.43 4.58
N HIS B 11 8.68 -8.47 4.81
CA HIS B 11 9.73 -8.60 5.82
C HIS B 11 9.47 -7.66 6.99
N GLY A 1 1.28 21.44 16.92
CA GLY A 1 0.46 21.15 15.77
C GLY A 1 1.04 19.97 15.00
N PRO A 2 2.35 20.02 14.69
CA PRO A 2 3.03 18.95 13.94
C PRO A 2 2.89 17.59 14.64
N LEU A 3 3.02 17.60 15.95
CA LEU A 3 2.91 16.37 16.73
C LEU A 3 1.56 16.29 17.45
N GLY A 4 0.51 16.73 16.77
CA GLY A 4 -0.82 16.70 17.36
C GLY A 4 -1.88 16.26 16.37
N SER A 5 -1.52 15.36 15.48
CA SER A 5 -2.45 14.85 14.47
C SER A 5 -2.01 13.48 13.96
N GLY A 6 -2.64 12.43 14.49
CA GLY A 6 -2.30 11.09 14.07
C GLY A 6 -3.49 10.32 13.53
N GLU A 7 -3.88 10.64 12.30
CA GLU A 7 -5.01 9.98 11.65
C GLU A 7 -4.57 9.30 10.36
N GLU A 8 -4.85 8.00 10.26
CA GLU A 8 -4.48 7.24 9.08
C GLU A 8 -5.56 6.22 8.72
N GLU A 9 -6.24 6.46 7.60
CA GLU A 9 -7.30 5.56 7.14
C GLU A 9 -6.76 4.15 6.94
N PRO A 10 -7.27 3.17 7.70
CA PRO A 10 -6.82 1.77 7.58
C PRO A 10 -6.98 1.22 6.16
N LEU A 11 -6.16 0.24 5.82
CA LEU A 11 -6.22 -0.39 4.50
C LEU A 11 -7.48 -1.23 4.37
N PRO A 12 -8.06 -1.30 3.16
CA PRO A 12 -9.28 -2.07 2.92
C PRO A 12 -9.20 -3.49 3.47
N PRO A 13 -10.27 -4.28 3.30
CA PRO A 13 -10.35 -5.66 3.80
C PRO A 13 -9.14 -6.52 3.53
N ARG A 14 -8.60 -6.39 2.34
CA ARG A 14 -7.45 -7.21 1.95
C ARG A 14 -6.33 -6.36 1.37
N TRP A 15 -5.80 -5.46 2.18
CA TRP A 15 -4.71 -4.60 1.72
C TRP A 15 -3.72 -4.26 2.83
N SER A 16 -2.56 -3.75 2.42
CA SER A 16 -1.51 -3.36 3.34
C SER A 16 -0.65 -2.27 2.71
N MET A 17 0.43 -1.90 3.40
CA MET A 17 1.33 -0.86 2.90
C MET A 17 2.79 -1.21 3.21
N GLN A 18 3.67 -0.85 2.29
CA GLN A 18 5.10 -1.13 2.46
C GLN A 18 5.93 -0.21 1.58
N VAL A 19 7.05 0.27 2.11
CA VAL A 19 7.94 1.16 1.37
C VAL A 19 8.95 0.36 0.56
N ALA A 20 9.02 0.66 -0.74
CA ALA A 20 9.95 -0.03 -1.62
C ALA A 20 11.25 0.76 -1.80
N PRO A 21 12.27 0.14 -2.40
CA PRO A 21 13.57 0.79 -2.63
C PRO A 21 13.48 1.84 -3.74
N ASN A 22 12.50 1.68 -4.61
CA ASN A 22 12.30 2.61 -5.72
C ASN A 22 12.29 4.06 -5.23
N GLY A 23 11.64 4.28 -4.08
CA GLY A 23 11.58 5.61 -3.51
C GLY A 23 10.18 5.98 -3.04
N ARG A 24 9.19 5.17 -3.38
CA ARG A 24 7.82 5.43 -2.97
C ARG A 24 7.19 4.20 -2.33
N THR A 25 6.15 4.43 -1.53
CA THR A 25 5.45 3.35 -0.85
C THR A 25 4.33 2.81 -1.72
N PHE A 26 4.07 1.51 -1.60
CA PHE A 26 3.02 0.89 -2.39
C PHE A 26 1.95 0.27 -1.50
N PHE A 27 0.92 -0.29 -2.13
CA PHE A 27 -0.17 -0.91 -1.42
C PHE A 27 -0.29 -2.38 -1.80
N ILE A 28 -0.12 -3.25 -0.82
CA ILE A 28 -0.19 -4.68 -1.04
C ILE A 28 -1.64 -5.14 -1.05
N ASP A 29 -1.98 -5.99 -2.01
CA ASP A 29 -3.33 -6.51 -2.13
C ASP A 29 -3.38 -7.99 -1.76
N HIS A 30 -4.02 -8.30 -0.64
CA HIS A 30 -4.12 -9.69 -0.18
C HIS A 30 -5.18 -10.45 -0.98
N ALA A 31 -6.18 -9.73 -1.46
CA ALA A 31 -7.25 -10.35 -2.25
C ALA A 31 -6.69 -11.17 -3.40
N SER A 32 -5.87 -10.53 -4.22
CA SER A 32 -5.26 -11.21 -5.37
C SER A 32 -3.78 -11.49 -5.14
N ARG A 33 -3.21 -10.85 -4.11
CA ARG A 33 -1.79 -11.03 -3.79
C ARG A 33 -0.91 -10.28 -4.77
N ARG A 34 -1.04 -8.95 -4.77
CA ARG A 34 -0.26 -8.11 -5.66
C ARG A 34 0.11 -6.79 -4.98
N THR A 35 0.74 -5.89 -5.74
CA THR A 35 1.14 -4.60 -5.20
C THR A 35 0.79 -3.48 -6.17
N THR A 36 0.77 -2.25 -5.66
CA THR A 36 0.45 -1.09 -6.49
C THR A 36 0.94 0.20 -5.84
N TRP A 37 1.10 1.24 -6.66
CA TRP A 37 1.58 2.53 -6.17
C TRP A 37 0.42 3.43 -5.71
N ILE A 38 -0.81 3.02 -6.02
CA ILE A 38 -1.98 3.80 -5.65
C ILE A 38 -2.79 3.10 -4.57
N ASP A 39 -3.10 3.84 -3.51
CA ASP A 39 -3.88 3.29 -2.39
C ASP A 39 -5.33 3.06 -2.79
N PRO A 40 -5.96 1.98 -2.30
CA PRO A 40 -7.34 1.68 -2.61
C PRO A 40 -8.31 2.46 -1.72
N ARG A 41 -7.88 2.71 -0.48
CA ARG A 41 -8.69 3.46 0.47
C ARG A 41 -9.04 4.84 -0.08
N ASN A 42 -8.24 5.32 -1.02
CA ASN A 42 -8.46 6.64 -1.61
C ASN A 42 -8.52 6.53 -3.14
N GLY A 43 -7.40 6.16 -3.74
CA GLY A 43 -7.35 6.02 -5.19
C GLY A 43 -6.36 6.98 -5.81
N ARG A 44 -5.24 7.22 -5.13
CA ARG A 44 -4.21 8.12 -5.62
C ARG A 44 -2.82 7.58 -5.31
N ALA A 45 -1.84 8.01 -6.10
CA ALA A 45 -0.47 7.56 -5.90
C ALA A 45 0.00 7.81 -4.46
N SER A 46 0.61 6.78 -3.87
CA SER A 46 1.09 6.88 -2.49
C SER A 46 1.90 8.16 -2.28
N THR B 1 10.07 -0.65 -13.59
CA THR B 1 9.35 0.39 -12.80
C THR B 1 9.88 0.48 -11.38
N GLY B 2 9.74 -0.59 -10.62
CA GLY B 2 10.23 -0.62 -9.25
C GLY B 2 9.22 -1.24 -8.29
N LEU B 3 7.95 -1.22 -8.68
CA LEU B 3 6.89 -1.78 -7.86
C LEU B 3 7.14 -3.27 -7.59
N PRO B 4 7.53 -3.63 -6.36
CA PRO B 4 7.79 -5.03 -5.99
C PRO B 4 6.56 -5.91 -6.19
N SER B 5 6.50 -7.01 -5.44
CA SER B 5 5.37 -7.94 -5.55
C SER B 5 5.03 -8.54 -4.19
N TYR B 6 3.83 -9.09 -4.08
CA TYR B 6 3.38 -9.70 -2.84
C TYR B 6 4.24 -10.91 -2.49
N ASP B 7 5.45 -10.65 -2.00
CA ASP B 7 6.37 -11.71 -1.62
C ASP B 7 7.71 -11.13 -1.17
N GLU B 8 8.16 -10.09 -1.86
CA GLU B 8 9.42 -9.44 -1.52
C GLU B 8 9.16 -8.17 -0.72
N ALA B 9 8.23 -8.25 0.23
CA ALA B 9 7.89 -7.12 1.07
C ALA B 9 6.91 -7.52 2.18
N LEU B 10 7.09 -8.73 2.70
CA LEU B 10 6.22 -9.24 3.75
C LEU B 10 7.04 -9.95 4.83
N HIS B 11 7.54 -9.19 5.80
CA HIS B 11 8.34 -9.74 6.88
C HIS B 11 7.67 -9.50 8.23
N GLY A 1 -12.44 13.03 22.65
CA GLY A 1 -13.82 12.66 22.39
C GLY A 1 -13.90 11.75 21.18
N PRO A 2 -13.28 12.15 20.05
CA PRO A 2 -13.29 11.36 18.82
C PRO A 2 -12.38 10.14 18.90
N LEU A 3 -12.40 9.33 17.85
CA LEU A 3 -11.57 8.13 17.80
C LEU A 3 -10.10 8.50 17.61
N GLY A 4 -9.50 9.07 18.66
CA GLY A 4 -8.10 9.45 18.60
C GLY A 4 -7.80 10.33 17.39
N SER A 5 -6.55 10.77 17.29
CA SER A 5 -6.13 11.62 16.18
C SER A 5 -5.81 10.79 14.95
N GLY A 6 -5.47 9.52 15.16
CA GLY A 6 -5.14 8.64 14.04
C GLY A 6 -3.98 9.16 13.23
N GLU A 7 -3.56 8.37 12.23
CA GLU A 7 -2.46 8.76 11.37
C GLU A 7 -2.84 8.62 9.90
N GLU A 8 -2.77 7.40 9.38
CA GLU A 8 -3.12 7.14 7.99
C GLU A 8 -4.40 6.32 7.89
N GLU A 9 -5.23 6.64 6.89
CA GLU A 9 -6.49 5.95 6.68
C GLU A 9 -6.27 4.44 6.61
N PRO A 10 -7.08 3.65 7.34
CA PRO A 10 -6.96 2.18 7.34
C PRO A 10 -7.13 1.58 5.95
N LEU A 11 -6.33 0.57 5.65
CA LEU A 11 -6.40 -0.11 4.36
C LEU A 11 -7.66 -0.96 4.27
N PRO A 12 -8.24 -1.09 3.06
CA PRO A 12 -9.45 -1.89 2.87
C PRO A 12 -9.36 -3.28 3.49
N PRO A 13 -10.41 -4.11 3.33
CA PRO A 13 -10.47 -5.46 3.88
C PRO A 13 -9.18 -6.26 3.78
N ARG A 14 -8.60 -6.27 2.60
CA ARG A 14 -7.39 -7.02 2.36
C ARG A 14 -6.33 -6.16 1.70
N TRP A 15 -5.82 -5.20 2.45
CA TRP A 15 -4.80 -4.31 1.90
C TRP A 15 -3.80 -3.84 2.95
N SER A 16 -2.62 -3.47 2.47
CA SER A 16 -1.54 -2.98 3.31
C SER A 16 -0.65 -2.04 2.50
N MET A 17 0.46 -1.61 3.08
CA MET A 17 1.38 -0.72 2.38
C MET A 17 2.77 -0.76 2.99
N GLN A 18 3.77 -0.94 2.15
CA GLN A 18 5.16 -0.99 2.59
C GLN A 18 6.03 -0.13 1.68
N VAL A 19 7.04 0.50 2.25
CA VAL A 19 7.95 1.35 1.49
C VAL A 19 8.92 0.51 0.65
N ALA A 20 9.00 0.82 -0.63
CA ALA A 20 9.90 0.09 -1.53
C ALA A 20 11.22 0.82 -1.72
N PRO A 21 12.19 0.17 -2.36
CA PRO A 21 13.51 0.76 -2.62
C PRO A 21 13.46 1.76 -3.76
N ASN A 22 12.45 1.62 -4.62
CA ASN A 22 12.29 2.50 -5.76
C ASN A 22 12.30 3.97 -5.32
N GLY A 23 11.51 4.29 -4.30
CA GLY A 23 11.46 5.65 -3.81
C GLY A 23 10.11 6.03 -3.24
N ARG A 24 9.08 5.22 -3.55
CA ARG A 24 7.74 5.51 -3.05
C ARG A 24 7.10 4.27 -2.44
N THR A 25 6.19 4.49 -1.49
CA THR A 25 5.48 3.40 -0.83
C THR A 25 4.39 2.83 -1.72
N PHE A 26 4.17 1.53 -1.59
CA PHE A 26 3.15 0.87 -2.38
C PHE A 26 2.10 0.20 -1.50
N PHE A 27 0.99 -0.22 -2.10
CA PHE A 27 -0.09 -0.87 -1.37
C PHE A 27 -0.15 -2.35 -1.69
N ILE A 28 -0.13 -3.16 -0.64
CA ILE A 28 -0.18 -4.62 -0.80
C ILE A 28 -1.63 -5.10 -0.87
N ASP A 29 -1.89 -5.99 -1.81
CA ASP A 29 -3.23 -6.55 -1.99
C ASP A 29 -3.23 -8.05 -1.69
N HIS A 30 -3.80 -8.42 -0.55
CA HIS A 30 -3.86 -9.83 -0.15
C HIS A 30 -4.94 -10.58 -0.93
N ALA A 31 -6.07 -9.91 -1.14
CA ALA A 31 -7.18 -10.52 -1.87
C ALA A 31 -6.74 -11.00 -3.25
N SER A 32 -5.72 -10.35 -3.80
CA SER A 32 -5.20 -10.71 -5.11
C SER A 32 -3.74 -11.14 -5.04
N ARG A 33 -3.09 -10.90 -3.90
CA ARG A 33 -1.69 -11.26 -3.72
C ARG A 33 -0.81 -10.45 -4.66
N ARG A 34 -1.15 -9.18 -4.85
CA ARG A 34 -0.38 -8.30 -5.73
C ARG A 34 -0.26 -6.92 -5.12
N THR A 35 0.82 -6.21 -5.48
CA THR A 35 1.05 -4.87 -4.97
C THR A 35 0.73 -3.81 -6.04
N THR A 36 0.68 -2.55 -5.61
CA THR A 36 0.38 -1.46 -6.53
C THR A 36 0.88 -0.13 -5.99
N TRP A 37 1.09 0.82 -6.89
CA TRP A 37 1.57 2.15 -6.52
C TRP A 37 0.44 3.03 -6.00
N ILE A 38 -0.79 2.67 -6.36
CA ILE A 38 -1.95 3.46 -5.94
C ILE A 38 -2.70 2.78 -4.80
N ASP A 39 -3.22 3.58 -3.88
CA ASP A 39 -3.97 3.07 -2.74
C ASP A 39 -5.44 2.90 -3.08
N PRO A 40 -6.10 1.88 -2.52
CA PRO A 40 -7.51 1.62 -2.76
C PRO A 40 -8.42 2.43 -1.84
N ARG A 41 -7.93 2.70 -0.64
CA ARG A 41 -8.68 3.47 0.34
C ARG A 41 -9.15 4.80 -0.25
N ASN A 42 -8.46 5.26 -1.28
CA ASN A 42 -8.81 6.52 -1.95
C ASN A 42 -8.72 6.38 -3.46
N GLY A 43 -7.62 5.78 -3.93
CA GLY A 43 -7.42 5.60 -5.35
C GLY A 43 -6.42 6.58 -5.92
N ARG A 44 -5.38 6.87 -5.15
CA ARG A 44 -4.33 7.80 -5.58
C ARG A 44 -2.95 7.24 -5.29
N ALA A 45 -1.96 7.64 -6.10
CA ALA A 45 -0.59 7.18 -5.93
C ALA A 45 -0.05 7.56 -4.55
N SER A 46 0.74 6.69 -3.97
CA SER A 46 1.33 6.94 -2.66
C SER A 46 2.00 8.30 -2.61
N THR B 1 11.24 2.72 -11.15
CA THR B 1 10.23 1.64 -11.18
C THR B 1 10.56 0.55 -10.17
N GLY B 2 9.56 -0.25 -9.81
CA GLY B 2 9.77 -1.32 -8.86
C GLY B 2 8.48 -2.01 -8.47
N LEU B 3 7.90 -1.61 -7.34
CA LEU B 3 6.65 -2.19 -6.87
C LEU B 3 6.84 -3.66 -6.47
N PRO B 4 7.50 -3.91 -5.32
CA PRO B 4 7.73 -5.27 -4.83
C PRO B 4 6.45 -6.08 -4.71
N SER B 5 6.14 -6.84 -5.75
CA SER B 5 4.92 -7.65 -5.77
C SER B 5 4.79 -8.47 -4.48
N TYR B 6 3.62 -9.09 -4.31
CA TYR B 6 3.35 -9.88 -3.12
C TYR B 6 4.25 -11.13 -3.08
N ASP B 7 5.53 -10.92 -2.79
CA ASP B 7 6.49 -12.02 -2.72
C ASP B 7 7.85 -11.53 -2.24
N GLU B 8 8.24 -10.34 -2.71
CA GLU B 8 9.53 -9.76 -2.33
C GLU B 8 9.32 -8.49 -1.50
N ALA B 9 8.15 -8.37 -0.88
CA ALA B 9 7.84 -7.21 -0.06
C ALA B 9 7.84 -7.57 1.42
N LEU B 10 6.88 -8.38 1.83
CA LEU B 10 6.77 -8.81 3.22
C LEU B 10 7.93 -9.71 3.61
N HIS B 11 8.40 -9.56 4.84
CA HIS B 11 9.52 -10.36 5.34
C HIS B 11 9.28 -10.79 6.78
N GLY A 1 -14.16 16.87 -1.21
CA GLY A 1 -14.50 15.89 -2.23
C GLY A 1 -14.70 14.53 -1.60
N PRO A 2 -13.76 14.08 -0.75
CA PRO A 2 -13.85 12.78 -0.08
C PRO A 2 -15.02 12.72 0.90
N LEU A 3 -15.15 11.60 1.58
CA LEU A 3 -16.22 11.40 2.55
C LEU A 3 -16.19 12.50 3.62
N GLY A 4 -14.99 12.83 4.08
CA GLY A 4 -14.84 13.86 5.09
C GLY A 4 -13.91 13.44 6.21
N SER A 5 -14.20 12.29 6.81
CA SER A 5 -13.38 11.78 7.90
C SER A 5 -12.04 11.29 7.38
N GLY A 6 -11.04 12.17 7.40
CA GLY A 6 -9.71 11.80 6.93
C GLY A 6 -8.67 11.87 8.03
N GLU A 7 -8.74 10.92 8.96
CA GLU A 7 -7.79 10.87 10.06
C GLU A 7 -6.53 10.10 9.67
N GLU A 8 -6.69 9.16 8.74
CA GLU A 8 -5.57 8.34 8.28
C GLU A 8 -6.02 7.36 7.21
N GLU A 9 -7.22 6.82 7.39
CA GLU A 9 -7.78 5.86 6.44
C GLU A 9 -7.01 4.55 6.50
N PRO A 10 -7.45 3.60 7.36
CA PRO A 10 -6.80 2.30 7.50
C PRO A 10 -6.96 1.42 6.27
N LEU A 11 -5.85 0.81 5.85
CA LEU A 11 -5.84 -0.08 4.67
C LEU A 11 -7.12 -0.93 4.61
N PRO A 12 -7.69 -1.10 3.41
CA PRO A 12 -8.91 -1.89 3.23
C PRO A 12 -8.81 -3.29 3.84
N PRO A 13 -9.86 -4.12 3.63
CA PRO A 13 -9.94 -5.47 4.18
C PRO A 13 -9.01 -6.49 3.55
N ARG A 14 -8.27 -6.09 2.53
CA ARG A 14 -7.37 -7.02 1.88
C ARG A 14 -6.14 -6.32 1.33
N TRP A 15 -5.62 -5.39 2.10
CA TRP A 15 -4.43 -4.65 1.66
C TRP A 15 -3.47 -4.40 2.82
N SER A 16 -2.28 -3.91 2.46
CA SER A 16 -1.25 -3.61 3.45
C SER A 16 -0.57 -2.29 3.12
N MET A 17 0.63 -2.09 3.64
CA MET A 17 1.38 -0.86 3.38
C MET A 17 2.87 -1.07 3.63
N GLN A 18 3.69 -0.63 2.69
CA GLN A 18 5.13 -0.78 2.81
C GLN A 18 5.86 0.07 1.77
N VAL A 19 7.03 0.59 2.16
CA VAL A 19 7.83 1.41 1.26
C VAL A 19 8.76 0.54 0.43
N ALA A 20 8.50 0.48 -0.88
CA ALA A 20 9.31 -0.31 -1.78
C ALA A 20 10.69 0.30 -1.99
N PRO A 21 11.62 -0.46 -2.60
CA PRO A 21 12.98 0.03 -2.87
C PRO A 21 12.98 1.14 -3.92
N ASN A 22 11.95 1.15 -4.76
CA ASN A 22 11.83 2.15 -5.80
C ASN A 22 11.93 3.56 -5.21
N GLY A 23 11.50 3.69 -3.96
CA GLY A 23 11.56 4.97 -3.29
C GLY A 23 10.20 5.49 -2.87
N ARG A 24 9.15 4.85 -3.35
CA ARG A 24 7.79 5.27 -3.00
C ARG A 24 7.01 4.14 -2.35
N THR A 25 5.99 4.50 -1.57
CA THR A 25 5.17 3.51 -0.90
C THR A 25 4.14 2.93 -1.84
N PHE A 26 3.83 1.66 -1.68
CA PHE A 26 2.85 1.00 -2.50
C PHE A 26 1.76 0.36 -1.66
N PHE A 27 0.79 -0.26 -2.32
CA PHE A 27 -0.30 -0.92 -1.63
C PHE A 27 -0.40 -2.37 -2.05
N ILE A 28 -0.26 -3.26 -1.08
CA ILE A 28 -0.34 -4.69 -1.34
C ILE A 28 -1.78 -5.14 -1.48
N ASP A 29 -2.04 -5.97 -2.48
CA ASP A 29 -3.39 -6.46 -2.73
C ASP A 29 -3.53 -7.91 -2.30
N HIS A 30 -4.17 -8.14 -1.15
CA HIS A 30 -4.38 -9.48 -0.63
C HIS A 30 -5.42 -10.22 -1.47
N ALA A 31 -6.29 -9.46 -2.13
CA ALA A 31 -7.34 -10.05 -2.96
C ALA A 31 -6.75 -10.98 -4.02
N SER A 32 -5.59 -10.61 -4.55
CA SER A 32 -4.92 -11.42 -5.57
C SER A 32 -3.42 -11.55 -5.28
N ARG A 33 -3.01 -11.22 -4.06
CA ARG A 33 -1.62 -11.32 -3.67
C ARG A 33 -0.73 -10.53 -4.64
N ARG A 34 -0.88 -9.21 -4.64
CA ARG A 34 -0.10 -8.35 -5.52
C ARG A 34 0.19 -7.00 -4.85
N THR A 35 0.55 -6.01 -5.67
CA THR A 35 0.86 -4.68 -5.17
C THR A 35 0.56 -3.62 -6.23
N THR A 36 0.67 -2.36 -5.84
CA THR A 36 0.40 -1.25 -6.76
C THR A 36 0.89 0.09 -6.18
N TRP A 37 1.09 1.05 -7.06
CA TRP A 37 1.56 2.38 -6.66
C TRP A 37 0.39 3.31 -6.31
N ILE A 38 -0.79 2.74 -6.12
CA ILE A 38 -1.96 3.54 -5.81
C ILE A 38 -2.71 2.98 -4.61
N ASP A 39 -3.18 3.89 -3.75
CA ASP A 39 -3.91 3.49 -2.55
C ASP A 39 -5.34 3.11 -2.89
N PRO A 40 -5.84 1.99 -2.31
CA PRO A 40 -7.20 1.51 -2.56
C PRO A 40 -8.23 2.31 -1.78
N ARG A 41 -7.83 2.80 -0.62
CA ARG A 41 -8.73 3.59 0.23
C ARG A 41 -9.33 4.76 -0.54
N ASN A 42 -8.61 5.24 -1.55
CA ASN A 42 -9.08 6.36 -2.37
C ASN A 42 -8.83 6.08 -3.84
N GLY A 43 -7.56 6.10 -4.23
CA GLY A 43 -7.21 5.86 -5.62
C GLY A 43 -6.19 6.86 -6.15
N ARG A 44 -5.21 7.19 -5.33
CA ARG A 44 -4.18 8.15 -5.72
C ARG A 44 -2.78 7.56 -5.51
N ALA A 45 -1.82 8.05 -6.28
CA ALA A 45 -0.44 7.58 -6.17
C ALA A 45 0.11 7.80 -4.76
N SER A 46 -0.10 6.81 -3.89
CA SER A 46 0.38 6.91 -2.51
C SER A 46 -0.27 8.07 -1.79
N THR B 1 11.59 2.65 -11.05
CA THR B 1 10.28 1.98 -10.86
C THR B 1 10.46 0.52 -10.47
N GLY B 2 9.68 0.07 -9.49
CA GLY B 2 9.77 -1.31 -9.06
C GLY B 2 8.41 -1.93 -8.81
N LEU B 3 7.87 -1.71 -7.62
CA LEU B 3 6.57 -2.25 -7.26
C LEU B 3 6.63 -3.77 -7.10
N PRO B 4 6.86 -4.25 -5.86
CA PRO B 4 6.94 -5.70 -5.58
C PRO B 4 5.68 -6.43 -6.01
N SER B 5 5.41 -7.55 -5.36
CA SER B 5 4.22 -8.34 -5.68
C SER B 5 3.82 -9.23 -4.50
N TYR B 6 3.73 -8.62 -3.32
CA TYR B 6 3.35 -9.36 -2.13
C TYR B 6 4.23 -10.61 -1.96
N ASP B 7 5.54 -10.41 -2.00
CA ASP B 7 6.48 -11.51 -1.86
C ASP B 7 7.86 -11.00 -1.44
N GLU B 8 8.41 -10.08 -2.22
CA GLU B 8 9.72 -9.52 -1.94
C GLU B 8 9.58 -8.10 -1.38
N ALA B 9 8.86 -7.96 -0.28
CA ALA B 9 8.66 -6.66 0.34
C ALA B 9 7.87 -6.81 1.64
N LEU B 10 8.30 -7.72 2.50
CA LEU B 10 7.64 -7.95 3.77
C LEU B 10 8.65 -7.92 4.91
N HIS B 11 9.35 -6.80 5.03
CA HIS B 11 10.36 -6.63 6.08
C HIS B 11 9.72 -6.09 7.36
N GLY A 1 -9.85 7.32 17.21
CA GLY A 1 -10.07 6.76 18.52
C GLY A 1 -9.03 5.69 18.81
N PRO A 2 -8.83 4.74 17.89
CA PRO A 2 -7.85 3.66 18.06
C PRO A 2 -6.41 4.17 18.07
N LEU A 3 -5.46 3.26 17.96
CA LEU A 3 -4.04 3.62 17.96
C LEU A 3 -3.61 4.12 16.59
N GLY A 4 -3.71 5.42 16.37
CA GLY A 4 -3.32 6.00 15.10
C GLY A 4 -2.66 7.35 15.26
N SER A 5 -1.72 7.66 14.37
CA SER A 5 -1.00 8.92 14.41
C SER A 5 -1.34 9.78 13.19
N GLY A 6 -2.26 10.72 13.37
CA GLY A 6 -2.65 11.60 12.28
C GLY A 6 -3.87 11.09 11.54
N GLU A 7 -4.48 11.96 10.74
CA GLU A 7 -5.67 11.60 9.99
C GLU A 7 -5.31 10.77 8.77
N GLU A 8 -5.02 9.49 9.00
CA GLU A 8 -4.65 8.59 7.92
C GLU A 8 -5.68 7.48 7.75
N GLU A 9 -6.26 7.38 6.57
CA GLU A 9 -7.27 6.36 6.28
C GLU A 9 -6.61 4.99 6.05
N PRO A 10 -6.91 4.01 6.91
CA PRO A 10 -6.33 2.66 6.78
C PRO A 10 -6.57 2.05 5.41
N LEU A 11 -6.06 0.85 5.20
CA LEU A 11 -6.21 0.15 3.93
C LEU A 11 -7.44 -0.76 3.98
N PRO A 12 -8.10 -0.98 2.83
CA PRO A 12 -9.29 -1.81 2.75
C PRO A 12 -9.14 -3.17 3.46
N PRO A 13 -10.20 -4.00 3.42
CA PRO A 13 -10.21 -5.32 4.08
C PRO A 13 -8.98 -6.16 3.84
N ARG A 14 -8.54 -6.20 2.62
CA ARG A 14 -7.38 -7.02 2.26
C ARG A 14 -6.28 -6.19 1.64
N TRP A 15 -5.71 -5.29 2.42
CA TRP A 15 -4.63 -4.45 1.92
C TRP A 15 -3.64 -4.06 3.01
N SER A 16 -2.47 -3.61 2.58
CA SER A 16 -1.41 -3.19 3.48
C SER A 16 -0.48 -2.20 2.80
N MET A 17 0.59 -1.82 3.49
CA MET A 17 1.54 -0.86 2.92
C MET A 17 2.97 -1.23 3.27
N GLN A 18 3.89 -0.84 2.39
CA GLN A 18 5.31 -1.13 2.59
C GLN A 18 6.16 -0.28 1.65
N VAL A 19 7.26 0.24 2.16
CA VAL A 19 8.15 1.07 1.36
C VAL A 19 9.03 0.22 0.46
N ALA A 20 9.23 0.68 -0.78
CA ALA A 20 10.04 -0.04 -1.74
C ALA A 20 11.34 0.69 -2.02
N PRO A 21 12.27 0.05 -2.75
CA PRO A 21 13.57 0.66 -3.09
C PRO A 21 13.42 1.75 -4.15
N ASN A 22 12.33 1.68 -4.91
CA ASN A 22 12.07 2.66 -5.97
C ASN A 22 12.15 4.08 -5.41
N GLY A 23 11.61 4.27 -4.21
CA GLY A 23 11.65 5.58 -3.59
C GLY A 23 10.32 5.98 -2.96
N ARG A 24 9.26 5.23 -3.27
CA ARG A 24 7.94 5.53 -2.73
C ARG A 24 7.28 4.28 -2.15
N THR A 25 6.33 4.48 -1.26
CA THR A 25 5.60 3.38 -0.63
C THR A 25 4.47 2.91 -1.53
N PHE A 26 4.19 1.62 -1.47
CA PHE A 26 3.13 1.06 -2.29
C PHE A 26 2.04 0.42 -1.43
N PHE A 27 1.05 -0.16 -2.09
CA PHE A 27 -0.06 -0.82 -1.40
C PHE A 27 -0.05 -2.30 -1.70
N ILE A 28 -0.20 -3.11 -0.66
CA ILE A 28 -0.20 -4.55 -0.82
C ILE A 28 -1.63 -5.07 -0.95
N ASP A 29 -1.84 -5.99 -1.87
CA ASP A 29 -3.15 -6.56 -2.12
C ASP A 29 -3.16 -8.05 -1.79
N HIS A 30 -3.90 -8.42 -0.74
CA HIS A 30 -4.00 -9.82 -0.34
C HIS A 30 -5.10 -10.53 -1.10
N ALA A 31 -6.10 -9.78 -1.53
CA ALA A 31 -7.22 -10.33 -2.26
C ALA A 31 -6.75 -11.07 -3.52
N SER A 32 -5.58 -10.69 -4.02
CA SER A 32 -5.01 -11.31 -5.20
C SER A 32 -3.49 -11.43 -5.11
N ARG A 33 -2.96 -11.27 -3.90
CA ARG A 33 -1.52 -11.36 -3.68
C ARG A 33 -0.75 -10.52 -4.69
N ARG A 34 -0.82 -9.20 -4.53
CA ARG A 34 -0.14 -8.28 -5.43
C ARG A 34 0.16 -6.95 -4.73
N THR A 35 0.54 -5.95 -5.52
CA THR A 35 0.84 -4.63 -4.97
C THR A 35 0.55 -3.54 -6.00
N THR A 36 0.59 -2.29 -5.57
CA THR A 36 0.32 -1.17 -6.45
C THR A 36 0.84 0.14 -5.86
N TRP A 37 0.97 1.15 -6.71
CA TRP A 37 1.46 2.45 -6.29
C TRP A 37 0.35 3.35 -5.78
N ILE A 38 -0.89 3.02 -6.15
CA ILE A 38 -2.03 3.81 -5.74
C ILE A 38 -2.89 3.07 -4.72
N ASP A 39 -3.36 3.80 -3.72
CA ASP A 39 -4.19 3.22 -2.67
C ASP A 39 -5.61 2.94 -3.17
N PRO A 40 -6.20 1.81 -2.75
CA PRO A 40 -7.55 1.43 -3.15
C PRO A 40 -8.62 2.05 -2.25
N ARG A 41 -8.20 2.46 -1.06
CA ARG A 41 -9.12 3.08 -0.10
C ARG A 41 -9.94 4.19 -0.76
N ASN A 42 -9.36 4.80 -1.79
CA ASN A 42 -10.02 5.89 -2.51
C ASN A 42 -9.44 6.06 -3.91
N GLY A 43 -8.11 5.99 -4.01
CA GLY A 43 -7.45 6.15 -5.29
C GLY A 43 -6.41 7.24 -5.29
N ARG A 44 -5.49 7.20 -4.32
CA ARG A 44 -4.44 8.19 -4.22
C ARG A 44 -3.08 7.53 -4.05
N ALA A 45 -2.07 8.07 -4.71
CA ALA A 45 -0.72 7.52 -4.62
C ALA A 45 -0.16 7.65 -3.21
N SER A 46 0.37 6.54 -2.69
CA SER A 46 0.93 6.53 -1.35
C SER A 46 2.07 7.55 -1.21
N THR B 1 10.77 1.12 -13.12
CA THR B 1 9.92 1.28 -11.92
C THR B 1 10.16 0.16 -10.92
N GLY B 2 9.47 0.23 -9.78
CA GLY B 2 9.63 -0.80 -8.76
C GLY B 2 8.32 -1.51 -8.46
N LEU B 3 7.82 -1.32 -7.23
CA LEU B 3 6.57 -1.95 -6.81
C LEU B 3 6.74 -3.45 -6.63
N PRO B 4 7.39 -3.87 -5.53
CA PRO B 4 7.62 -5.30 -5.24
C PRO B 4 6.31 -6.05 -5.06
N SER B 5 6.02 -6.97 -5.99
CA SER B 5 4.80 -7.75 -5.92
C SER B 5 4.69 -8.50 -4.59
N TYR B 6 3.48 -8.95 -4.28
CA TYR B 6 3.23 -9.68 -3.04
C TYR B 6 4.15 -10.89 -2.94
N ASP B 7 5.30 -10.71 -2.30
CA ASP B 7 6.27 -11.78 -2.12
C ASP B 7 7.56 -11.25 -1.50
N GLU B 8 8.29 -10.45 -2.26
CA GLU B 8 9.55 -9.88 -1.78
C GLU B 8 9.31 -8.91 -0.63
N ALA B 9 8.17 -8.23 -0.66
CA ALA B 9 7.83 -7.26 0.38
C ALA B 9 6.88 -7.89 1.41
N LEU B 10 7.45 -8.66 2.32
CA LEU B 10 6.66 -9.32 3.36
C LEU B 10 7.47 -9.52 4.63
N HIS B 11 8.49 -8.67 4.82
CA HIS B 11 9.34 -8.75 5.99
C HIS B 11 9.44 -7.41 6.69
N GLY A 1 -20.75 -0.07 11.41
CA GLY A 1 -21.64 0.43 10.36
C GLY A 1 -21.87 1.91 10.54
N PRO A 2 -22.24 2.35 11.76
CA PRO A 2 -22.48 3.77 12.04
C PRO A 2 -21.21 4.59 12.03
N LEU A 3 -20.15 4.03 12.59
CA LEU A 3 -18.86 4.72 12.65
C LEU A 3 -17.71 3.75 12.39
N GLY A 4 -16.62 4.27 11.84
CA GLY A 4 -15.47 3.44 11.55
C GLY A 4 -14.42 4.17 10.74
N SER A 5 -14.80 4.63 9.55
CA SER A 5 -13.89 5.36 8.67
C SER A 5 -13.68 6.78 9.16
N GLY A 6 -12.42 7.24 9.14
CA GLY A 6 -12.11 8.58 9.57
C GLY A 6 -10.66 8.73 9.98
N GLU A 7 -10.00 9.76 9.46
CA GLU A 7 -8.60 10.03 9.78
C GLU A 7 -7.70 8.98 9.12
N GLU A 8 -7.60 9.06 7.80
CA GLU A 8 -6.76 8.12 7.04
C GLU A 8 -7.35 6.72 7.07
N GLU A 9 -7.57 6.16 5.88
CA GLU A 9 -8.14 4.82 5.76
C GLU A 9 -7.13 3.77 6.23
N PRO A 10 -7.54 2.85 7.11
CA PRO A 10 -6.67 1.80 7.64
C PRO A 10 -6.54 0.60 6.70
N LEU A 11 -6.26 0.87 5.43
CA LEU A 11 -6.12 -0.19 4.44
C LEU A 11 -7.41 -1.03 4.35
N PRO A 12 -8.11 -0.96 3.21
CA PRO A 12 -9.36 -1.69 3.01
C PRO A 12 -9.25 -3.17 3.41
N PRO A 13 -10.34 -3.95 3.29
CA PRO A 13 -10.38 -5.36 3.66
C PRO A 13 -9.10 -6.12 3.39
N ARG A 14 -8.72 -6.18 2.13
CA ARG A 14 -7.52 -6.89 1.73
C ARG A 14 -6.50 -5.93 1.14
N TRP A 15 -5.91 -5.11 2.00
CA TRP A 15 -4.93 -4.14 1.55
C TRP A 15 -4.01 -3.72 2.68
N SER A 16 -2.79 -3.33 2.30
CA SER A 16 -1.79 -2.90 3.26
C SER A 16 -0.89 -1.84 2.64
N MET A 17 0.15 -1.45 3.36
CA MET A 17 1.09 -0.44 2.88
C MET A 17 2.51 -0.76 3.30
N GLN A 18 3.42 -0.78 2.34
CA GLN A 18 4.82 -1.08 2.62
C GLN A 18 5.75 -0.19 1.79
N VAL A 19 6.86 0.21 2.39
CA VAL A 19 7.83 1.05 1.69
C VAL A 19 8.83 0.21 0.91
N ALA A 20 9.02 0.54 -0.35
CA ALA A 20 9.95 -0.19 -1.21
C ALA A 20 11.24 0.59 -1.40
N PRO A 21 12.26 -0.03 -2.04
CA PRO A 21 13.55 0.61 -2.29
C PRO A 21 13.48 1.60 -3.45
N ASN A 22 12.48 1.42 -4.31
CA ASN A 22 12.29 2.30 -5.46
C ASN A 22 12.32 3.76 -5.04
N GLY A 23 11.68 4.05 -3.90
CA GLY A 23 11.65 5.41 -3.41
C GLY A 23 10.27 5.83 -2.90
N ARG A 24 9.25 5.04 -3.24
CA ARG A 24 7.90 5.35 -2.81
C ARG A 24 7.21 4.13 -2.18
N THR A 25 6.21 4.38 -1.35
CA THR A 25 5.47 3.31 -0.70
C THR A 25 4.42 2.71 -1.62
N PHE A 26 4.19 1.42 -1.48
CA PHE A 26 3.20 0.73 -2.31
C PHE A 26 2.19 0.00 -1.44
N PHE A 27 1.03 -0.30 -2.04
CA PHE A 27 -0.03 -1.01 -1.33
C PHE A 27 0.08 -2.50 -1.60
N ILE A 28 -0.49 -3.31 -0.71
CA ILE A 28 -0.44 -4.75 -0.86
C ILE A 28 -1.84 -5.36 -0.82
N ASP A 29 -2.32 -5.80 -1.98
CA ASP A 29 -3.64 -6.42 -2.08
C ASP A 29 -3.61 -7.84 -1.54
N HIS A 30 -4.24 -8.05 -0.40
CA HIS A 30 -4.30 -9.36 0.22
C HIS A 30 -5.22 -10.31 -0.54
N ALA A 31 -6.07 -9.74 -1.41
CA ALA A 31 -7.01 -10.54 -2.18
C ALA A 31 -6.26 -11.44 -3.17
N SER A 32 -5.32 -10.86 -3.90
CA SER A 32 -4.53 -11.61 -4.88
C SER A 32 -3.04 -11.49 -4.58
N ARG A 33 -2.70 -11.08 -3.37
CA ARG A 33 -1.30 -10.93 -2.97
C ARG A 33 -0.52 -10.14 -4.02
N ARG A 34 -1.04 -8.98 -4.39
CA ARG A 34 -0.39 -8.12 -5.37
C ARG A 34 -0.09 -6.75 -4.77
N THR A 35 0.64 -5.92 -5.51
CA THR A 35 1.00 -4.61 -5.04
C THR A 35 0.81 -3.54 -6.11
N THR A 36 0.54 -2.32 -5.67
CA THR A 36 0.34 -1.19 -6.58
C THR A 36 0.82 0.11 -5.94
N TRP A 37 1.11 1.09 -6.78
CA TRP A 37 1.61 2.38 -6.32
C TRP A 37 0.47 3.28 -5.82
N ILE A 38 -0.76 2.89 -6.09
CA ILE A 38 -1.92 3.68 -5.67
C ILE A 38 -2.74 2.97 -4.61
N ASP A 39 -3.45 3.77 -3.80
CA ASP A 39 -4.28 3.22 -2.73
C ASP A 39 -5.74 3.07 -3.18
N PRO A 40 -6.41 2.01 -2.71
CA PRO A 40 -7.82 1.77 -3.06
C PRO A 40 -8.77 2.50 -2.14
N ARG A 41 -8.31 2.80 -0.93
CA ARG A 41 -9.12 3.51 0.05
C ARG A 41 -9.68 4.81 -0.53
N ASN A 42 -9.00 5.33 -1.55
CA ASN A 42 -9.42 6.56 -2.20
C ASN A 42 -9.03 6.56 -3.67
N GLY A 43 -7.76 6.26 -3.94
CA GLY A 43 -7.26 6.24 -5.30
C GLY A 43 -6.13 7.21 -5.53
N ARG A 44 -5.26 7.34 -4.53
CA ARG A 44 -4.13 8.25 -4.62
C ARG A 44 -2.82 7.51 -4.35
N ALA A 45 -1.73 8.03 -4.89
CA ALA A 45 -0.41 7.42 -4.72
C ALA A 45 -0.09 7.25 -3.24
N SER A 46 0.44 6.09 -2.89
CA SER A 46 0.81 5.80 -1.51
C SER A 46 1.75 6.86 -0.96
N THR B 1 10.32 1.53 -11.66
CA THR B 1 9.35 0.45 -11.98
C THR B 1 9.56 -0.76 -11.06
N GLY B 2 9.58 -0.50 -9.77
CA GLY B 2 9.77 -1.58 -8.80
C GLY B 2 8.46 -2.17 -8.33
N LEU B 3 7.97 -1.69 -7.20
CA LEU B 3 6.72 -2.17 -6.63
C LEU B 3 6.78 -3.68 -6.37
N PRO B 4 7.43 -4.09 -5.27
CA PRO B 4 7.55 -5.50 -4.91
C PRO B 4 6.21 -6.22 -5.00
N SER B 5 6.13 -7.17 -5.93
CA SER B 5 4.89 -7.93 -6.13
C SER B 5 4.61 -8.86 -4.96
N TYR B 6 4.43 -8.29 -3.78
CA TYR B 6 4.15 -9.07 -2.57
C TYR B 6 5.34 -9.93 -2.19
N ASP B 7 5.66 -10.92 -3.02
CA ASP B 7 6.77 -11.82 -2.75
C ASP B 7 8.03 -11.03 -2.38
N GLU B 8 8.42 -10.10 -3.23
CA GLU B 8 9.61 -9.29 -2.99
C GLU B 8 9.34 -8.27 -1.90
N ALA B 9 8.08 -7.91 -1.72
CA ALA B 9 7.69 -6.93 -0.70
C ALA B 9 8.14 -7.38 0.68
N LEU B 10 7.70 -8.57 1.09
CA LEU B 10 8.04 -9.12 2.39
C LEU B 10 9.54 -9.39 2.48
N HIS B 11 10.05 -10.22 1.56
CA HIS B 11 11.45 -10.57 1.54
C HIS B 11 12.06 -10.34 0.16
N GLY A 1 -15.32 9.05 13.17
CA GLY A 1 -16.36 10.00 12.86
C GLY A 1 -17.09 10.42 14.12
N PRO A 2 -17.52 9.45 14.94
CA PRO A 2 -18.23 9.73 16.20
C PRO A 2 -17.35 10.43 17.22
N LEU A 3 -16.16 9.88 17.45
CA LEU A 3 -15.22 10.46 18.40
C LEU A 3 -13.91 9.67 18.42
N GLY A 4 -12.80 10.37 18.22
CA GLY A 4 -11.50 9.71 18.22
C GLY A 4 -10.53 10.35 17.24
N SER A 5 -9.24 10.29 17.56
CA SER A 5 -8.22 10.87 16.69
C SER A 5 -8.09 10.07 15.40
N GLY A 6 -8.83 10.49 14.39
CA GLY A 6 -8.78 9.81 13.10
C GLY A 6 -8.95 10.77 11.93
N GLU A 7 -8.28 10.45 10.82
CA GLU A 7 -8.36 11.29 9.63
C GLU A 7 -7.78 10.56 8.43
N GLU A 8 -6.65 9.90 8.62
CA GLU A 8 -6.00 9.16 7.54
C GLU A 8 -6.77 7.89 7.21
N GLU A 9 -7.20 7.77 5.94
CA GLU A 9 -7.95 6.61 5.49
C GLU A 9 -7.14 5.32 5.71
N PRO A 10 -7.76 4.29 6.29
CA PRO A 10 -7.10 3.01 6.56
C PRO A 10 -7.26 2.02 5.41
N LEU A 11 -6.16 1.32 5.10
CA LEU A 11 -6.15 0.31 4.03
C LEU A 11 -7.45 -0.50 3.99
N PRO A 12 -7.96 -0.79 2.78
CA PRO A 12 -9.20 -1.56 2.60
C PRO A 12 -9.21 -2.86 3.40
N PRO A 13 -10.26 -3.69 3.20
CA PRO A 13 -10.44 -4.95 3.92
C PRO A 13 -9.43 -6.04 3.57
N ARG A 14 -8.67 -5.84 2.51
CA ARG A 14 -7.70 -6.85 2.11
C ARG A 14 -6.42 -6.22 1.59
N TRP A 15 -5.92 -5.21 2.29
CA TRP A 15 -4.70 -4.54 1.88
C TRP A 15 -3.81 -4.18 3.06
N SER A 16 -2.59 -3.77 2.76
CA SER A 16 -1.62 -3.37 3.78
C SER A 16 -0.87 -2.12 3.36
N MET A 17 0.29 -1.89 3.97
CA MET A 17 1.11 -0.73 3.65
C MET A 17 2.58 -1.04 3.86
N GLN A 18 3.36 -0.92 2.80
CA GLN A 18 4.79 -1.20 2.86
C GLN A 18 5.57 -0.33 1.89
N VAL A 19 6.72 0.18 2.34
CA VAL A 19 7.57 1.03 1.52
C VAL A 19 8.46 0.18 0.61
N ALA A 20 8.47 0.51 -0.67
CA ALA A 20 9.27 -0.24 -1.64
C ALA A 20 10.63 0.42 -1.87
N PRO A 21 11.64 -0.36 -2.29
CA PRO A 21 12.98 0.15 -2.56
C PRO A 21 12.99 1.17 -3.69
N ASN A 22 11.96 1.12 -4.54
CA ASN A 22 11.84 2.03 -5.66
C ASN A 22 11.96 3.48 -5.20
N GLY A 23 11.28 3.78 -4.09
CA GLY A 23 11.30 5.14 -3.56
C GLY A 23 9.94 5.62 -3.10
N ARG A 24 8.89 4.89 -3.45
CA ARG A 24 7.53 5.27 -3.07
C ARG A 24 6.80 4.11 -2.41
N THR A 25 5.96 4.44 -1.43
CA THR A 25 5.19 3.43 -0.72
C THR A 25 4.13 2.84 -1.63
N PHE A 26 3.85 1.56 -1.44
CA PHE A 26 2.85 0.89 -2.26
C PHE A 26 1.78 0.25 -1.39
N PHE A 27 0.74 -0.28 -2.04
CA PHE A 27 -0.36 -0.92 -1.34
C PHE A 27 -0.45 -2.38 -1.70
N ILE A 28 -0.37 -3.23 -0.68
CA ILE A 28 -0.46 -4.66 -0.89
C ILE A 28 -1.91 -5.12 -0.97
N ASP A 29 -2.16 -6.08 -1.84
CA ASP A 29 -3.51 -6.62 -2.03
C ASP A 29 -3.56 -8.09 -1.63
N HIS A 30 -4.37 -8.40 -0.62
CA HIS A 30 -4.51 -9.77 -0.14
C HIS A 30 -5.49 -10.55 -1.02
N ALA A 31 -6.47 -9.85 -1.59
CA ALA A 31 -7.46 -10.48 -2.45
C ALA A 31 -6.80 -11.38 -3.50
N SER A 32 -5.69 -10.90 -4.05
CA SER A 32 -4.96 -11.66 -5.07
C SER A 32 -3.47 -11.76 -4.75
N ARG A 33 -3.06 -11.20 -3.60
CA ARG A 33 -1.66 -11.25 -3.20
C ARG A 33 -0.79 -10.46 -4.18
N ARG A 34 -1.12 -9.19 -4.37
CA ARG A 34 -0.38 -8.33 -5.28
C ARG A 34 -0.10 -6.98 -4.63
N THR A 35 0.26 -5.98 -5.45
CA THR A 35 0.54 -4.65 -4.94
C THR A 35 0.36 -3.60 -6.02
N THR A 36 0.55 -2.33 -5.64
CA THR A 36 0.41 -1.22 -6.56
C THR A 36 0.97 0.06 -5.96
N TRP A 37 1.27 1.02 -6.82
CA TRP A 37 1.82 2.31 -6.37
C TRP A 37 0.71 3.27 -5.94
N ILE A 38 -0.52 2.77 -5.83
CA ILE A 38 -1.64 3.61 -5.43
C ILE A 38 -2.47 2.94 -4.33
N ASP A 39 -3.05 3.77 -3.46
CA ASP A 39 -3.85 3.26 -2.36
C ASP A 39 -5.32 3.12 -2.75
N PRO A 40 -5.84 1.87 -2.83
CA PRO A 40 -7.24 1.62 -3.20
C PRO A 40 -8.19 2.40 -2.31
N ARG A 41 -7.78 2.62 -1.06
CA ARG A 41 -8.60 3.35 -0.11
C ARG A 41 -8.78 4.80 -0.54
N ASN A 42 -7.90 5.28 -1.41
CA ASN A 42 -7.98 6.65 -1.90
C ASN A 42 -7.81 6.70 -3.41
N GLY A 43 -6.59 6.42 -3.88
CA GLY A 43 -6.31 6.43 -5.31
C GLY A 43 -5.28 7.47 -5.69
N ARG A 44 -4.22 7.55 -4.88
CA ARG A 44 -3.14 8.50 -5.14
C ARG A 44 -1.78 7.84 -5.01
N ALA A 45 -0.86 8.22 -5.89
CA ALA A 45 0.49 7.66 -5.87
C ALA A 45 1.11 7.76 -4.48
N SER A 46 1.06 6.67 -3.74
CA SER A 46 1.62 6.63 -2.39
C SER A 46 3.11 6.93 -2.41
N THR B 1 10.86 2.07 -12.27
CA THR B 1 9.77 1.43 -11.47
C THR B 1 10.21 0.06 -10.97
N GLY B 2 9.87 -0.23 -9.72
CA GLY B 2 10.23 -1.52 -9.14
C GLY B 2 9.34 -1.90 -7.97
N LEU B 3 8.14 -2.38 -8.28
CA LEU B 3 7.19 -2.78 -7.26
C LEU B 3 7.35 -4.27 -6.92
N PRO B 4 7.86 -4.59 -5.71
CA PRO B 4 8.04 -5.97 -5.28
C PRO B 4 6.91 -6.89 -5.71
N SER B 5 5.69 -6.34 -5.73
CA SER B 5 4.52 -7.10 -6.13
C SER B 5 4.18 -8.17 -5.10
N TYR B 6 4.25 -7.80 -3.82
CA TYR B 6 3.96 -8.74 -2.75
C TYR B 6 4.74 -10.04 -2.92
N ASP B 7 6.05 -9.95 -2.75
CA ASP B 7 6.92 -11.12 -2.88
C ASP B 7 8.37 -10.76 -2.54
N GLU B 8 8.79 -9.56 -2.97
CA GLU B 8 10.14 -9.10 -2.71
C GLU B 8 10.18 -8.18 -1.50
N ALA B 9 9.05 -7.59 -1.17
CA ALA B 9 8.97 -6.69 -0.02
C ALA B 9 8.05 -7.27 1.06
N LEU B 10 8.58 -8.23 1.83
CA LEU B 10 7.81 -8.86 2.90
C LEU B 10 8.69 -9.84 3.68
N HIS B 11 9.55 -9.30 4.53
CA HIS B 11 10.44 -10.13 5.35
C HIS B 11 10.90 -9.37 6.58
N GLY A 1 3.81 18.95 17.04
CA GLY A 1 4.98 19.72 16.65
C GLY A 1 5.46 19.26 15.28
N PRO A 2 5.61 17.95 15.05
CA PRO A 2 6.07 17.42 13.76
C PRO A 2 5.23 17.93 12.61
N LEU A 3 5.54 17.45 11.40
CA LEU A 3 4.80 17.86 10.20
C LEU A 3 3.69 16.86 9.89
N GLY A 4 2.48 17.16 10.36
CA GLY A 4 1.36 16.27 10.11
C GLY A 4 0.12 17.03 9.67
N SER A 5 -1.01 16.73 10.31
CA SER A 5 -2.27 17.39 9.99
C SER A 5 -2.59 17.22 8.50
N GLY A 6 -2.47 15.99 8.01
CA GLY A 6 -2.75 15.72 6.61
C GLY A 6 -4.04 14.94 6.43
N GLU A 7 -4.09 14.12 5.38
CA GLU A 7 -5.27 13.32 5.10
C GLU A 7 -4.89 11.88 4.80
N GLU A 8 -4.81 11.05 5.84
CA GLU A 8 -4.47 9.65 5.69
C GLU A 8 -5.55 8.75 6.27
N GLU A 9 -5.98 7.78 5.47
CA GLU A 9 -7.03 6.85 5.91
C GLU A 9 -6.44 5.45 6.14
N PRO A 10 -7.27 4.48 6.54
CA PRO A 10 -6.82 3.12 6.80
C PRO A 10 -6.74 2.27 5.53
N LEU A 11 -6.26 1.04 5.68
CA LEU A 11 -6.12 0.14 4.55
C LEU A 11 -7.35 -0.76 4.44
N PRO A 12 -8.08 -0.69 3.31
CA PRO A 12 -9.29 -1.50 3.09
C PRO A 12 -9.12 -2.97 3.49
N PRO A 13 -10.20 -3.76 3.43
CA PRO A 13 -10.21 -5.18 3.81
C PRO A 13 -8.93 -5.92 3.49
N ARG A 14 -8.60 -5.96 2.22
CA ARG A 14 -7.42 -6.69 1.76
C ARG A 14 -6.40 -5.75 1.15
N TRP A 15 -5.79 -4.93 1.99
CA TRP A 15 -4.79 -3.99 1.51
C TRP A 15 -3.85 -3.55 2.64
N SER A 16 -2.56 -3.67 2.37
CA SER A 16 -1.53 -3.29 3.34
C SER A 16 -0.64 -2.18 2.80
N MET A 17 0.40 -1.85 3.54
CA MET A 17 1.33 -0.81 3.14
C MET A 17 2.78 -1.27 3.32
N GLN A 18 3.64 -0.85 2.41
CA GLN A 18 5.05 -1.22 2.47
C GLN A 18 5.90 -0.30 1.60
N VAL A 19 6.96 0.24 2.19
CA VAL A 19 7.85 1.13 1.46
C VAL A 19 8.82 0.35 0.59
N ALA A 20 8.91 0.74 -0.68
CA ALA A 20 9.80 0.07 -1.63
C ALA A 20 11.07 0.88 -1.86
N PRO A 21 12.13 0.22 -2.38
CA PRO A 21 13.40 0.88 -2.66
C PRO A 21 13.24 1.93 -3.75
N ASN A 22 12.23 1.74 -4.60
CA ASN A 22 11.96 2.66 -5.69
C ASN A 22 11.91 4.11 -5.18
N GLY A 23 11.59 4.26 -3.89
CA GLY A 23 11.54 5.58 -3.30
C GLY A 23 10.14 5.96 -2.85
N ARG A 24 9.15 5.13 -3.19
CA ARG A 24 7.77 5.40 -2.79
C ARG A 24 7.12 4.17 -2.19
N THR A 25 6.10 4.39 -1.38
CA THR A 25 5.38 3.31 -0.74
C THR A 25 4.29 2.76 -1.65
N PHE A 26 4.05 1.47 -1.56
CA PHE A 26 3.03 0.83 -2.37
C PHE A 26 1.95 0.19 -1.52
N PHE A 27 1.01 -0.49 -2.17
CA PHE A 27 -0.08 -1.14 -1.47
C PHE A 27 -0.15 -2.62 -1.84
N ILE A 28 -0.20 -3.47 -0.83
CA ILE A 28 -0.25 -4.91 -1.05
C ILE A 28 -1.68 -5.41 -1.12
N ASP A 29 -2.05 -5.96 -2.28
CA ASP A 29 -3.40 -6.49 -2.48
C ASP A 29 -3.46 -7.96 -2.09
N HIS A 30 -3.89 -8.22 -0.85
CA HIS A 30 -4.00 -9.59 -0.36
C HIS A 30 -4.99 -10.40 -1.18
N ALA A 31 -6.02 -9.74 -1.69
CA ALA A 31 -7.04 -10.40 -2.49
C ALA A 31 -6.42 -11.09 -3.71
N SER A 32 -5.59 -10.36 -4.44
CA SER A 32 -4.95 -10.90 -5.64
C SER A 32 -3.51 -11.35 -5.35
N ARG A 33 -3.02 -11.07 -4.14
CA ARG A 33 -1.67 -11.45 -3.77
C ARG A 33 -0.65 -10.69 -4.62
N ARG A 34 -0.81 -9.37 -4.71
CA ARG A 34 0.09 -8.54 -5.49
C ARG A 34 0.30 -7.19 -4.81
N THR A 35 0.80 -6.23 -5.57
CA THR A 35 1.05 -4.89 -5.04
C THR A 35 0.79 -3.83 -6.09
N THR A 36 0.53 -2.60 -5.64
CA THR A 36 0.27 -1.49 -6.55
C THR A 36 0.78 -0.18 -5.97
N TRP A 37 0.90 0.83 -6.83
CA TRP A 37 1.38 2.14 -6.41
C TRP A 37 0.22 3.06 -6.03
N ILE A 38 -0.95 2.48 -5.78
CA ILE A 38 -2.12 3.26 -5.43
C ILE A 38 -2.85 2.66 -4.22
N ASP A 39 -3.45 3.52 -3.42
CA ASP A 39 -4.17 3.08 -2.23
C ASP A 39 -5.69 3.14 -2.46
N PRO A 40 -6.39 1.98 -2.39
CA PRO A 40 -7.83 1.92 -2.61
C PRO A 40 -8.61 2.83 -1.66
N ARG A 41 -8.03 3.11 -0.50
CA ARG A 41 -8.67 3.97 0.49
C ARG A 41 -9.17 5.27 -0.14
N ASN A 42 -8.39 5.81 -1.07
CA ASN A 42 -8.76 7.05 -1.74
C ASN A 42 -8.21 7.09 -3.17
N GLY A 43 -7.90 5.93 -3.72
CA GLY A 43 -7.39 5.86 -5.07
C GLY A 43 -6.32 6.91 -5.36
N ARG A 44 -5.24 6.88 -4.59
CA ARG A 44 -4.15 7.83 -4.76
C ARG A 44 -2.80 7.16 -4.51
N ALA A 45 -1.73 7.88 -4.83
CA ALA A 45 -0.39 7.35 -4.63
C ALA A 45 -0.02 7.31 -3.15
N SER A 46 0.22 6.10 -2.64
CA SER A 46 0.58 5.91 -1.25
C SER A 46 1.85 6.68 -0.90
N THR B 1 9.74 0.12 -13.10
CA THR B 1 8.86 -0.05 -11.92
C THR B 1 9.53 -0.92 -10.87
N GLY B 2 9.60 -0.42 -9.63
CA GLY B 2 10.21 -1.18 -8.56
C GLY B 2 9.20 -1.79 -7.61
N LEU B 3 7.91 -1.65 -7.92
CA LEU B 3 6.85 -2.19 -7.08
C LEU B 3 7.13 -3.66 -6.73
N PRO B 4 7.60 -3.93 -5.50
CA PRO B 4 7.89 -5.29 -5.05
C PRO B 4 6.64 -6.14 -4.94
N SER B 5 6.42 -7.00 -5.93
CA SER B 5 5.25 -7.87 -5.96
C SER B 5 5.06 -8.59 -4.62
N TYR B 6 3.86 -9.11 -4.42
CA TYR B 6 3.54 -9.83 -3.17
C TYR B 6 4.49 -11.01 -2.97
N ASP B 7 5.66 -10.72 -2.39
CA ASP B 7 6.65 -11.75 -2.13
C ASP B 7 7.95 -11.14 -1.63
N GLU B 8 8.33 -10.01 -2.21
CA GLU B 8 9.56 -9.31 -1.84
C GLU B 8 9.26 -8.19 -0.85
N ALA B 9 8.04 -7.68 -0.88
CA ALA B 9 7.63 -6.60 0.01
C ALA B 9 7.71 -7.05 1.47
N LEU B 10 7.50 -8.33 1.70
CA LEU B 10 7.54 -8.89 3.05
C LEU B 10 8.89 -8.59 3.71
N HIS B 11 8.84 -8.09 4.94
CA HIS B 11 10.06 -7.77 5.67
C HIS B 11 9.94 -8.18 7.14
N GLY A 1 2.24 1.95 19.22
CA GLY A 1 3.46 1.68 18.50
C GLY A 1 3.15 1.21 17.09
N PRO A 2 2.24 0.22 16.95
CA PRO A 2 1.86 -0.31 15.64
C PRO A 2 1.09 0.70 14.80
N LEU A 3 0.06 1.29 15.40
CA LEU A 3 -0.76 2.29 14.71
C LEU A 3 -0.48 3.68 15.25
N GLY A 4 -0.08 3.76 16.51
CA GLY A 4 0.20 5.05 17.13
C GLY A 4 -1.05 5.77 17.56
N SER A 5 -1.48 6.74 16.77
CA SER A 5 -2.67 7.52 17.08
C SER A 5 -3.05 8.44 15.93
N GLY A 6 -3.35 7.86 14.77
CA GLY A 6 -3.71 8.64 13.62
C GLY A 6 -4.91 8.09 12.88
N GLU A 7 -5.42 8.85 11.92
CA GLU A 7 -6.58 8.42 11.14
C GLU A 7 -6.48 8.91 9.70
N GLU A 8 -5.66 8.22 8.90
CA GLU A 8 -5.48 8.59 7.51
C GLU A 8 -6.01 7.48 6.59
N GLU A 9 -7.30 7.21 6.68
CA GLU A 9 -7.93 6.18 5.86
C GLU A 9 -7.31 4.80 6.15
N PRO A 10 -8.15 3.80 6.47
CA PRO A 10 -7.67 2.45 6.78
C PRO A 10 -7.58 1.56 5.54
N LEU A 11 -6.65 0.63 5.56
CA LEU A 11 -6.47 -0.30 4.44
C LEU A 11 -7.70 -1.18 4.29
N PRO A 12 -8.31 -1.22 3.10
CA PRO A 12 -9.51 -2.03 2.83
C PRO A 12 -9.39 -3.47 3.36
N PRO A 13 -10.44 -4.28 3.16
CA PRO A 13 -10.48 -5.67 3.62
C PRO A 13 -9.16 -6.41 3.53
N ARG A 14 -8.63 -6.47 2.33
CA ARG A 14 -7.38 -7.19 2.09
C ARG A 14 -6.35 -6.27 1.47
N TRP A 15 -5.84 -5.34 2.27
CA TRP A 15 -4.85 -4.40 1.78
C TRP A 15 -3.91 -3.92 2.87
N SER A 16 -2.78 -3.38 2.44
CA SER A 16 -1.76 -2.86 3.35
C SER A 16 -0.82 -1.93 2.59
N MET A 17 0.26 -1.51 3.22
CA MET A 17 1.22 -0.61 2.57
C MET A 17 2.61 -0.74 3.17
N GLN A 18 3.62 -0.74 2.31
CA GLN A 18 5.01 -0.85 2.74
C GLN A 18 5.91 -0.04 1.82
N VAL A 19 7.01 0.47 2.37
CA VAL A 19 7.95 1.25 1.59
C VAL A 19 8.86 0.36 0.76
N ALA A 20 9.10 0.76 -0.49
CA ALA A 20 9.95 -0.01 -1.39
C ALA A 20 11.26 0.72 -1.67
N PRO A 21 12.21 0.04 -2.33
CA PRO A 21 13.52 0.62 -2.66
C PRO A 21 13.41 1.65 -3.78
N ASN A 22 12.37 1.53 -4.59
CA ASN A 22 12.15 2.44 -5.71
C ASN A 22 12.21 3.89 -5.23
N GLY A 23 11.62 4.16 -4.07
CA GLY A 23 11.61 5.50 -3.53
C GLY A 23 10.25 5.93 -3.01
N ARG A 24 9.22 5.15 -3.33
CA ARG A 24 7.86 5.47 -2.88
C ARG A 24 7.19 4.26 -2.24
N THR A 25 6.20 4.52 -1.39
CA THR A 25 5.48 3.46 -0.72
C THR A 25 4.43 2.84 -1.64
N PHE A 26 4.20 1.54 -1.46
CA PHE A 26 3.24 0.82 -2.27
C PHE A 26 2.23 0.09 -1.40
N PHE A 27 1.03 -0.13 -1.93
CA PHE A 27 -0.02 -0.83 -1.20
C PHE A 27 -0.02 -2.32 -1.51
N ILE A 28 -0.06 -3.13 -0.47
CA ILE A 28 -0.06 -4.58 -0.63
C ILE A 28 -1.49 -5.12 -0.77
N ASP A 29 -1.71 -5.93 -1.79
CA ASP A 29 -3.03 -6.50 -2.03
C ASP A 29 -3.04 -8.00 -1.69
N HIS A 30 -3.73 -8.34 -0.60
CA HIS A 30 -3.82 -9.72 -0.16
C HIS A 30 -4.93 -10.47 -0.89
N ALA A 31 -5.93 -9.71 -1.35
CA ALA A 31 -7.05 -10.30 -2.08
C ALA A 31 -6.58 -11.10 -3.29
N SER A 32 -5.59 -10.55 -4.01
CA SER A 32 -5.04 -11.20 -5.18
C SER A 32 -3.54 -11.49 -5.02
N ARG A 33 -2.95 -11.01 -3.93
CA ARG A 33 -1.54 -11.22 -3.68
C ARG A 33 -0.68 -10.39 -4.64
N ARG A 34 -0.89 -9.07 -4.62
CA ARG A 34 -0.14 -8.17 -5.48
C ARG A 34 0.15 -6.86 -4.77
N THR A 35 0.51 -5.83 -5.55
CA THR A 35 0.82 -4.52 -4.99
C THR A 35 0.55 -3.42 -6.00
N THR A 36 0.58 -2.18 -5.53
CA THR A 36 0.34 -1.02 -6.40
C THR A 36 0.88 0.25 -5.76
N TRP A 37 1.05 1.28 -6.60
CA TRP A 37 1.58 2.56 -6.13
C TRP A 37 0.47 3.43 -5.54
N ILE A 38 -0.78 3.12 -5.88
CA ILE A 38 -1.92 3.89 -5.40
C ILE A 38 -2.75 3.08 -4.42
N ASP A 39 -3.32 3.76 -3.43
CA ASP A 39 -4.14 3.11 -2.41
C ASP A 39 -5.57 2.91 -2.90
N PRO A 40 -6.21 1.80 -2.48
CA PRO A 40 -7.58 1.48 -2.87
C PRO A 40 -8.60 2.02 -1.88
N ARG A 41 -8.15 2.86 -0.95
CA ARG A 41 -9.02 3.44 0.05
C ARG A 41 -9.29 4.91 -0.23
N ASN A 42 -9.05 5.33 -1.47
CA ASN A 42 -9.27 6.72 -1.86
C ASN A 42 -8.85 6.95 -3.31
N GLY A 43 -7.67 6.46 -3.66
CA GLY A 43 -7.17 6.63 -5.02
C GLY A 43 -6.08 7.68 -5.12
N ARG A 44 -5.17 7.66 -4.15
CA ARG A 44 -4.06 8.61 -4.13
C ARG A 44 -2.73 7.88 -3.94
N ALA A 45 -1.69 8.38 -4.60
CA ALA A 45 -0.36 7.78 -4.50
C ALA A 45 0.06 7.60 -3.05
N SER A 46 0.27 6.34 -2.66
CA SER A 46 0.68 6.02 -1.29
C SER A 46 1.93 6.79 -0.91
N THR B 1 10.59 -1.06 -13.61
CA THR B 1 9.69 -0.67 -12.50
C THR B 1 10.37 -0.83 -11.15
N GLY B 2 9.62 -0.63 -10.08
CA GLY B 2 10.17 -0.75 -8.75
C GLY B 2 9.11 -1.03 -7.70
N LEU B 3 8.10 -1.81 -8.07
CA LEU B 3 7.02 -2.15 -7.15
C LEU B 3 7.06 -3.64 -6.78
N PRO B 4 7.72 -3.97 -5.65
CA PRO B 4 7.82 -5.36 -5.18
C PRO B 4 6.46 -5.98 -4.95
N SER B 5 6.02 -6.82 -5.88
CA SER B 5 4.73 -7.49 -5.78
C SER B 5 4.63 -8.27 -4.47
N TYR B 6 3.45 -8.83 -4.22
CA TYR B 6 3.20 -9.60 -3.01
C TYR B 6 4.13 -10.81 -2.92
N ASP B 7 5.36 -10.58 -2.47
CA ASP B 7 6.34 -11.65 -2.35
C ASP B 7 7.68 -11.10 -1.86
N GLU B 8 8.25 -10.19 -2.62
CA GLU B 8 9.54 -9.58 -2.27
C GLU B 8 9.35 -8.45 -1.25
N ALA B 9 8.14 -7.90 -1.19
CA ALA B 9 7.84 -6.82 -0.26
C ALA B 9 7.84 -7.32 1.19
N LEU B 10 7.16 -8.44 1.42
CA LEU B 10 7.08 -9.02 2.74
C LEU B 10 8.38 -9.72 3.12
N HIS B 11 9.22 -9.03 3.89
CA HIS B 11 10.49 -9.58 4.32
C HIS B 11 11.20 -8.63 5.27
N GLY A 1 -11.78 15.99 14.91
CA GLY A 1 -12.55 16.87 14.05
C GLY A 1 -12.01 18.29 14.15
N PRO A 2 -11.84 18.80 15.38
CA PRO A 2 -11.35 20.17 15.60
C PRO A 2 -9.92 20.35 15.09
N LEU A 3 -9.00 19.56 15.64
CA LEU A 3 -7.60 19.63 15.24
C LEU A 3 -7.40 19.09 13.83
N GLY A 4 -7.55 17.78 13.68
CA GLY A 4 -7.38 17.15 12.38
C GLY A 4 -5.96 16.72 12.12
N SER A 5 -5.26 17.44 11.25
CA SER A 5 -3.88 17.12 10.92
C SER A 5 -3.73 15.64 10.58
N GLY A 6 -4.76 15.07 9.94
CA GLY A 6 -4.71 13.68 9.57
C GLY A 6 -3.58 13.37 8.59
N GLU A 7 -3.40 12.09 8.29
CA GLU A 7 -2.36 11.66 7.37
C GLU A 7 -2.54 10.21 6.98
N GLU A 8 -2.60 9.33 7.98
CA GLU A 8 -2.78 7.91 7.73
C GLU A 8 -4.25 7.56 7.49
N GLU A 9 -4.48 6.50 6.73
CA GLU A 9 -5.84 6.06 6.43
C GLU A 9 -5.94 4.54 6.43
N PRO A 10 -7.02 3.99 7.01
CA PRO A 10 -7.23 2.54 7.09
C PRO A 10 -7.16 1.86 5.72
N LEU A 11 -6.66 0.62 5.71
CA LEU A 11 -6.55 -0.15 4.48
C LEU A 11 -7.74 -1.08 4.34
N PRO A 12 -8.24 -1.26 3.10
CA PRO A 12 -9.40 -2.14 2.84
C PRO A 12 -9.25 -3.53 3.47
N PRO A 13 -10.22 -4.42 3.18
CA PRO A 13 -10.25 -5.78 3.75
C PRO A 13 -9.15 -6.70 3.26
N ARG A 14 -8.34 -6.24 2.33
CA ARG A 14 -7.26 -7.08 1.80
C ARG A 14 -6.08 -6.26 1.36
N TRP A 15 -5.71 -5.27 2.15
CA TRP A 15 -4.58 -4.43 1.80
C TRP A 15 -3.72 -4.07 3.01
N SER A 16 -2.55 -3.52 2.73
CA SER A 16 -1.60 -3.12 3.75
C SER A 16 -0.68 -2.01 3.24
N MET A 17 0.42 -1.80 3.94
CA MET A 17 1.37 -0.77 3.55
C MET A 17 2.80 -1.31 3.59
N GLN A 18 3.65 -0.79 2.72
CA GLN A 18 5.04 -1.22 2.66
C GLN A 18 5.87 -0.28 1.79
N VAL A 19 7.00 0.17 2.31
CA VAL A 19 7.88 1.08 1.57
C VAL A 19 8.75 0.32 0.59
N ALA A 20 8.83 0.81 -0.63
CA ALA A 20 9.63 0.18 -1.67
C ALA A 20 10.92 0.93 -1.91
N PRO A 21 11.98 0.22 -2.35
CA PRO A 21 13.29 0.83 -2.63
C PRO A 21 13.19 1.92 -3.69
N ASN A 22 12.19 1.80 -4.55
CA ASN A 22 11.96 2.76 -5.62
C ASN A 22 11.98 4.19 -5.07
N GLY A 23 11.40 4.36 -3.89
CA GLY A 23 11.35 5.67 -3.27
C GLY A 23 9.96 6.06 -2.82
N ARG A 24 8.97 5.24 -3.17
CA ARG A 24 7.58 5.52 -2.80
C ARG A 24 6.92 4.30 -2.18
N THR A 25 6.04 4.52 -1.22
CA THR A 25 5.33 3.43 -0.58
C THR A 25 4.28 2.84 -1.51
N PHE A 26 4.06 1.55 -1.40
CA PHE A 26 3.10 0.88 -2.24
C PHE A 26 2.04 0.18 -1.42
N PHE A 27 0.89 -0.09 -2.04
CA PHE A 27 -0.22 -0.75 -1.35
C PHE A 27 -0.32 -2.21 -1.75
N ILE A 28 -0.31 -3.06 -0.75
CA ILE A 28 -0.41 -4.49 -0.97
C ILE A 28 -1.86 -4.92 -1.14
N ASP A 29 -2.05 -5.97 -1.92
CA ASP A 29 -3.38 -6.49 -2.19
C ASP A 29 -3.45 -7.99 -1.91
N HIS A 30 -4.10 -8.35 -0.81
CA HIS A 30 -4.24 -9.75 -0.42
C HIS A 30 -5.28 -10.45 -1.29
N ALA A 31 -6.23 -9.67 -1.81
CA ALA A 31 -7.28 -10.21 -2.66
C ALA A 31 -6.69 -11.05 -3.79
N SER A 32 -5.51 -10.63 -4.24
CA SER A 32 -4.83 -11.34 -5.32
C SER A 32 -3.33 -11.47 -5.03
N ARG A 33 -2.94 -11.20 -3.78
CA ARG A 33 -1.54 -11.29 -3.40
C ARG A 33 -0.65 -10.48 -4.34
N ARG A 34 -0.86 -9.17 -4.37
CA ARG A 34 -0.07 -8.29 -5.23
C ARG A 34 0.14 -6.92 -4.61
N THR A 35 0.61 -5.97 -5.40
CA THR A 35 0.86 -4.61 -4.93
C THR A 35 0.53 -3.59 -6.00
N THR A 36 0.80 -2.32 -5.71
CA THR A 36 0.53 -1.24 -6.65
C THR A 36 0.96 0.11 -6.09
N TRP A 37 1.12 1.09 -6.97
CA TRP A 37 1.53 2.43 -6.56
C TRP A 37 0.34 3.28 -6.12
N ILE A 38 -0.82 2.66 -5.95
CA ILE A 38 -2.01 3.40 -5.56
C ILE A 38 -2.71 2.75 -4.37
N ASP A 39 -3.35 3.57 -3.55
CA ASP A 39 -4.06 3.09 -2.38
C ASP A 39 -5.58 3.11 -2.60
N PRO A 40 -6.23 1.94 -2.53
CA PRO A 40 -7.68 1.85 -2.73
C PRO A 40 -8.44 2.82 -1.82
N ARG A 41 -7.93 3.01 -0.62
CA ARG A 41 -8.56 3.91 0.35
C ARG A 41 -8.87 5.26 -0.27
N ASN A 42 -8.03 5.67 -1.23
CA ASN A 42 -8.22 6.95 -1.92
C ASN A 42 -8.11 6.77 -3.42
N GLY A 43 -6.93 6.41 -3.89
CA GLY A 43 -6.71 6.22 -5.31
C GLY A 43 -5.61 7.11 -5.86
N ARG A 44 -4.55 7.29 -5.08
CA ARG A 44 -3.43 8.12 -5.49
C ARG A 44 -2.10 7.50 -5.06
N ALA A 45 -1.01 8.12 -5.48
CA ALA A 45 0.33 7.63 -5.15
C ALA A 45 0.48 7.41 -3.65
N SER A 46 0.53 6.14 -3.26
CA SER A 46 0.67 5.78 -1.86
C SER A 46 1.99 6.31 -1.30
N THR B 1 10.88 -0.73 -13.91
CA THR B 1 9.81 -0.91 -12.89
C THR B 1 10.41 -1.28 -11.54
N GLY B 2 9.90 -0.66 -10.48
CA GLY B 2 10.39 -0.92 -9.15
C GLY B 2 9.29 -1.02 -8.11
N LEU B 3 8.31 -1.88 -8.37
CA LEU B 3 7.18 -2.04 -7.45
C LEU B 3 7.20 -3.45 -6.82
N PRO B 4 8.02 -3.65 -5.77
CA PRO B 4 8.12 -4.93 -5.09
C PRO B 4 6.75 -5.56 -4.84
N SER B 5 6.40 -6.53 -5.68
CA SER B 5 5.12 -7.21 -5.56
C SER B 5 4.89 -7.72 -4.14
N TYR B 6 3.71 -8.27 -3.91
CA TYR B 6 3.35 -8.80 -2.60
C TYR B 6 3.79 -10.25 -2.46
N ASP B 7 5.08 -10.44 -2.21
CA ASP B 7 5.65 -11.77 -2.05
C ASP B 7 7.16 -11.67 -1.78
N GLU B 8 7.81 -10.73 -2.45
CA GLU B 8 9.24 -10.53 -2.28
C GLU B 8 9.51 -9.37 -1.33
N ALA B 9 8.57 -8.43 -1.27
CA ALA B 9 8.70 -7.26 -0.41
C ALA B 9 7.76 -7.38 0.79
N LEU B 10 8.05 -8.34 1.66
CA LEU B 10 7.22 -8.56 2.86
C LEU B 10 8.02 -9.27 3.94
N HIS B 11 9.15 -8.67 4.32
CA HIS B 11 10.01 -9.26 5.36
C HIS B 11 9.97 -8.41 6.63
N GLY A 1 -3.24 0.59 14.51
CA GLY A 1 -2.73 0.65 15.86
C GLY A 1 -1.40 1.40 15.89
N PRO A 2 -0.46 1.02 15.01
CA PRO A 2 0.86 1.67 14.94
C PRO A 2 0.77 3.09 14.40
N LEU A 3 -0.19 3.33 13.51
CA LEU A 3 -0.38 4.65 12.91
C LEU A 3 -1.85 4.89 12.59
N GLY A 4 -2.42 5.91 13.23
CA GLY A 4 -3.82 6.24 12.99
C GLY A 4 -4.28 7.43 13.82
N SER A 5 -3.67 8.58 13.58
CA SER A 5 -4.02 9.80 14.30
C SER A 5 -5.30 10.41 13.73
N GLY A 6 -5.58 10.13 12.47
CA GLY A 6 -6.77 10.66 11.83
C GLY A 6 -6.51 11.12 10.41
N GLU A 7 -7.53 11.04 9.57
CA GLU A 7 -7.41 11.45 8.17
C GLU A 7 -6.47 10.50 7.41
N GLU A 8 -6.61 9.21 7.67
CA GLU A 8 -5.78 8.21 7.02
C GLU A 8 -6.49 6.86 6.99
N GLU A 9 -6.99 6.48 5.82
CA GLU A 9 -7.69 5.21 5.67
C GLU A 9 -6.86 4.07 6.25
N PRO A 10 -7.52 3.11 6.94
CA PRO A 10 -6.85 1.97 7.56
C PRO A 10 -6.65 0.80 6.62
N LEU A 11 -6.44 1.09 5.34
CA LEU A 11 -6.24 0.04 4.35
C LEU A 11 -7.48 -0.84 4.24
N PRO A 12 -8.01 -1.04 3.02
CA PRO A 12 -9.21 -1.85 2.80
C PRO A 12 -9.16 -3.21 3.48
N PRO A 13 -10.18 -4.06 3.24
CA PRO A 13 -10.29 -5.39 3.85
C PRO A 13 -9.23 -6.39 3.44
N ARG A 14 -8.49 -6.07 2.40
CA ARG A 14 -7.46 -7.00 1.92
C ARG A 14 -6.22 -6.26 1.45
N TRP A 15 -5.79 -5.28 2.21
CA TRP A 15 -4.60 -4.51 1.83
C TRP A 15 -3.72 -4.17 3.02
N SER A 16 -2.51 -3.70 2.72
CA SER A 16 -1.55 -3.32 3.74
C SER A 16 -0.70 -2.15 3.26
N MET A 17 0.48 -1.99 3.84
CA MET A 17 1.38 -0.92 3.47
C MET A 17 2.83 -1.34 3.59
N GLN A 18 3.68 -0.85 2.69
CA GLN A 18 5.09 -1.19 2.70
C GLN A 18 5.89 -0.24 1.80
N VAL A 19 7.01 0.25 2.33
CA VAL A 19 7.87 1.16 1.57
C VAL A 19 8.79 0.38 0.64
N ALA A 20 8.91 0.85 -0.59
CA ALA A 20 9.75 0.19 -1.59
C ALA A 20 11.01 1.01 -1.88
N PRO A 21 12.06 0.37 -2.41
CA PRO A 21 13.31 1.04 -2.74
C PRO A 21 13.13 2.05 -3.87
N ASN A 22 12.07 1.87 -4.64
CA ASN A 22 11.76 2.76 -5.76
C ASN A 22 11.80 4.22 -5.30
N GLY A 23 11.21 4.48 -4.13
CA GLY A 23 11.19 5.84 -3.61
C GLY A 23 9.85 6.20 -3.00
N ARG A 24 8.83 5.40 -3.27
CA ARG A 24 7.50 5.66 -2.75
C ARG A 24 6.89 4.40 -2.14
N THR A 25 5.94 4.61 -1.24
CA THR A 25 5.27 3.50 -0.57
C THR A 25 4.22 2.90 -1.50
N PHE A 26 4.03 1.59 -1.40
CA PHE A 26 3.05 0.93 -2.23
C PHE A 26 1.95 0.28 -1.39
N PHE A 27 0.94 -0.24 -2.07
CA PHE A 27 -0.17 -0.89 -1.39
C PHE A 27 -0.26 -2.36 -1.75
N ILE A 28 -0.30 -3.19 -0.73
CA ILE A 28 -0.38 -4.62 -0.92
C ILE A 28 -1.84 -5.05 -1.05
N ASP A 29 -2.06 -6.07 -1.87
CA ASP A 29 -3.40 -6.59 -2.10
C ASP A 29 -3.48 -8.07 -1.77
N HIS A 30 -4.17 -8.39 -0.68
CA HIS A 30 -4.32 -9.78 -0.24
C HIS A 30 -5.28 -10.54 -1.16
N ALA A 31 -6.27 -9.83 -1.69
CA ALA A 31 -7.25 -10.44 -2.59
C ALA A 31 -6.56 -11.24 -3.69
N SER A 32 -5.57 -10.62 -4.32
CA SER A 32 -4.83 -11.27 -5.40
C SER A 32 -3.37 -11.52 -5.01
N ARG A 33 -3.00 -11.10 -3.81
CA ARG A 33 -1.63 -11.29 -3.33
C ARG A 33 -0.64 -10.53 -4.21
N ARG A 34 -0.77 -9.21 -4.25
CA ARG A 34 0.12 -8.39 -5.07
C ARG A 34 0.31 -7.00 -4.45
N THR A 35 0.89 -6.09 -5.23
CA THR A 35 1.13 -4.73 -4.77
C THR A 35 0.86 -3.73 -5.89
N THR A 36 0.98 -2.43 -5.56
CA THR A 36 0.75 -1.38 -6.54
C THR A 36 1.18 -0.02 -5.99
N TRP A 37 1.28 0.95 -6.89
CA TRP A 37 1.68 2.31 -6.50
C TRP A 37 0.47 3.18 -6.19
N ILE A 38 -0.67 2.55 -5.92
CA ILE A 38 -1.89 3.27 -5.63
C ILE A 38 -2.59 2.73 -4.39
N ASP A 39 -3.29 3.62 -3.69
CA ASP A 39 -4.00 3.24 -2.48
C ASP A 39 -5.51 3.14 -2.74
N PRO A 40 -6.10 1.93 -2.66
CA PRO A 40 -7.52 1.74 -2.90
C PRO A 40 -8.38 2.70 -2.08
N ARG A 41 -7.84 3.13 -0.94
CA ARG A 41 -8.55 4.05 -0.07
C ARG A 41 -8.83 5.37 -0.78
N ASN A 42 -8.04 5.67 -1.79
CA ASN A 42 -8.19 6.92 -2.55
C ASN A 42 -8.15 6.64 -4.05
N GLY A 43 -7.03 6.10 -4.51
CA GLY A 43 -6.87 5.79 -5.92
C GLY A 43 -5.75 6.58 -6.57
N ARG A 44 -4.79 7.00 -5.76
CA ARG A 44 -3.65 7.77 -6.26
C ARG A 44 -2.35 7.28 -5.65
N ALA A 45 -1.25 7.96 -5.98
CA ALA A 45 0.06 7.59 -5.46
C ALA A 45 0.02 7.38 -3.95
N SER A 46 0.28 6.15 -3.52
CA SER A 46 0.28 5.81 -2.11
C SER A 46 1.53 6.34 -1.42
N THR B 1 9.98 -0.25 -13.24
CA THR B 1 9.08 0.43 -12.27
C THR B 1 9.68 0.43 -10.87
N GLY B 2 9.96 -0.76 -10.35
CA GLY B 2 10.54 -0.86 -9.03
C GLY B 2 9.51 -1.16 -7.96
N LEU B 3 8.42 -1.81 -8.36
CA LEU B 3 7.35 -2.16 -7.43
C LEU B 3 7.47 -3.61 -6.95
N PRO B 4 7.91 -3.82 -5.70
CA PRO B 4 8.06 -5.17 -5.14
C PRO B 4 6.72 -5.85 -4.91
N SER B 5 6.42 -6.85 -5.72
CA SER B 5 5.17 -7.59 -5.60
C SER B 5 4.96 -8.08 -4.17
N TYR B 6 3.72 -8.45 -3.87
CA TYR B 6 3.37 -8.95 -2.54
C TYR B 6 3.80 -10.40 -2.39
N ASP B 7 5.11 -10.62 -2.37
CA ASP B 7 5.66 -11.96 -2.22
C ASP B 7 7.13 -11.88 -1.83
N GLU B 8 7.86 -10.98 -2.48
CA GLU B 8 9.28 -10.79 -2.20
C GLU B 8 9.49 -9.58 -1.28
N ALA B 9 8.53 -8.67 -1.28
CA ALA B 9 8.61 -7.47 -0.45
C ALA B 9 8.30 -7.80 1.01
N LEU B 10 7.11 -8.36 1.25
CA LEU B 10 6.71 -8.72 2.60
C LEU B 10 7.68 -9.71 3.23
N HIS B 11 8.44 -9.25 4.21
CA HIS B 11 9.42 -10.10 4.89
C HIS B 11 9.51 -9.74 6.36
N GLY A 1 -17.55 24.08 6.94
CA GLY A 1 -17.31 25.41 6.42
C GLY A 1 -15.85 25.56 6.05
N PRO A 2 -14.92 25.21 6.95
CA PRO A 2 -13.48 25.31 6.68
C PRO A 2 -13.05 24.53 5.46
N LEU A 3 -13.74 23.42 5.20
CA LEU A 3 -13.42 22.57 4.05
C LEU A 3 -12.01 22.02 4.15
N GLY A 4 -11.81 21.05 5.04
CA GLY A 4 -10.51 20.45 5.22
C GLY A 4 -10.47 19.01 4.78
N SER A 5 -9.44 18.65 4.01
CA SER A 5 -9.30 17.29 3.51
C SER A 5 -8.52 16.43 4.51
N GLY A 6 -9.24 15.72 5.37
CA GLY A 6 -8.60 14.87 6.35
C GLY A 6 -9.41 13.61 6.63
N GLU A 7 -9.03 12.53 5.96
CA GLU A 7 -9.72 11.24 6.13
C GLU A 7 -8.80 10.08 5.76
N GLU A 8 -7.84 9.78 6.62
CA GLU A 8 -6.91 8.70 6.38
C GLU A 8 -7.59 7.34 6.48
N GLU A 9 -7.47 6.54 5.42
CA GLU A 9 -8.08 5.22 5.40
C GLU A 9 -7.15 4.18 6.02
N PRO A 10 -7.71 3.23 6.80
CA PRO A 10 -6.93 2.19 7.46
C PRO A 10 -6.68 0.98 6.57
N LEU A 11 -6.45 1.20 5.28
CA LEU A 11 -6.21 0.11 4.35
C LEU A 11 -7.43 -0.80 4.26
N PRO A 12 -7.95 -1.03 3.06
CA PRO A 12 -9.14 -1.87 2.85
C PRO A 12 -9.05 -3.23 3.57
N PRO A 13 -10.05 -4.09 3.35
CA PRO A 13 -10.13 -5.42 3.98
C PRO A 13 -9.06 -6.40 3.55
N ARG A 14 -8.35 -6.10 2.50
CA ARG A 14 -7.32 -7.01 2.01
C ARG A 14 -6.09 -6.26 1.51
N TRP A 15 -5.68 -5.24 2.25
CA TRP A 15 -4.52 -4.47 1.86
C TRP A 15 -3.65 -4.09 3.05
N SER A 16 -2.46 -3.57 2.74
CA SER A 16 -1.51 -3.15 3.76
C SER A 16 -0.69 -1.96 3.28
N MET A 17 0.46 -1.75 3.91
CA MET A 17 1.34 -0.65 3.55
C MET A 17 2.80 -1.05 3.68
N GLN A 18 3.62 -0.59 2.74
CA GLN A 18 5.04 -0.92 2.75
C GLN A 18 5.83 -0.03 1.81
N VAL A 19 6.97 0.45 2.27
CA VAL A 19 7.82 1.32 1.46
C VAL A 19 8.73 0.50 0.56
N ALA A 20 8.70 0.79 -0.74
CA ALA A 20 9.51 0.07 -1.71
C ALA A 20 10.85 0.75 -1.93
N PRO A 21 11.90 -0.02 -2.29
CA PRO A 21 13.23 0.53 -2.55
C PRO A 21 13.21 1.57 -3.65
N ASN A 22 12.19 1.50 -4.50
CA ASN A 22 12.05 2.44 -5.61
C ASN A 22 12.07 3.88 -5.10
N GLY A 23 11.61 4.08 -3.86
CA GLY A 23 11.59 5.40 -3.27
C GLY A 23 10.19 5.86 -2.88
N ARG A 24 9.18 5.05 -3.20
CA ARG A 24 7.81 5.40 -2.87
C ARG A 24 7.09 4.23 -2.19
N THR A 25 6.05 4.55 -1.44
CA THR A 25 5.26 3.54 -0.74
C THR A 25 4.22 2.95 -1.67
N PHE A 26 3.93 1.67 -1.48
CA PHE A 26 2.94 0.99 -2.31
C PHE A 26 1.81 0.41 -1.46
N PHE A 27 0.86 -0.23 -2.12
CA PHE A 27 -0.27 -0.85 -1.43
C PHE A 27 -0.37 -2.31 -1.77
N ILE A 28 -0.26 -3.14 -0.74
CA ILE A 28 -0.34 -4.57 -0.91
C ILE A 28 -1.79 -5.01 -1.02
N ASP A 29 -2.01 -6.05 -1.81
CA ASP A 29 -3.35 -6.59 -2.02
C ASP A 29 -3.39 -8.09 -1.73
N HIS A 30 -4.15 -8.47 -0.71
CA HIS A 30 -4.27 -9.87 -0.33
C HIS A 30 -5.28 -10.60 -1.21
N ALA A 31 -6.28 -9.86 -1.70
CA ALA A 31 -7.31 -10.44 -2.56
C ALA A 31 -6.67 -11.21 -3.71
N SER A 32 -5.57 -10.68 -4.23
CA SER A 32 -4.86 -11.32 -5.33
C SER A 32 -3.39 -11.59 -4.98
N ARG A 33 -2.97 -11.13 -3.80
CA ARG A 33 -1.59 -11.32 -3.37
C ARG A 33 -0.62 -10.54 -4.26
N ARG A 34 -0.80 -9.23 -4.31
CA ARG A 34 0.06 -8.38 -5.13
C ARG A 34 0.20 -6.99 -4.52
N THR A 35 0.73 -6.05 -5.31
CA THR A 35 0.92 -4.68 -4.84
C THR A 35 0.66 -3.68 -5.96
N THR A 36 0.79 -2.40 -5.64
CA THR A 36 0.57 -1.34 -6.62
C THR A 36 0.97 0.02 -6.06
N TRP A 37 1.08 1.00 -6.96
CA TRP A 37 1.45 2.35 -6.57
C TRP A 37 0.22 3.21 -6.29
N ILE A 38 -0.91 2.57 -6.02
CA ILE A 38 -2.14 3.30 -5.77
C ILE A 38 -2.88 2.77 -4.54
N ASP A 39 -3.46 3.69 -3.78
CA ASP A 39 -4.19 3.33 -2.57
C ASP A 39 -5.68 3.13 -2.88
N PRO A 40 -6.18 1.88 -2.83
CA PRO A 40 -7.58 1.59 -3.11
C PRO A 40 -8.51 2.48 -2.30
N ARG A 41 -8.02 2.95 -1.16
CA ARG A 41 -8.80 3.82 -0.29
C ARG A 41 -9.14 5.13 -0.99
N ASN A 42 -8.34 5.48 -2.00
CA ASN A 42 -8.56 6.71 -2.76
C ASN A 42 -8.36 6.47 -4.25
N GLY A 43 -7.11 6.23 -4.64
CA GLY A 43 -6.80 5.99 -6.05
C GLY A 43 -5.75 6.94 -6.57
N ARG A 44 -4.69 7.15 -5.80
CA ARG A 44 -3.61 8.04 -6.21
C ARG A 44 -2.25 7.49 -5.80
N ALA A 45 -1.19 8.10 -6.30
CA ALA A 45 0.17 7.66 -6.00
C ALA A 45 0.47 7.81 -4.52
N SER A 46 0.74 6.70 -3.86
CA SER A 46 1.06 6.69 -2.43
C SER A 46 2.34 7.49 -2.17
N THR B 1 8.67 2.28 -12.25
CA THR B 1 9.12 0.88 -12.11
C THR B 1 9.84 0.66 -10.78
N GLY B 2 9.74 -0.55 -10.25
CA GLY B 2 10.39 -0.86 -8.98
C GLY B 2 9.38 -1.12 -7.87
N LEU B 3 8.31 -1.84 -8.20
CA LEU B 3 7.27 -2.16 -7.22
C LEU B 3 7.42 -3.61 -6.73
N PRO B 4 7.94 -3.80 -5.51
CA PRO B 4 8.11 -5.14 -4.93
C PRO B 4 6.77 -5.84 -4.72
N SER B 5 6.40 -6.68 -5.69
CA SER B 5 5.13 -7.41 -5.63
C SER B 5 4.93 -8.04 -4.26
N TYR B 6 3.67 -8.26 -3.90
CA TYR B 6 3.32 -8.87 -2.63
C TYR B 6 3.78 -10.32 -2.57
N ASP B 7 5.09 -10.51 -2.42
CA ASP B 7 5.67 -11.84 -2.35
C ASP B 7 7.17 -11.75 -2.09
N GLU B 8 7.81 -10.78 -2.73
CA GLU B 8 9.25 -10.57 -2.56
C GLU B 8 9.53 -9.25 -1.86
N ALA B 9 8.55 -8.76 -1.11
CA ALA B 9 8.69 -7.50 -0.38
C ALA B 9 8.52 -7.72 1.12
N LEU B 10 7.61 -8.61 1.49
CA LEU B 10 7.35 -8.90 2.90
C LEU B 10 8.61 -9.41 3.59
N HIS B 11 9.08 -8.66 4.58
CA HIS B 11 10.27 -9.05 5.32
C HIS B 11 9.96 -9.25 6.80
N GLY A 1 2.03 7.76 7.16
CA GLY A 1 2.97 6.74 7.58
C GLY A 1 4.34 7.37 7.77
N PRO A 2 4.83 8.14 6.79
CA PRO A 2 6.14 8.79 6.87
C PRO A 2 6.15 9.95 7.87
N LEU A 3 6.29 9.62 9.15
CA LEU A 3 6.33 10.63 10.19
C LEU A 3 5.16 11.60 10.06
N GLY A 4 3.97 11.16 10.45
CA GLY A 4 2.80 12.00 10.36
C GLY A 4 1.62 11.45 11.15
N SER A 5 1.03 12.29 11.99
CA SER A 5 -0.11 11.88 12.80
C SER A 5 -1.38 12.58 12.34
N GLY A 6 -1.94 12.11 11.23
CA GLY A 6 -3.16 12.70 10.71
C GLY A 6 -3.29 12.51 9.20
N GLU A 7 -4.50 12.68 8.68
CA GLU A 7 -4.75 12.53 7.26
C GLU A 7 -4.21 11.20 6.75
N GLU A 8 -5.03 10.15 6.81
CA GLU A 8 -4.62 8.83 6.35
C GLU A 8 -5.74 7.82 6.56
N GLU A 9 -6.43 7.48 5.47
CA GLU A 9 -7.53 6.51 5.54
C GLU A 9 -6.99 5.10 5.75
N PRO A 10 -7.67 4.30 6.59
CA PRO A 10 -7.24 2.92 6.87
C PRO A 10 -7.11 2.08 5.59
N LEU A 11 -6.51 0.91 5.73
CA LEU A 11 -6.32 0.00 4.60
C LEU A 11 -7.55 -0.88 4.43
N PRO A 12 -8.00 -1.08 3.18
CA PRO A 12 -9.18 -1.91 2.91
C PRO A 12 -9.13 -3.28 3.58
N PRO A 13 -10.15 -4.12 3.33
CA PRO A 13 -10.26 -5.44 3.96
C PRO A 13 -9.24 -6.47 3.48
N ARG A 14 -8.39 -6.10 2.55
CA ARG A 14 -7.41 -7.04 2.04
C ARG A 14 -6.15 -6.34 1.58
N TRP A 15 -5.72 -5.32 2.31
CA TRP A 15 -4.53 -4.57 1.93
C TRP A 15 -3.65 -4.23 3.12
N SER A 16 -2.45 -3.74 2.82
CA SER A 16 -1.48 -3.36 3.83
C SER A 16 -0.68 -2.14 3.39
N MET A 17 0.49 -1.95 3.97
CA MET A 17 1.34 -0.82 3.62
C MET A 17 2.81 -1.23 3.67
N GLN A 18 3.61 -0.65 2.78
CA GLN A 18 5.04 -0.97 2.72
C GLN A 18 5.78 0.00 1.81
N VAL A 19 6.92 0.49 2.29
CA VAL A 19 7.74 1.42 1.52
C VAL A 19 8.68 0.65 0.60
N ALA A 20 8.63 0.97 -0.69
CA ALA A 20 9.47 0.30 -1.69
C ALA A 20 10.74 1.10 -1.98
N PRO A 21 11.84 0.41 -2.31
CA PRO A 21 13.11 1.05 -2.63
C PRO A 21 12.97 2.05 -3.78
N ASN A 22 11.95 1.83 -4.61
CA ASN A 22 11.69 2.70 -5.76
C ASN A 22 11.72 4.17 -5.34
N GLY A 23 11.08 4.46 -4.21
CA GLY A 23 11.03 5.82 -3.72
C GLY A 23 9.68 6.20 -3.14
N ARG A 24 8.66 5.42 -3.47
CA ARG A 24 7.32 5.69 -2.98
C ARG A 24 6.70 4.46 -2.32
N THR A 25 5.77 4.69 -1.41
CA THR A 25 5.11 3.60 -0.72
C THR A 25 4.10 2.92 -1.63
N PHE A 26 3.96 1.62 -1.48
CA PHE A 26 3.02 0.87 -2.29
C PHE A 26 1.98 0.18 -1.43
N PHE A 27 0.89 -0.23 -2.06
CA PHE A 27 -0.19 -0.90 -1.35
C PHE A 27 -0.26 -2.37 -1.72
N ILE A 28 -0.25 -3.20 -0.69
CA ILE A 28 -0.32 -4.64 -0.90
C ILE A 28 -1.77 -5.10 -0.99
N ASP A 29 -2.01 -6.08 -1.85
CA ASP A 29 -3.35 -6.60 -2.06
C ASP A 29 -3.41 -8.11 -1.81
N HIS A 30 -4.14 -8.50 -0.77
CA HIS A 30 -4.27 -9.92 -0.42
C HIS A 30 -5.26 -10.62 -1.33
N ALA A 31 -6.31 -9.89 -1.74
CA ALA A 31 -7.32 -10.45 -2.62
C ALA A 31 -6.69 -11.14 -3.82
N SER A 32 -5.60 -10.57 -4.32
CA SER A 32 -4.90 -11.11 -5.47
C SER A 32 -3.43 -11.40 -5.14
N ARG A 33 -3.00 -11.06 -3.93
CA ARG A 33 -1.62 -11.28 -3.52
C ARG A 33 -0.65 -10.50 -4.41
N ARG A 34 -0.82 -9.19 -4.45
CA ARG A 34 0.05 -8.35 -5.27
C ARG A 34 0.22 -6.97 -4.65
N THR A 35 0.83 -6.06 -5.40
CA THR A 35 1.06 -4.69 -4.93
C THR A 35 0.88 -3.68 -6.05
N THR A 36 0.95 -2.41 -5.70
CA THR A 36 0.79 -1.33 -6.68
C THR A 36 1.19 0.02 -6.09
N TRP A 37 1.31 1.01 -6.96
CA TRP A 37 1.69 2.35 -6.53
C TRP A 37 0.47 3.21 -6.22
N ILE A 38 -0.66 2.56 -5.97
CA ILE A 38 -1.89 3.29 -5.69
C ILE A 38 -2.61 2.73 -4.47
N ASP A 39 -3.13 3.63 -3.64
CA ASP A 39 -3.86 3.25 -2.42
C ASP A 39 -5.36 3.14 -2.68
N PRO A 40 -5.93 1.93 -2.58
CA PRO A 40 -7.37 1.73 -2.80
C PRO A 40 -8.19 2.66 -1.92
N ARG A 41 -7.62 3.07 -0.79
CA ARG A 41 -8.29 3.97 0.13
C ARG A 41 -8.62 5.30 -0.55
N ASN A 42 -7.84 5.64 -1.56
CA ASN A 42 -8.04 6.89 -2.30
C ASN A 42 -7.96 6.65 -3.80
N GLY A 43 -6.76 6.33 -4.29
CA GLY A 43 -6.57 6.08 -5.71
C GLY A 43 -5.53 7.00 -6.32
N ARG A 44 -4.46 7.25 -5.57
CA ARG A 44 -3.39 8.13 -6.05
C ARG A 44 -2.02 7.49 -5.81
N ALA A 45 -0.98 8.12 -6.34
CA ALA A 45 0.37 7.62 -6.19
C ALA A 45 0.85 7.70 -4.74
N SER A 46 0.20 6.93 -3.87
CA SER A 46 0.55 6.91 -2.44
C SER A 46 0.78 8.32 -1.91
N THR B 1 10.94 1.21 -13.16
CA THR B 1 10.00 0.51 -12.26
C THR B 1 10.64 0.19 -10.92
N GLY B 2 10.02 -0.73 -10.17
CA GLY B 2 10.56 -1.11 -8.88
C GLY B 2 9.46 -1.31 -7.85
N LEU B 3 8.46 -2.10 -8.21
CA LEU B 3 7.34 -2.38 -7.30
C LEU B 3 7.35 -3.82 -6.83
N PRO B 4 8.08 -4.12 -5.73
CA PRO B 4 8.16 -5.48 -5.18
C PRO B 4 6.78 -6.08 -4.97
N SER B 5 6.38 -6.95 -5.90
CA SER B 5 5.07 -7.58 -5.81
C SER B 5 4.86 -8.22 -4.45
N TYR B 6 3.60 -8.32 -4.04
CA TYR B 6 3.25 -8.90 -2.76
C TYR B 6 3.67 -10.36 -2.68
N ASP B 7 4.94 -10.58 -2.38
CA ASP B 7 5.49 -11.93 -2.27
C ASP B 7 6.96 -11.88 -1.91
N GLU B 8 7.68 -10.90 -2.47
CA GLU B 8 9.10 -10.74 -2.21
C GLU B 8 9.38 -9.39 -1.56
N ALA B 9 8.35 -8.77 -0.99
CA ALA B 9 8.50 -7.48 -0.33
C ALA B 9 8.27 -7.59 1.17
N LEU B 10 7.31 -8.43 1.55
CA LEU B 10 6.99 -8.63 2.96
C LEU B 10 8.21 -9.12 3.74
N HIS B 11 8.58 -8.37 4.77
CA HIS B 11 9.73 -8.73 5.60
C HIS B 11 9.99 -7.66 6.66
N GLY A 1 -19.88 14.13 -3.04
CA GLY A 1 -20.90 13.17 -2.64
C GLY A 1 -20.24 11.91 -2.10
N PRO A 2 -19.28 11.33 -2.84
CA PRO A 2 -18.58 10.11 -2.42
C PRO A 2 -17.97 10.25 -1.03
N LEU A 3 -17.16 9.27 -0.65
CA LEU A 3 -16.50 9.28 0.65
C LEU A 3 -15.05 8.82 0.54
N GLY A 4 -14.38 9.29 -0.51
CA GLY A 4 -12.99 8.91 -0.71
C GLY A 4 -12.03 10.05 -0.40
N SER A 5 -12.53 11.29 -0.48
CA SER A 5 -11.72 12.46 -0.21
C SER A 5 -11.50 12.63 1.30
N GLY A 6 -10.52 11.92 1.84
CA GLY A 6 -10.23 12.02 3.25
C GLY A 6 -8.79 12.42 3.52
N GLU A 7 -8.14 11.72 4.45
CA GLU A 7 -6.75 12.01 4.80
C GLU A 7 -5.96 10.73 4.98
N GLU A 8 -6.36 9.92 5.98
CA GLU A 8 -5.68 8.67 6.26
C GLU A 8 -6.67 7.54 6.46
N GLU A 9 -6.58 6.52 5.62
CA GLU A 9 -7.47 5.36 5.70
C GLU A 9 -6.74 4.17 6.32
N PRO A 10 -7.49 3.23 6.95
CA PRO A 10 -6.90 2.06 7.58
C PRO A 10 -6.72 0.88 6.62
N LEU A 11 -6.47 1.19 5.35
CA LEU A 11 -6.27 0.15 4.34
C LEU A 11 -7.53 -0.71 4.20
N PRO A 12 -7.99 -0.95 2.96
CA PRO A 12 -9.18 -1.76 2.71
C PRO A 12 -9.17 -3.09 3.45
N PRO A 13 -10.17 -3.95 3.19
CA PRO A 13 -10.32 -5.26 3.84
C PRO A 13 -9.27 -6.28 3.46
N ARG A 14 -8.51 -6.02 2.43
CA ARG A 14 -7.50 -6.97 1.99
C ARG A 14 -6.25 -6.28 1.50
N TRP A 15 -5.79 -5.28 2.25
CA TRP A 15 -4.59 -4.55 1.86
C TRP A 15 -3.73 -4.18 3.05
N SER A 16 -2.52 -3.71 2.75
CA SER A 16 -1.57 -3.31 3.78
C SER A 16 -0.74 -2.12 3.30
N MET A 17 0.43 -1.93 3.90
CA MET A 17 1.31 -0.83 3.54
C MET A 17 2.77 -1.22 3.66
N GLN A 18 3.61 -0.68 2.80
CA GLN A 18 5.02 -0.98 2.81
C GLN A 18 5.79 -0.02 1.90
N VAL A 19 6.94 0.46 2.38
CA VAL A 19 7.78 1.36 1.61
C VAL A 19 8.71 0.60 0.69
N ALA A 20 8.74 1.00 -0.58
CA ALA A 20 9.58 0.33 -1.57
C ALA A 20 10.85 1.14 -1.83
N PRO A 21 11.96 0.45 -2.15
CA PRO A 21 13.24 1.11 -2.44
C PRO A 21 13.11 2.08 -3.61
N ASN A 22 12.11 1.85 -4.45
CA ASN A 22 11.87 2.70 -5.61
C ASN A 22 11.86 4.18 -5.21
N GLY A 23 11.21 4.47 -4.09
CA GLY A 23 11.13 5.84 -3.61
C GLY A 23 9.77 6.21 -3.07
N ARG A 24 8.77 5.37 -3.35
CA ARG A 24 7.41 5.62 -2.87
C ARG A 24 6.82 4.37 -2.22
N THR A 25 5.86 4.59 -1.33
CA THR A 25 5.20 3.49 -0.65
C THR A 25 4.18 2.85 -1.56
N PHE A 26 4.01 1.54 -1.44
CA PHE A 26 3.05 0.83 -2.26
C PHE A 26 1.98 0.17 -1.41
N PHE A 27 0.90 -0.26 -2.07
CA PHE A 27 -0.21 -0.90 -1.38
C PHE A 27 -0.29 -2.37 -1.73
N ILE A 28 -0.25 -3.20 -0.70
CA ILE A 28 -0.33 -4.63 -0.87
C ILE A 28 -1.79 -5.06 -0.97
N ASP A 29 -2.02 -6.07 -1.80
CA ASP A 29 -3.37 -6.58 -2.01
C ASP A 29 -3.43 -8.08 -1.71
N HIS A 30 -4.20 -8.44 -0.68
CA HIS A 30 -4.34 -9.84 -0.29
C HIS A 30 -5.33 -10.56 -1.20
N ALA A 31 -6.29 -9.82 -1.73
CA ALA A 31 -7.29 -10.40 -2.63
C ALA A 31 -6.63 -11.16 -3.76
N SER A 32 -5.62 -10.54 -4.36
CA SER A 32 -4.89 -11.16 -5.47
C SER A 32 -3.44 -11.48 -5.08
N ARG A 33 -3.03 -11.07 -3.88
CA ARG A 33 -1.67 -11.30 -3.40
C ARG A 33 -0.66 -10.54 -4.26
N ARG A 34 -0.91 -9.26 -4.48
CA ARG A 34 -0.02 -8.43 -5.27
C ARG A 34 0.11 -7.04 -4.67
N THR A 35 0.77 -6.13 -5.39
CA THR A 35 0.95 -4.76 -4.92
C THR A 35 0.70 -3.75 -6.03
N THR A 36 0.91 -2.48 -5.71
CA THR A 36 0.70 -1.41 -6.69
C THR A 36 1.13 -0.07 -6.12
N TRP A 37 1.26 0.93 -6.99
CA TRP A 37 1.67 2.26 -6.59
C TRP A 37 0.47 3.14 -6.26
N ILE A 38 -0.67 2.51 -6.00
CA ILE A 38 -1.88 3.26 -5.70
C ILE A 38 -2.59 2.72 -4.46
N ASP A 39 -3.11 3.63 -3.65
CA ASP A 39 -3.82 3.25 -2.43
C ASP A 39 -5.32 3.16 -2.68
N PRO A 40 -5.90 1.94 -2.65
CA PRO A 40 -7.34 1.75 -2.89
C PRO A 40 -8.19 2.67 -2.01
N ARG A 41 -7.69 2.99 -0.82
CA ARG A 41 -8.40 3.86 0.10
C ARG A 41 -8.73 5.21 -0.55
N ASN A 42 -7.96 5.55 -1.59
CA ASN A 42 -8.17 6.81 -2.30
C ASN A 42 -8.10 6.61 -3.81
N GLY A 43 -6.91 6.25 -4.29
CA GLY A 43 -6.71 6.03 -5.71
C GLY A 43 -5.62 6.91 -6.29
N ARG A 44 -4.60 7.19 -5.48
CA ARG A 44 -3.49 8.03 -5.93
C ARG A 44 -2.15 7.42 -5.52
N ALA A 45 -1.07 8.08 -5.89
CA ALA A 45 0.27 7.61 -5.56
C ALA A 45 0.43 7.42 -4.06
N SER A 46 0.54 6.17 -3.63
CA SER A 46 0.70 5.85 -2.22
C SER A 46 1.96 6.50 -1.65
N THR B 1 8.31 -1.21 -12.53
CA THR B 1 8.70 0.14 -12.05
C THR B 1 9.27 0.08 -10.63
N GLY B 2 9.96 -1.01 -10.32
CA GLY B 2 10.55 -1.17 -9.00
C GLY B 2 9.49 -1.30 -7.91
N LEU B 3 8.47 -2.10 -8.17
CA LEU B 3 7.39 -2.31 -7.21
C LEU B 3 7.44 -3.73 -6.64
N PRO B 4 8.15 -3.91 -5.52
CA PRO B 4 8.26 -5.22 -4.86
C PRO B 4 6.90 -5.87 -4.68
N SER B 5 6.49 -6.68 -5.66
CA SER B 5 5.20 -7.35 -5.61
C SER B 5 4.99 -8.04 -4.27
N TYR B 6 3.72 -8.35 -3.98
CA TYR B 6 3.36 -9.00 -2.74
C TYR B 6 3.83 -10.46 -2.72
N ASP B 7 5.14 -10.64 -2.51
CA ASP B 7 5.73 -11.96 -2.47
C ASP B 7 7.22 -11.87 -2.12
N GLU B 8 7.90 -10.92 -2.75
CA GLU B 8 9.32 -10.71 -2.50
C GLU B 8 9.58 -9.35 -1.85
N ALA B 9 8.54 -8.80 -1.23
CA ALA B 9 8.65 -7.51 -0.56
C ALA B 9 8.47 -7.66 0.95
N LEU B 10 7.54 -8.51 1.34
CA LEU B 10 7.27 -8.75 2.76
C LEU B 10 8.55 -9.16 3.49
N HIS B 11 9.32 -10.06 2.86
CA HIS B 11 10.56 -10.54 3.44
C HIS B 11 11.77 -10.08 2.62
N GLY A 1 -4.07 2.70 17.77
CA GLY A 1 -5.08 2.90 18.80
C GLY A 1 -5.27 4.37 19.07
N PRO A 2 -4.17 5.11 19.31
CA PRO A 2 -4.22 6.55 19.59
C PRO A 2 -4.63 7.35 18.36
N LEU A 3 -4.65 8.68 18.51
CA LEU A 3 -5.01 9.57 17.41
C LEU A 3 -3.76 10.17 16.76
N GLY A 4 -3.01 9.34 16.06
CA GLY A 4 -1.80 9.80 15.39
C GLY A 4 -2.03 11.07 14.59
N SER A 5 -0.95 11.83 14.38
CA SER A 5 -1.04 13.07 13.63
C SER A 5 -0.56 12.87 12.20
N GLY A 6 -0.69 11.65 11.71
CA GLY A 6 -0.25 11.34 10.35
C GLY A 6 -1.42 11.14 9.40
N GLU A 7 -1.11 10.99 8.12
CA GLU A 7 -2.13 10.78 7.10
C GLU A 7 -2.31 9.30 6.80
N GLU A 8 -2.01 8.45 7.79
CA GLU A 8 -2.14 7.01 7.64
C GLU A 8 -3.60 6.62 7.50
N GLU A 9 -4.11 6.66 6.27
CA GLU A 9 -5.50 6.31 6.01
C GLU A 9 -5.72 4.81 6.15
N PRO A 10 -6.94 4.41 6.56
CA PRO A 10 -7.28 2.99 6.73
C PRO A 10 -7.12 2.17 5.46
N LEU A 11 -6.54 0.99 5.59
CA LEU A 11 -6.34 0.09 4.45
C LEU A 11 -7.55 -0.83 4.30
N PRO A 12 -8.03 -1.03 3.07
CA PRO A 12 -9.21 -1.87 2.81
C PRO A 12 -9.13 -3.24 3.49
N PRO A 13 -10.15 -4.09 3.24
CA PRO A 13 -10.24 -5.42 3.86
C PRO A 13 -9.22 -6.43 3.37
N ARG A 14 -8.39 -6.05 2.42
CA ARG A 14 -7.41 -6.98 1.90
C ARG A 14 -6.16 -6.25 1.42
N TRP A 15 -5.74 -5.25 2.17
CA TRP A 15 -4.55 -4.49 1.79
C TRP A 15 -3.69 -4.14 2.98
N SER A 16 -2.49 -3.64 2.68
CA SER A 16 -1.53 -3.24 3.70
C SER A 16 -0.71 -2.05 3.22
N MET A 17 0.43 -1.84 3.86
CA MET A 17 1.30 -0.73 3.50
C MET A 17 2.77 -1.15 3.60
N GLN A 18 3.56 -0.75 2.61
CA GLN A 18 4.97 -1.10 2.60
C GLN A 18 5.76 -0.15 1.68
N VAL A 19 6.84 0.41 2.21
CA VAL A 19 7.68 1.32 1.44
C VAL A 19 8.61 0.55 0.52
N ALA A 20 8.66 0.95 -0.74
CA ALA A 20 9.50 0.29 -1.72
C ALA A 20 10.80 1.05 -1.93
N PRO A 21 11.88 0.34 -2.32
CA PRO A 21 13.19 0.96 -2.56
C PRO A 21 13.11 1.98 -3.69
N ASN A 22 12.11 1.82 -4.55
CA ASN A 22 11.89 2.72 -5.67
C ASN A 22 11.93 4.17 -5.22
N GLY A 23 11.36 4.42 -4.04
CA GLY A 23 11.33 5.76 -3.50
C GLY A 23 9.96 6.17 -3.00
N ARG A 24 8.95 5.36 -3.33
CA ARG A 24 7.58 5.65 -2.91
C ARG A 24 6.93 4.42 -2.28
N THR A 25 5.93 4.66 -1.45
CA THR A 25 5.21 3.58 -0.78
C THR A 25 4.14 3.02 -1.70
N PHE A 26 3.90 1.72 -1.59
CA PHE A 26 2.90 1.07 -2.42
C PHE A 26 1.80 0.44 -1.55
N PHE A 27 0.85 -0.21 -2.20
CA PHE A 27 -0.25 -0.85 -1.49
C PHE A 27 -0.35 -2.32 -1.86
N ILE A 28 -0.29 -3.15 -0.84
CA ILE A 28 -0.37 -4.58 -1.03
C ILE A 28 -1.82 -5.03 -1.11
N ASP A 29 -2.06 -6.05 -1.92
CA ASP A 29 -3.41 -6.59 -2.11
C ASP A 29 -3.44 -8.09 -1.79
N HIS A 30 -4.15 -8.44 -0.72
CA HIS A 30 -4.25 -9.83 -0.30
C HIS A 30 -5.26 -10.58 -1.17
N ALA A 31 -6.28 -9.88 -1.64
CA ALA A 31 -7.31 -10.48 -2.49
C ALA A 31 -6.67 -11.29 -3.62
N SER A 32 -5.62 -10.74 -4.21
CA SER A 32 -4.94 -11.41 -5.31
C SER A 32 -3.45 -11.61 -4.99
N ARG A 33 -3.03 -11.20 -3.79
CA ARG A 33 -1.63 -11.34 -3.39
C ARG A 33 -0.70 -10.57 -4.33
N ARG A 34 -0.90 -9.26 -4.40
CA ARG A 34 -0.08 -8.41 -5.26
C ARG A 34 0.10 -7.04 -4.64
N THR A 35 0.60 -6.09 -5.43
CA THR A 35 0.82 -4.73 -4.96
C THR A 35 0.57 -3.71 -6.06
N THR A 36 0.72 -2.43 -5.74
CA THR A 36 0.51 -1.36 -6.71
C THR A 36 0.94 -0.02 -6.15
N TRP A 37 1.11 0.96 -7.04
CA TRP A 37 1.50 2.30 -6.64
C TRP A 37 0.31 3.17 -6.29
N ILE A 38 -0.84 2.54 -6.06
CA ILE A 38 -2.05 3.28 -5.74
C ILE A 38 -2.71 2.74 -4.48
N ASP A 39 -3.26 3.66 -3.68
CA ASP A 39 -3.93 3.30 -2.44
C ASP A 39 -5.44 3.24 -2.62
N PRO A 40 -6.04 2.04 -2.58
CA PRO A 40 -7.49 1.89 -2.73
C PRO A 40 -8.24 2.86 -1.83
N ARG A 41 -7.67 3.11 -0.66
CA ARG A 41 -8.28 4.04 0.31
C ARG A 41 -8.56 5.38 -0.34
N ASN A 42 -7.76 5.73 -1.35
CA ASN A 42 -7.91 6.99 -2.06
C ASN A 42 -7.95 6.78 -3.57
N GLY A 43 -6.82 6.37 -4.13
CA GLY A 43 -6.74 6.14 -5.57
C GLY A 43 -5.72 7.04 -6.24
N ARG A 44 -4.58 7.25 -5.58
CA ARG A 44 -3.52 8.08 -6.13
C ARG A 44 -2.16 7.46 -5.88
N ALA A 45 -1.12 8.09 -6.41
CA ALA A 45 0.24 7.59 -6.26
C ALA A 45 0.70 7.65 -4.80
N SER A 46 0.08 6.84 -3.95
CA SER A 46 0.42 6.79 -2.54
C SER A 46 0.55 8.19 -1.94
N THR B 1 10.28 1.72 -12.13
CA THR B 1 9.55 0.42 -12.23
C THR B 1 10.03 -0.55 -11.16
N GLY B 2 10.03 -0.10 -9.91
CA GLY B 2 10.45 -0.94 -8.81
C GLY B 2 9.36 -1.14 -7.77
N LEU B 3 8.37 -1.94 -8.11
CA LEU B 3 7.26 -2.21 -7.20
C LEU B 3 7.32 -3.64 -6.67
N PRO B 4 8.15 -3.91 -5.65
CA PRO B 4 8.26 -5.24 -5.06
C PRO B 4 6.90 -5.90 -4.86
N SER B 5 6.55 -6.79 -5.77
CA SER B 5 5.27 -7.48 -5.71
C SER B 5 5.04 -8.11 -4.34
N TYR B 6 3.78 -8.35 -4.01
CA TYR B 6 3.41 -8.94 -2.74
C TYR B 6 3.88 -10.39 -2.66
N ASP B 7 5.19 -10.57 -2.51
CA ASP B 7 5.77 -11.90 -2.42
C ASP B 7 7.25 -11.81 -2.04
N GLU B 8 7.94 -10.82 -2.60
CA GLU B 8 9.36 -10.63 -2.32
C GLU B 8 9.58 -9.38 -1.48
N ALA B 9 8.52 -8.86 -0.87
CA ALA B 9 8.62 -7.66 -0.04
C ALA B 9 8.44 -8.01 1.44
N LEU B 10 7.50 -8.89 1.73
CA LEU B 10 7.24 -9.30 3.11
C LEU B 10 8.48 -9.90 3.75
N HIS B 11 9.06 -9.19 4.70
CA HIS B 11 10.26 -9.66 5.39
C HIS B 11 9.93 -10.10 6.81
N GLY A 1 -4.27 13.04 15.66
CA GLY A 1 -5.70 12.81 15.51
C GLY A 1 -6.28 13.79 14.52
N PRO A 2 -6.00 15.10 14.68
CA PRO A 2 -6.51 16.14 13.78
C PRO A 2 -6.24 15.82 12.31
N LEU A 3 -7.03 16.42 11.42
CA LEU A 3 -6.88 16.20 10.00
C LEU A 3 -5.47 16.52 9.54
N GLY A 4 -4.60 15.52 9.53
CA GLY A 4 -3.22 15.72 9.11
C GLY A 4 -2.57 14.43 8.64
N SER A 5 -1.94 13.71 9.57
CA SER A 5 -1.27 12.46 9.24
C SER A 5 -0.99 11.64 10.50
N GLY A 6 -1.91 10.73 10.82
CA GLY A 6 -1.74 9.90 12.00
C GLY A 6 -2.54 8.61 11.92
N GLU A 7 -3.86 8.75 11.87
CA GLU A 7 -4.74 7.59 11.79
C GLU A 7 -5.01 7.20 10.34
N GLU A 8 -5.87 7.95 9.67
CA GLU A 8 -6.21 7.68 8.29
C GLU A 8 -7.02 6.40 8.16
N GLU A 9 -7.24 5.94 6.93
CA GLU A 9 -8.00 4.73 6.68
C GLU A 9 -7.26 3.51 7.23
N PRO A 10 -8.02 2.48 7.67
CA PRO A 10 -7.44 1.27 8.22
C PRO A 10 -7.15 0.21 7.14
N LEU A 11 -6.81 0.66 5.96
CA LEU A 11 -6.51 -0.25 4.85
C LEU A 11 -7.70 -1.18 4.58
N PRO A 12 -8.42 -0.96 3.47
CA PRO A 12 -9.58 -1.77 3.09
C PRO A 12 -9.38 -3.28 3.34
N PRO A 13 -10.46 -4.06 3.20
CA PRO A 13 -10.45 -5.51 3.42
C PRO A 13 -9.14 -6.20 3.10
N ARG A 14 -8.76 -6.13 1.84
CA ARG A 14 -7.54 -6.78 1.39
C ARG A 14 -6.53 -5.76 0.87
N TRP A 15 -5.97 -4.98 1.79
CA TRP A 15 -4.99 -3.96 1.41
C TRP A 15 -4.13 -3.54 2.60
N SER A 16 -2.92 -3.07 2.29
CA SER A 16 -1.99 -2.64 3.33
C SER A 16 -1.01 -1.62 2.76
N MET A 17 -0.03 -1.24 3.59
CA MET A 17 0.97 -0.28 3.18
C MET A 17 2.38 -0.85 3.34
N GLN A 18 3.31 -0.40 2.51
CA GLN A 18 4.68 -0.88 2.57
C GLN A 18 5.61 -0.02 1.72
N VAL A 19 6.81 0.22 2.21
CA VAL A 19 7.79 1.03 1.50
C VAL A 19 8.61 0.17 0.54
N ALA A 20 8.83 0.66 -0.67
CA ALA A 20 9.60 -0.07 -1.67
C ALA A 20 10.96 0.58 -1.90
N PRO A 21 11.93 -0.20 -2.40
CA PRO A 21 13.28 0.31 -2.68
C PRO A 21 13.28 1.40 -3.72
N ASN A 22 12.31 1.34 -4.64
CA ASN A 22 12.19 2.33 -5.70
C ASN A 22 12.25 3.74 -5.13
N GLY A 23 11.71 3.92 -3.93
CA GLY A 23 11.72 5.22 -3.30
C GLY A 23 10.33 5.70 -2.89
N ARG A 24 9.31 4.93 -3.22
CA ARG A 24 7.94 5.29 -2.88
C ARG A 24 7.20 4.13 -2.22
N THR A 25 6.22 4.45 -1.37
CA THR A 25 5.45 3.44 -0.68
C THR A 25 4.36 2.87 -1.60
N PHE A 26 4.07 1.59 -1.41
CA PHE A 26 3.05 0.92 -2.22
C PHE A 26 2.04 0.20 -1.34
N PHE A 27 0.95 -0.24 -1.95
CA PHE A 27 -0.08 -0.96 -1.23
C PHE A 27 0.02 -2.46 -1.51
N ILE A 28 -0.40 -3.26 -0.54
CA ILE A 28 -0.33 -4.71 -0.68
C ILE A 28 -1.70 -5.33 -0.88
N ASP A 29 -1.96 -5.81 -2.09
CA ASP A 29 -3.23 -6.44 -2.42
C ASP A 29 -3.25 -7.90 -1.99
N HIS A 30 -3.97 -8.19 -0.92
CA HIS A 30 -4.07 -9.55 -0.40
C HIS A 30 -4.99 -10.39 -1.29
N ALA A 31 -5.92 -9.73 -1.97
CA ALA A 31 -6.85 -10.43 -2.85
C ALA A 31 -6.11 -11.30 -3.85
N SER A 32 -4.94 -10.85 -4.27
CA SER A 32 -4.13 -11.59 -5.23
C SER A 32 -2.66 -11.59 -4.83
N ARG A 33 -2.39 -11.29 -3.56
CA ARG A 33 -1.01 -11.25 -3.07
C ARG A 33 -0.12 -10.44 -4.00
N ARG A 34 -0.57 -9.23 -4.34
CA ARG A 34 0.20 -8.35 -5.22
C ARG A 34 0.38 -6.97 -4.58
N THR A 35 1.02 -6.07 -5.32
CA THR A 35 1.26 -4.73 -4.83
C THR A 35 0.93 -3.68 -5.90
N THR A 36 0.93 -2.41 -5.50
CA THR A 36 0.63 -1.32 -6.42
C THR A 36 1.03 0.02 -5.85
N TRP A 37 1.23 1.00 -6.72
CA TRP A 37 1.63 2.35 -6.30
C TRP A 37 0.43 3.20 -5.90
N ILE A 38 -0.74 2.59 -5.75
CA ILE A 38 -1.94 3.32 -5.39
C ILE A 38 -2.69 2.65 -4.25
N ASP A 39 -3.49 3.44 -3.55
CA ASP A 39 -4.26 2.93 -2.41
C ASP A 39 -5.77 3.01 -2.69
N PRO A 40 -6.52 1.94 -2.41
CA PRO A 40 -7.96 1.91 -2.63
C PRO A 40 -8.73 2.76 -1.61
N ARG A 41 -8.00 3.35 -0.66
CA ARG A 41 -8.62 4.19 0.36
C ARG A 41 -8.87 5.59 -0.19
N ASN A 42 -7.97 6.04 -1.06
CA ASN A 42 -8.08 7.36 -1.67
C ASN A 42 -7.94 7.26 -3.19
N GLY A 43 -6.96 6.46 -3.63
CA GLY A 43 -6.73 6.29 -5.05
C GLY A 43 -5.55 7.10 -5.54
N ARG A 44 -4.65 7.45 -4.62
CA ARG A 44 -3.48 8.24 -4.97
C ARG A 44 -2.20 7.52 -4.53
N ALA A 45 -1.06 8.06 -4.95
CA ALA A 45 0.24 7.46 -4.60
C ALA A 45 0.39 7.35 -3.08
N SER A 46 0.13 6.16 -2.55
CA SER A 46 0.24 5.92 -1.12
C SER A 46 -0.76 6.75 -0.35
N THR B 1 7.58 0.20 -12.26
CA THR B 1 8.96 0.74 -12.14
C THR B 1 9.48 0.60 -10.72
N GLY B 2 9.75 -0.64 -10.30
CA GLY B 2 10.24 -0.88 -8.96
C GLY B 2 9.14 -1.26 -7.99
N LEU B 3 8.05 -1.77 -8.52
CA LEU B 3 6.92 -2.19 -7.70
C LEU B 3 6.98 -3.69 -7.40
N PRO B 4 7.25 -4.06 -6.14
CA PRO B 4 7.32 -5.47 -5.72
C PRO B 4 6.01 -6.20 -6.00
N SER B 5 5.71 -7.21 -5.20
CA SER B 5 4.48 -7.97 -5.38
C SER B 5 4.20 -8.88 -4.19
N TYR B 6 4.21 -8.30 -2.99
CA TYR B 6 3.95 -9.07 -1.78
C TYR B 6 5.08 -10.05 -1.49
N ASP B 7 5.24 -11.03 -2.39
CA ASP B 7 6.29 -12.04 -2.23
C ASP B 7 7.67 -11.39 -2.28
N GLU B 8 7.81 -10.35 -3.09
CA GLU B 8 9.08 -9.65 -3.23
C GLU B 8 9.12 -8.43 -2.31
N ALA B 9 8.45 -8.54 -1.16
CA ALA B 9 8.42 -7.44 -0.20
C ALA B 9 7.69 -7.87 1.06
N LEU B 10 8.44 -8.44 2.00
CA LEU B 10 7.87 -8.90 3.27
C LEU B 10 8.89 -8.78 4.40
N HIS B 11 9.65 -7.69 4.40
CA HIS B 11 10.66 -7.47 5.43
C HIS B 11 10.39 -6.17 6.18
N GLY A 1 1.29 16.31 2.59
CA GLY A 1 2.55 15.60 2.66
C GLY A 1 2.64 14.82 3.96
N PRO A 2 2.35 15.46 5.10
CA PRO A 2 2.40 14.81 6.42
C PRO A 2 1.28 13.80 6.60
N LEU A 3 1.48 12.86 7.52
CA LEU A 3 0.48 11.84 7.80
C LEU A 3 -0.78 12.45 8.37
N GLY A 4 -0.63 13.55 9.10
CA GLY A 4 -1.78 14.22 9.69
C GLY A 4 -1.92 13.93 11.17
N SER A 5 -1.39 12.79 11.60
CA SER A 5 -1.47 12.39 13.00
C SER A 5 -2.90 12.04 13.40
N GLY A 6 -3.69 11.63 12.41
CA GLY A 6 -5.07 11.27 12.67
C GLY A 6 -5.38 9.83 12.30
N GLU A 7 -5.80 9.62 11.06
CA GLU A 7 -6.13 8.28 10.58
C GLU A 7 -6.08 8.21 9.06
N GLU A 8 -6.63 9.23 8.41
CA GLU A 8 -6.65 9.29 6.95
C GLU A 8 -7.61 8.25 6.38
N GLU A 9 -7.20 7.00 6.44
CA GLU A 9 -8.02 5.89 5.94
C GLU A 9 -7.31 4.55 6.17
N PRO A 10 -8.05 3.55 6.71
CA PRO A 10 -7.49 2.22 6.98
C PRO A 10 -7.51 1.33 5.74
N LEU A 11 -6.42 0.60 5.52
CA LEU A 11 -6.31 -0.30 4.38
C LEU A 11 -7.49 -1.27 4.35
N PRO A 12 -8.10 -1.49 3.17
CA PRO A 12 -9.24 -2.39 3.02
C PRO A 12 -9.01 -3.77 3.64
N PRO A 13 -10.01 -4.66 3.51
CA PRO A 13 -9.95 -6.02 4.07
C PRO A 13 -8.74 -6.84 3.65
N ARG A 14 -8.22 -6.58 2.48
CA ARG A 14 -7.09 -7.33 1.98
C ARG A 14 -6.00 -6.44 1.43
N TRP A 15 -5.56 -5.47 2.24
CA TRP A 15 -4.51 -4.57 1.81
C TRP A 15 -3.57 -4.18 2.94
N SER A 16 -2.40 -3.69 2.57
CA SER A 16 -1.39 -3.27 3.53
C SER A 16 -0.54 -2.15 2.96
N MET A 17 0.53 -1.80 3.65
CA MET A 17 1.42 -0.74 3.21
C MET A 17 2.88 -1.17 3.36
N GLN A 18 3.73 -0.68 2.47
CA GLN A 18 5.14 -1.02 2.51
C GLN A 18 5.96 -0.06 1.65
N VAL A 19 7.22 0.13 2.03
CA VAL A 19 8.11 1.03 1.29
C VAL A 19 9.01 0.23 0.36
N ALA A 20 9.10 0.68 -0.89
CA ALA A 20 9.92 0.00 -1.89
C ALA A 20 11.20 0.79 -2.16
N PRO A 21 12.18 0.15 -2.81
CA PRO A 21 13.45 0.79 -3.15
C PRO A 21 13.27 1.92 -4.15
N ASN A 22 12.19 1.83 -4.93
CA ASN A 22 11.89 2.84 -5.93
C ASN A 22 11.91 4.24 -5.32
N GLY A 23 11.66 4.30 -4.02
CA GLY A 23 11.65 5.58 -3.33
C GLY A 23 10.29 5.96 -2.80
N ARG A 24 9.26 5.20 -3.14
CA ARG A 24 7.91 5.48 -2.69
C ARG A 24 7.25 4.24 -2.12
N THR A 25 6.23 4.44 -1.29
CA THR A 25 5.51 3.34 -0.67
C THR A 25 4.42 2.82 -1.59
N PHE A 26 4.16 1.53 -1.53
CA PHE A 26 3.14 0.92 -2.37
C PHE A 26 2.04 0.27 -1.53
N PHE A 27 1.00 -0.19 -2.20
CA PHE A 27 -0.13 -0.83 -1.52
C PHE A 27 -0.22 -2.30 -1.85
N ILE A 28 -0.19 -3.12 -0.81
CA ILE A 28 -0.26 -4.56 -0.98
C ILE A 28 -1.71 -5.01 -1.10
N ASP A 29 -1.92 -6.05 -1.88
CA ASP A 29 -3.26 -6.59 -2.11
C ASP A 29 -3.31 -8.08 -1.75
N HIS A 30 -3.83 -8.38 -0.57
CA HIS A 30 -3.93 -9.76 -0.10
C HIS A 30 -4.97 -10.52 -0.92
N ALA A 31 -5.93 -9.80 -1.49
CA ALA A 31 -6.98 -10.42 -2.28
C ALA A 31 -6.40 -11.11 -3.52
N SER A 32 -5.74 -10.33 -4.37
CA SER A 32 -5.15 -10.87 -5.59
C SER A 32 -3.65 -11.14 -5.41
N ARG A 33 -3.11 -10.82 -4.23
CA ARG A 33 -1.70 -11.02 -3.96
C ARG A 33 -0.83 -10.19 -4.90
N ARG A 34 -1.10 -8.89 -4.95
CA ARG A 34 -0.35 -7.99 -5.81
C ARG A 34 -0.03 -6.68 -5.10
N THR A 35 0.67 -5.80 -5.79
CA THR A 35 1.05 -4.50 -5.23
C THR A 35 0.80 -3.38 -6.23
N THR A 36 0.81 -2.15 -5.74
CA THR A 36 0.57 -1.00 -6.61
C THR A 36 1.07 0.30 -5.95
N TRP A 37 1.19 1.34 -6.76
CA TRP A 37 1.65 2.63 -6.26
C TRP A 37 0.49 3.52 -5.82
N ILE A 38 -0.72 2.97 -5.78
CA ILE A 38 -1.89 3.74 -5.39
C ILE A 38 -2.71 2.99 -4.34
N ASP A 39 -3.33 3.74 -3.45
CA ASP A 39 -4.14 3.15 -2.39
C ASP A 39 -5.60 2.99 -2.83
N PRO A 40 -6.24 1.86 -2.47
CA PRO A 40 -7.63 1.59 -2.82
C PRO A 40 -8.61 2.20 -1.81
N ARG A 41 -8.09 2.98 -0.88
CA ARG A 41 -8.92 3.62 0.14
C ARG A 41 -9.53 4.92 -0.41
N ASN A 42 -8.70 5.71 -1.09
CA ASN A 42 -9.16 6.97 -1.67
C ASN A 42 -8.52 7.20 -3.03
N GLY A 43 -8.02 6.14 -3.65
CA GLY A 43 -7.39 6.25 -4.96
C GLY A 43 -6.28 7.29 -4.98
N ARG A 44 -5.38 7.22 -4.02
CA ARG A 44 -4.26 8.16 -3.94
C ARG A 44 -2.94 7.43 -3.80
N ALA A 45 -1.86 8.06 -4.23
CA ALA A 45 -0.53 7.46 -4.15
C ALA A 45 -0.01 7.50 -2.72
N SER A 46 0.60 6.40 -2.29
CA SER A 46 1.16 6.30 -0.95
C SER A 46 2.30 7.29 -0.75
N THR B 1 10.68 -0.34 -13.92
CA THR B 1 9.74 -0.12 -12.78
C THR B 1 10.42 -0.42 -11.44
N GLY B 2 9.76 -0.03 -10.36
CA GLY B 2 10.32 -0.25 -9.04
C GLY B 2 9.28 -0.73 -8.05
N LEU B 3 8.19 -1.30 -8.57
CA LEU B 3 7.11 -1.80 -7.71
C LEU B 3 7.24 -3.32 -7.53
N PRO B 4 7.67 -3.77 -6.33
CA PRO B 4 7.82 -5.19 -6.04
C PRO B 4 6.51 -5.96 -6.20
N SER B 5 6.34 -7.02 -5.42
CA SER B 5 5.12 -7.82 -5.50
C SER B 5 4.80 -8.48 -4.17
N TYR B 6 3.58 -9.00 -4.05
CA TYR B 6 3.14 -9.67 -2.83
C TYR B 6 3.95 -10.93 -2.58
N ASP B 7 5.08 -10.79 -1.88
CA ASP B 7 5.93 -11.93 -1.56
C ASP B 7 7.25 -11.46 -0.94
N GLU B 8 7.91 -10.53 -1.61
CA GLU B 8 9.18 -9.99 -1.12
C GLU B 8 9.00 -8.60 -0.52
N ALA B 9 7.88 -8.41 0.17
CA ALA B 9 7.59 -7.11 0.78
C ALA B 9 6.61 -7.27 1.95
N LEU B 10 6.66 -8.43 2.60
CA LEU B 10 5.79 -8.70 3.73
C LEU B 10 6.47 -8.38 5.05
N HIS B 11 7.80 -8.52 5.06
CA HIS B 11 8.59 -8.23 6.26
C HIS B 11 8.47 -6.77 6.65
N GLY A 1 2.51 17.62 8.33
CA GLY A 1 3.87 17.17 8.12
C GLY A 1 4.69 17.39 9.37
N PRO A 2 4.65 18.60 9.95
CA PRO A 2 5.40 18.93 11.16
C PRO A 2 4.97 18.08 12.36
N LEU A 3 3.65 17.98 12.54
CA LEU A 3 3.09 17.19 13.65
C LEU A 3 1.66 16.77 13.34
N GLY A 4 1.53 15.64 12.64
CA GLY A 4 0.22 15.14 12.28
C GLY A 4 -0.29 15.72 10.98
N SER A 5 -1.46 16.37 11.03
CA SER A 5 -2.05 16.96 9.84
C SER A 5 -2.33 15.90 8.77
N GLY A 6 -3.37 16.12 7.98
CA GLY A 6 -3.73 15.17 6.94
C GLY A 6 -4.93 14.33 7.31
N GLU A 7 -4.74 13.02 7.35
CA GLU A 7 -5.83 12.10 7.70
C GLU A 7 -5.32 10.67 7.76
N GLU A 8 -4.92 10.13 6.61
CA GLU A 8 -4.41 8.77 6.54
C GLU A 8 -5.51 7.75 6.83
N GLU A 9 -6.24 7.37 5.81
CA GLU A 9 -7.32 6.40 5.96
C GLU A 9 -6.77 4.99 6.06
N PRO A 10 -7.33 4.15 6.95
CA PRO A 10 -6.89 2.77 7.14
C PRO A 10 -6.84 2.00 5.83
N LEU A 11 -6.32 0.78 5.89
CA LEU A 11 -6.20 -0.07 4.70
C LEU A 11 -7.42 -0.99 4.59
N PRO A 12 -7.95 -1.15 3.37
CA PRO A 12 -9.13 -2.00 3.14
C PRO A 12 -9.01 -3.39 3.75
N PRO A 13 -9.99 -4.27 3.47
CA PRO A 13 -10.04 -5.63 4.02
C PRO A 13 -9.02 -6.61 3.44
N ARG A 14 -8.26 -6.17 2.45
CA ARG A 14 -7.29 -7.05 1.84
C ARG A 14 -6.06 -6.29 1.37
N TRP A 15 -5.64 -5.31 2.17
CA TRP A 15 -4.47 -4.52 1.80
C TRP A 15 -3.58 -4.20 2.99
N SER A 16 -2.39 -3.69 2.69
CA SER A 16 -1.42 -3.33 3.71
C SER A 16 -0.57 -2.15 3.24
N MET A 17 0.60 -1.99 3.83
CA MET A 17 1.49 -0.91 3.48
C MET A 17 2.96 -1.36 3.52
N GLN A 18 3.75 -0.81 2.63
CA GLN A 18 5.17 -1.15 2.56
C GLN A 18 5.91 -0.20 1.63
N VAL A 19 7.05 0.31 2.10
CA VAL A 19 7.85 1.23 1.30
C VAL A 19 8.76 0.47 0.33
N ALA A 20 8.70 0.85 -0.94
CA ALA A 20 9.52 0.21 -1.96
C ALA A 20 10.85 0.93 -2.13
N PRO A 21 11.90 0.20 -2.54
CA PRO A 21 13.23 0.78 -2.75
C PRO A 21 13.21 1.86 -3.82
N ASN A 22 12.21 1.79 -4.70
CA ASN A 22 12.06 2.77 -5.76
C ASN A 22 12.05 4.18 -5.21
N GLY A 23 11.53 4.33 -4.00
CA GLY A 23 11.49 5.64 -3.36
C GLY A 23 10.09 6.05 -2.94
N ARG A 24 9.09 5.24 -3.27
CA ARG A 24 7.71 5.54 -2.91
C ARG A 24 7.04 4.33 -2.27
N THR A 25 6.04 4.61 -1.43
CA THR A 25 5.29 3.56 -0.77
C THR A 25 4.21 3.00 -1.68
N PHE A 26 3.94 1.72 -1.56
CA PHE A 26 2.92 1.08 -2.39
C PHE A 26 1.83 0.46 -1.53
N PHE A 27 0.88 -0.19 -2.19
CA PHE A 27 -0.22 -0.83 -1.50
C PHE A 27 -0.32 -2.29 -1.89
N ILE A 28 -0.30 -3.15 -0.89
CA ILE A 28 -0.39 -4.58 -1.12
C ILE A 28 -1.84 -5.02 -1.19
N ASP A 29 -2.08 -6.06 -1.97
CA ASP A 29 -3.43 -6.59 -2.16
C ASP A 29 -3.46 -8.08 -1.89
N HIS A 30 -4.24 -8.48 -0.89
CA HIS A 30 -4.36 -9.89 -0.53
C HIS A 30 -5.37 -10.60 -1.42
N ALA A 31 -6.36 -9.85 -1.90
CA ALA A 31 -7.39 -10.41 -2.78
C ALA A 31 -6.76 -11.22 -3.90
N SER A 32 -5.68 -10.69 -4.47
CA SER A 32 -4.97 -11.37 -5.54
C SER A 32 -3.49 -11.56 -5.21
N ARG A 33 -3.09 -11.16 -4.00
CA ARG A 33 -1.70 -11.30 -3.58
C ARG A 33 -0.77 -10.52 -4.51
N ARG A 34 -0.86 -9.20 -4.46
CA ARG A 34 -0.02 -8.35 -5.31
C ARG A 34 0.18 -6.97 -4.68
N THR A 35 0.73 -6.06 -5.47
CA THR A 35 0.98 -4.69 -5.01
C THR A 35 0.74 -3.68 -6.11
N THR A 36 0.72 -2.40 -5.75
CA THR A 36 0.50 -1.33 -6.72
C THR A 36 0.91 0.02 -6.15
N TRP A 37 1.03 1.00 -7.04
CA TRP A 37 1.42 2.35 -6.64
C TRP A 37 0.20 3.19 -6.26
N ILE A 38 -0.94 2.55 -6.06
CA ILE A 38 -2.15 3.27 -5.71
C ILE A 38 -2.80 2.75 -4.44
N ASP A 39 -3.48 3.65 -3.73
CA ASP A 39 -4.15 3.30 -2.48
C ASP A 39 -5.66 3.19 -2.69
N PRO A 40 -6.24 1.99 -2.53
CA PRO A 40 -7.68 1.78 -2.70
C PRO A 40 -8.49 2.77 -1.87
N ARG A 41 -7.90 3.25 -0.78
CA ARG A 41 -8.58 4.20 0.10
C ARG A 41 -8.84 5.51 -0.63
N ASN A 42 -7.96 5.84 -1.57
CA ASN A 42 -8.11 7.07 -2.35
C ASN A 42 -8.06 6.78 -3.85
N GLY A 43 -6.90 6.37 -4.33
CA GLY A 43 -6.74 6.07 -5.74
C GLY A 43 -5.70 6.93 -6.42
N ARG A 44 -4.62 7.23 -5.69
CA ARG A 44 -3.54 8.06 -6.23
C ARG A 44 -2.18 7.47 -5.89
N ALA A 45 -1.14 8.06 -6.46
CA ALA A 45 0.23 7.59 -6.24
C ALA A 45 0.63 7.74 -4.77
N SER A 46 1.09 6.64 -4.18
CA SER A 46 1.51 6.65 -2.78
C SER A 46 3.01 6.89 -2.67
N THR B 1 11.78 0.13 -12.73
CA THR B 1 10.52 0.73 -12.22
C THR B 1 10.41 0.54 -10.70
N GLY B 2 9.96 -0.64 -10.30
CA GLY B 2 9.82 -0.94 -8.88
C GLY B 2 8.51 -1.64 -8.57
N LEU B 3 7.93 -1.32 -7.42
CA LEU B 3 6.68 -1.93 -6.99
C LEU B 3 6.87 -3.41 -6.68
N PRO B 4 7.64 -3.73 -5.62
CA PRO B 4 7.89 -5.11 -5.22
C PRO B 4 6.59 -5.89 -5.05
N SER B 5 6.51 -7.02 -5.74
CA SER B 5 5.30 -7.85 -5.68
C SER B 5 5.05 -8.33 -4.25
N TYR B 6 3.77 -8.52 -3.94
CA TYR B 6 3.37 -8.98 -2.61
C TYR B 6 3.77 -10.43 -2.40
N ASP B 7 5.06 -10.65 -2.12
CA ASP B 7 5.57 -11.99 -1.89
C ASP B 7 7.05 -11.95 -1.50
N GLU B 8 7.80 -11.05 -2.12
CA GLU B 8 9.22 -10.91 -1.83
C GLU B 8 9.54 -9.53 -1.28
N ALA B 9 8.53 -8.88 -0.70
CA ALA B 9 8.71 -7.55 -0.13
C ALA B 9 7.85 -7.37 1.12
N LEU B 10 7.96 -8.30 2.05
CA LEU B 10 7.20 -8.25 3.30
C LEU B 10 7.88 -9.06 4.38
N HIS B 11 8.50 -8.37 5.32
CA HIS B 11 9.20 -9.02 6.43
C HIS B 11 8.40 -8.89 7.73
N GLY A 1 -19.71 11.87 2.54
CA GLY A 1 -21.11 11.57 2.46
C GLY A 1 -21.42 10.86 1.15
N PRO A 2 -20.96 11.42 0.02
CA PRO A 2 -21.18 10.83 -1.31
C PRO A 2 -20.40 9.55 -1.51
N LEU A 3 -21.08 8.41 -1.39
CA LEU A 3 -20.43 7.10 -1.56
C LEU A 3 -19.20 6.99 -0.66
N GLY A 4 -19.41 7.22 0.63
CA GLY A 4 -18.31 7.13 1.58
C GLY A 4 -18.54 7.97 2.81
N SER A 5 -18.19 7.43 3.98
CA SER A 5 -18.36 8.14 5.24
C SER A 5 -17.06 8.14 6.03
N GLY A 6 -15.96 8.46 5.36
CA GLY A 6 -14.67 8.50 6.03
C GLY A 6 -13.72 9.51 5.42
N GLU A 7 -12.44 9.37 5.71
CA GLU A 7 -11.43 10.28 5.18
C GLU A 7 -10.09 9.58 5.02
N GLU A 8 -9.69 8.83 6.05
CA GLU A 8 -8.43 8.10 6.02
C GLU A 8 -8.63 6.64 6.40
N GLU A 9 -9.09 5.84 5.46
CA GLU A 9 -9.34 4.42 5.70
C GLU A 9 -8.00 3.68 5.93
N PRO A 10 -7.87 2.99 7.07
CA PRO A 10 -6.65 2.24 7.40
C PRO A 10 -6.47 1.00 6.53
N LEU A 11 -6.24 1.21 5.24
CA LEU A 11 -6.04 0.10 4.31
C LEU A 11 -7.30 -0.77 4.24
N PRO A 12 -7.84 -1.00 3.03
CA PRO A 12 -9.06 -1.80 2.85
C PRO A 12 -9.00 -3.14 3.57
N PRO A 13 -10.03 -3.99 3.35
CA PRO A 13 -10.14 -5.31 3.99
C PRO A 13 -9.07 -6.31 3.60
N ARG A 14 -8.40 -6.06 2.51
CA ARG A 14 -7.37 -6.99 2.04
C ARG A 14 -6.14 -6.27 1.52
N TRP A 15 -5.67 -5.30 2.28
CA TRP A 15 -4.50 -4.53 1.88
C TRP A 15 -3.61 -4.17 3.05
N SER A 16 -2.40 -3.70 2.74
CA SER A 16 -1.43 -3.30 3.76
C SER A 16 -0.58 -2.14 3.26
N MET A 17 0.55 -1.92 3.93
CA MET A 17 1.44 -0.84 3.55
C MET A 17 2.90 -1.29 3.61
N GLN A 18 3.71 -0.77 2.69
CA GLN A 18 5.12 -1.12 2.64
C GLN A 18 5.89 -0.14 1.75
N VAL A 19 6.97 0.42 2.29
CA VAL A 19 7.79 1.37 1.56
C VAL A 19 8.73 0.65 0.60
N ALA A 20 8.66 1.02 -0.67
CA ALA A 20 9.51 0.41 -1.69
C ALA A 20 10.80 1.20 -1.88
N PRO A 21 11.93 0.50 -2.09
CA PRO A 21 13.23 1.15 -2.30
C PRO A 21 13.20 2.12 -3.47
N ASN A 22 12.24 1.91 -4.37
CA ASN A 22 12.08 2.76 -5.54
C ASN A 22 12.02 4.23 -5.12
N GLY A 23 11.28 4.51 -4.06
CA GLY A 23 11.15 5.87 -3.58
C GLY A 23 9.75 6.21 -3.10
N ARG A 24 8.78 5.35 -3.42
CA ARG A 24 7.41 5.58 -3.00
C ARG A 24 6.80 4.35 -2.37
N THR A 25 5.88 4.57 -1.44
CA THR A 25 5.20 3.47 -0.76
C THR A 25 4.22 2.78 -1.70
N PHE A 26 4.07 1.48 -1.53
CA PHE A 26 3.16 0.71 -2.37
C PHE A 26 2.11 0.01 -1.52
N PHE A 27 0.94 -0.21 -2.10
CA PHE A 27 -0.15 -0.87 -1.39
C PHE A 27 -0.25 -2.34 -1.79
N ILE A 28 -0.22 -3.20 -0.77
CA ILE A 28 -0.31 -4.62 -0.97
C ILE A 28 -1.76 -5.06 -1.08
N ASP A 29 -2.01 -6.06 -1.90
CA ASP A 29 -3.35 -6.58 -2.12
C ASP A 29 -3.42 -8.07 -1.82
N HIS A 30 -4.18 -8.43 -0.79
CA HIS A 30 -4.32 -9.83 -0.41
C HIS A 30 -5.36 -10.53 -1.27
N ALA A 31 -6.33 -9.76 -1.77
CA ALA A 31 -7.38 -10.29 -2.61
C ALA A 31 -6.80 -11.09 -3.77
N SER A 32 -5.67 -10.60 -4.30
CA SER A 32 -5.00 -11.26 -5.41
C SER A 32 -3.53 -11.50 -5.09
N ARG A 33 -3.08 -11.11 -3.89
CA ARG A 33 -1.69 -11.30 -3.49
C ARG A 33 -0.75 -10.54 -4.40
N ARG A 34 -0.84 -9.20 -4.37
CA ARG A 34 0.02 -8.37 -5.21
C ARG A 34 0.22 -7.00 -4.60
N THR A 35 0.76 -6.07 -5.39
CA THR A 35 1.01 -4.71 -4.92
C THR A 35 0.73 -3.69 -6.03
N THR A 36 0.87 -2.41 -5.69
CA THR A 36 0.65 -1.34 -6.64
C THR A 36 1.10 0.01 -6.10
N TRP A 37 1.24 0.98 -6.98
CA TRP A 37 1.66 2.33 -6.60
C TRP A 37 0.47 3.21 -6.24
N ILE A 38 -0.68 2.59 -5.95
CA ILE A 38 -1.88 3.35 -5.63
C ILE A 38 -2.57 2.81 -4.38
N ASP A 39 -3.27 3.69 -3.68
CA ASP A 39 -4.00 3.32 -2.48
C ASP A 39 -5.49 3.14 -2.77
N PRO A 40 -5.99 1.89 -2.73
CA PRO A 40 -7.40 1.61 -3.01
C PRO A 40 -8.34 2.49 -2.20
N ARG A 41 -7.90 2.88 -1.02
CA ARG A 41 -8.72 3.73 -0.15
C ARG A 41 -8.87 5.12 -0.73
N ASN A 42 -7.98 5.49 -1.66
CA ASN A 42 -8.04 6.80 -2.29
C ASN A 42 -7.97 6.67 -3.82
N GLY A 43 -6.83 6.20 -4.31
CA GLY A 43 -6.65 6.05 -5.74
C GLY A 43 -5.59 6.97 -6.30
N ARG A 44 -4.56 7.23 -5.51
CA ARG A 44 -3.47 8.11 -5.91
C ARG A 44 -2.11 7.49 -5.60
N ALA A 45 -1.06 8.07 -6.17
CA ALA A 45 0.29 7.59 -5.96
C ALA A 45 0.61 7.50 -4.47
N SER A 46 0.63 6.28 -3.94
CA SER A 46 0.91 6.07 -2.53
C SER A 46 2.34 6.50 -2.19
N THR B 1 8.08 1.57 -12.29
CA THR B 1 9.11 0.50 -12.21
C THR B 1 9.71 0.41 -10.82
N GLY B 2 9.92 -0.82 -10.36
CA GLY B 2 10.49 -1.03 -9.04
C GLY B 2 9.44 -1.27 -7.98
N LEU B 3 8.31 -1.84 -8.40
CA LEU B 3 7.22 -2.15 -7.47
C LEU B 3 7.36 -3.54 -6.88
N PRO B 4 7.72 -3.66 -5.59
CA PRO B 4 7.88 -4.96 -4.93
C PRO B 4 6.56 -5.70 -4.78
N SER B 5 6.34 -6.69 -5.63
CA SER B 5 5.11 -7.46 -5.58
C SER B 5 4.87 -8.02 -4.19
N TYR B 6 3.64 -8.41 -3.93
CA TYR B 6 3.27 -8.97 -2.63
C TYR B 6 3.70 -10.43 -2.52
N ASP B 7 4.98 -10.63 -2.26
CA ASP B 7 5.55 -11.96 -2.13
C ASP B 7 7.05 -11.88 -1.90
N GLU B 8 7.68 -10.91 -2.57
CA GLU B 8 9.12 -10.70 -2.44
C GLU B 8 9.43 -9.42 -1.68
N ALA B 9 8.44 -8.95 -0.92
CA ALA B 9 8.61 -7.72 -0.14
C ALA B 9 7.92 -7.85 1.22
N LEU B 10 7.92 -9.05 1.77
CA LEU B 10 7.31 -9.29 3.08
C LEU B 10 8.27 -10.03 4.01
N HIS B 11 9.36 -9.36 4.34
CA HIS B 11 10.37 -9.95 5.23
C HIS B 11 11.31 -8.87 5.77
N GLY A 1 -7.17 18.68 21.90
CA GLY A 1 -6.90 20.05 22.32
C GLY A 1 -5.87 20.66 21.39
N PRO A 2 -4.74 19.98 21.16
CA PRO A 2 -3.68 20.48 20.28
C PRO A 2 -4.19 20.82 18.89
N LEU A 3 -3.28 21.14 17.98
CA LEU A 3 -3.64 21.48 16.60
C LEU A 3 -4.27 20.29 15.90
N GLY A 4 -3.96 19.09 16.37
CA GLY A 4 -4.51 17.89 15.77
C GLY A 4 -3.92 17.59 14.40
N SER A 5 -3.81 16.31 14.08
CA SER A 5 -3.26 15.89 12.79
C SER A 5 -3.87 14.57 12.34
N GLY A 6 -3.32 14.00 11.28
CA GLY A 6 -3.82 12.74 10.77
C GLY A 6 -3.09 11.54 11.35
N GLU A 7 -3.54 10.35 10.98
CA GLU A 7 -2.92 9.11 11.46
C GLU A 7 -3.05 8.00 10.43
N GLU A 8 -2.90 8.35 9.16
CA GLU A 8 -2.99 7.38 8.07
C GLU A 8 -4.41 6.81 7.97
N GLU A 9 -4.74 6.27 6.81
CA GLU A 9 -6.06 5.69 6.58
C GLU A 9 -6.00 4.16 6.62
N PRO A 10 -6.87 3.51 7.41
CA PRO A 10 -6.90 2.05 7.52
C PRO A 10 -7.05 1.37 6.17
N LEU A 11 -6.08 0.51 5.84
CA LEU A 11 -6.12 -0.22 4.58
C LEU A 11 -7.37 -1.07 4.51
N PRO A 12 -7.99 -1.19 3.33
CA PRO A 12 -9.22 -1.98 3.15
C PRO A 12 -9.12 -3.39 3.73
N PRO A 13 -10.15 -4.22 3.49
CA PRO A 13 -10.23 -5.59 4.03
C PRO A 13 -9.16 -6.54 3.53
N ARG A 14 -8.53 -6.20 2.42
CA ARG A 14 -7.50 -7.06 1.86
C ARG A 14 -6.33 -6.27 1.33
N TRP A 15 -5.80 -5.38 2.15
CA TRP A 15 -4.68 -4.56 1.73
C TRP A 15 -3.71 -4.27 2.87
N SER A 16 -2.55 -3.73 2.50
CA SER A 16 -1.51 -3.39 3.46
C SER A 16 -0.65 -2.26 2.90
N MET A 17 0.45 -1.94 3.59
CA MET A 17 1.32 -0.88 3.14
C MET A 17 2.77 -1.13 3.55
N GLN A 18 3.69 -0.79 2.65
CA GLN A 18 5.12 -0.97 2.90
C GLN A 18 5.94 -0.23 1.85
N VAL A 19 7.04 0.38 2.27
CA VAL A 19 7.89 1.12 1.35
C VAL A 19 8.68 0.16 0.44
N ALA A 20 8.64 0.46 -0.87
CA ALA A 20 9.35 -0.37 -1.84
C ALA A 20 10.76 0.13 -2.07
N PRO A 21 11.61 -0.68 -2.73
CA PRO A 21 13.00 -0.32 -3.01
C PRO A 21 13.10 0.77 -4.07
N ASN A 22 12.05 0.88 -4.89
CA ASN A 22 12.03 1.88 -5.95
C ASN A 22 12.24 3.29 -5.38
N GLY A 23 11.61 3.55 -4.24
CA GLY A 23 11.76 4.86 -3.61
C GLY A 23 10.46 5.38 -3.04
N ARG A 24 9.34 4.77 -3.43
CA ARG A 24 8.03 5.21 -2.95
C ARG A 24 7.25 4.04 -2.35
N THR A 25 6.29 4.38 -1.49
CA THR A 25 5.46 3.38 -0.83
C THR A 25 4.35 2.89 -1.74
N PHE A 26 3.99 1.62 -1.60
CA PHE A 26 2.95 1.02 -2.42
C PHE A 26 1.84 0.42 -1.54
N PHE A 27 0.90 -0.25 -2.19
CA PHE A 27 -0.21 -0.90 -1.49
C PHE A 27 -0.25 -2.37 -1.85
N ILE A 28 -0.10 -3.21 -0.84
CA ILE A 28 -0.11 -4.66 -1.04
C ILE A 28 -1.53 -5.19 -1.16
N ASP A 29 -1.78 -5.90 -2.26
CA ASP A 29 -3.09 -6.49 -2.51
C ASP A 29 -3.15 -7.92 -1.99
N HIS A 30 -4.13 -8.21 -1.15
CA HIS A 30 -4.28 -9.54 -0.57
C HIS A 30 -5.28 -10.38 -1.37
N ALA A 31 -6.31 -9.73 -1.91
CA ALA A 31 -7.31 -10.43 -2.69
C ALA A 31 -6.68 -11.30 -3.77
N SER A 32 -5.62 -10.79 -4.39
CA SER A 32 -4.92 -11.53 -5.43
C SER A 32 -3.42 -11.64 -5.13
N ARG A 33 -3.00 -11.15 -3.97
CA ARG A 33 -1.59 -11.21 -3.59
C ARG A 33 -0.72 -10.45 -4.59
N ARG A 34 -0.80 -9.13 -4.55
CA ARG A 34 -0.02 -8.29 -5.45
C ARG A 34 0.32 -6.96 -4.79
N THR A 35 0.73 -5.99 -5.59
CA THR A 35 1.09 -4.67 -5.08
C THR A 35 0.84 -3.58 -6.13
N THR A 36 0.33 -2.45 -5.67
CA THR A 36 0.05 -1.32 -6.55
C THR A 36 0.58 -0.02 -5.96
N TRP A 37 0.71 1.00 -6.81
CA TRP A 37 1.21 2.29 -6.39
C TRP A 37 0.10 3.18 -5.82
N ILE A 38 -1.06 3.12 -6.45
CA ILE A 38 -2.19 3.93 -6.03
C ILE A 38 -3.01 3.23 -4.94
N ASP A 39 -3.19 3.92 -3.82
CA ASP A 39 -3.93 3.38 -2.70
C ASP A 39 -5.42 3.23 -3.03
N PRO A 40 -6.07 2.18 -2.52
CA PRO A 40 -7.49 1.94 -2.77
C PRO A 40 -8.38 2.71 -1.79
N ARG A 41 -7.83 3.07 -0.64
CA ARG A 41 -8.58 3.81 0.36
C ARG A 41 -9.19 5.07 -0.23
N ASN A 42 -8.54 5.62 -1.25
CA ASN A 42 -9.02 6.83 -1.91
C ASN A 42 -8.72 6.79 -3.41
N GLY A 43 -7.51 6.35 -3.76
CA GLY A 43 -7.13 6.28 -5.16
C GLY A 43 -6.02 7.24 -5.51
N ARG A 44 -5.10 7.45 -4.57
CA ARG A 44 -3.97 8.35 -4.79
C ARG A 44 -2.65 7.63 -4.56
N ALA A 45 -1.64 8.01 -5.35
CA ALA A 45 -0.32 7.40 -5.24
C ALA A 45 0.27 7.60 -3.85
N SER A 46 0.51 6.49 -3.15
CA SER A 46 1.07 6.55 -1.80
C SER A 46 2.34 7.38 -1.78
N THR B 1 11.22 2.76 -11.63
CA THR B 1 10.00 2.07 -11.12
C THR B 1 10.36 0.72 -10.53
N GLY B 2 9.49 0.22 -9.64
CA GLY B 2 9.74 -1.07 -9.01
C GLY B 2 8.45 -1.79 -8.66
N LEU B 3 7.90 -1.48 -7.50
CA LEU B 3 6.66 -2.11 -7.04
C LEU B 3 6.79 -3.63 -7.06
N PRO B 4 7.12 -4.25 -5.91
CA PRO B 4 7.25 -5.70 -5.80
C PRO B 4 5.96 -6.42 -6.20
N SER B 5 5.68 -7.54 -5.55
CA SER B 5 4.47 -8.30 -5.85
C SER B 5 4.10 -9.21 -4.68
N TYR B 6 4.03 -8.63 -3.48
CA TYR B 6 3.68 -9.39 -2.30
C TYR B 6 4.63 -10.57 -2.12
N ASP B 7 5.92 -10.27 -1.95
CA ASP B 7 6.93 -11.30 -1.77
C ASP B 7 8.29 -10.69 -1.48
N GLU B 8 8.62 -9.62 -2.20
CA GLU B 8 9.89 -8.94 -2.02
C GLU B 8 9.70 -7.64 -1.25
N ALA B 9 9.07 -7.72 -0.09
CA ALA B 9 8.83 -6.55 0.74
C ALA B 9 8.28 -6.94 2.10
N LEU B 10 7.24 -7.77 2.10
CA LEU B 10 6.62 -8.22 3.34
C LEU B 10 7.58 -9.10 4.13
N HIS B 11 8.25 -8.50 5.12
CA HIS B 11 9.20 -9.22 5.96
C HIS B 11 8.73 -9.25 7.40
N GLY A 1 -9.01 4.27 13.63
CA GLY A 1 -9.45 5.48 14.29
C GLY A 1 -9.75 5.20 15.75
N PRO A 2 -10.56 4.16 16.03
CA PRO A 2 -10.92 3.79 17.40
C PRO A 2 -9.71 3.37 18.22
N LEU A 3 -8.63 3.00 17.55
CA LEU A 3 -7.40 2.59 18.23
C LEU A 3 -6.43 3.75 18.37
N GLY A 4 -6.97 4.96 18.46
CA GLY A 4 -6.14 6.14 18.60
C GLY A 4 -5.30 6.41 17.36
N SER A 5 -5.96 6.89 16.31
CA SER A 5 -5.26 7.18 15.06
C SER A 5 -5.22 8.69 14.81
N GLY A 6 -4.73 9.07 13.63
CA GLY A 6 -4.64 10.47 13.28
C GLY A 6 -5.24 10.78 11.92
N GLU A 7 -4.40 10.78 10.90
CA GLU A 7 -4.86 11.05 9.54
C GLU A 7 -4.32 10.01 8.56
N GLU A 8 -5.02 8.88 8.46
CA GLU A 8 -4.61 7.81 7.57
C GLU A 8 -5.75 6.82 7.34
N GLU A 9 -6.41 6.93 6.19
CA GLU A 9 -7.52 6.04 5.86
C GLU A 9 -7.09 4.57 5.95
N PRO A 10 -7.64 3.81 6.91
CA PRO A 10 -7.30 2.41 7.09
C PRO A 10 -7.38 1.60 5.79
N LEU A 11 -6.31 0.90 5.47
CA LEU A 11 -6.24 0.08 4.26
C LEU A 11 -7.47 -0.83 4.17
N PRO A 12 -8.06 -0.95 2.97
CA PRO A 12 -9.25 -1.78 2.75
C PRO A 12 -9.13 -3.17 3.37
N PRO A 13 -10.18 -4.00 3.23
CA PRO A 13 -10.22 -5.36 3.78
C PRO A 13 -8.95 -6.17 3.59
N ARG A 14 -8.50 -6.24 2.36
CA ARG A 14 -7.31 -7.02 2.05
C ARG A 14 -6.21 -6.16 1.44
N TRP A 15 -5.65 -5.28 2.25
CA TRP A 15 -4.58 -4.40 1.77
C TRP A 15 -3.66 -3.96 2.89
N SER A 16 -2.44 -3.60 2.51
CA SER A 16 -1.43 -3.14 3.45
C SER A 16 -0.58 -2.03 2.83
N MET A 17 0.49 -1.64 3.51
CA MET A 17 1.36 -0.59 3.01
C MET A 17 2.82 -0.85 3.41
N GLN A 18 3.70 -0.82 2.43
CA GLN A 18 5.12 -1.03 2.67
C GLN A 18 5.97 -0.18 1.73
N VAL A 19 7.11 0.30 2.22
CA VAL A 19 8.00 1.13 1.42
C VAL A 19 8.91 0.28 0.56
N ALA A 20 8.95 0.58 -0.73
CA ALA A 20 9.80 -0.17 -1.66
C ALA A 20 11.15 0.53 -1.85
N PRO A 21 12.10 -0.15 -2.52
CA PRO A 21 13.43 0.42 -2.76
C PRO A 21 13.39 1.55 -3.78
N ASN A 22 12.37 1.55 -4.61
CA ASN A 22 12.20 2.58 -5.63
C ASN A 22 12.25 3.98 -5.01
N GLY A 23 11.77 4.09 -3.78
CA GLY A 23 11.76 5.36 -3.09
C GLY A 23 10.39 5.79 -2.63
N ARG A 24 9.35 5.06 -3.05
CA ARG A 24 7.98 5.39 -2.66
C ARG A 24 7.26 4.19 -2.09
N THR A 25 6.23 4.44 -1.28
CA THR A 25 5.45 3.39 -0.66
C THR A 25 4.35 2.89 -1.60
N PHE A 26 4.05 1.61 -1.51
CA PHE A 26 3.01 1.02 -2.34
C PHE A 26 1.91 0.40 -1.49
N PHE A 27 0.96 -0.26 -2.14
CA PHE A 27 -0.14 -0.90 -1.44
C PHE A 27 -0.20 -2.37 -1.77
N ILE A 28 -0.04 -3.19 -0.75
CA ILE A 28 -0.06 -4.63 -0.92
C ILE A 28 -1.50 -5.14 -1.03
N ASP A 29 -1.73 -6.07 -1.96
CA ASP A 29 -3.04 -6.64 -2.17
C ASP A 29 -3.09 -8.10 -1.72
N HIS A 30 -3.74 -8.33 -0.58
CA HIS A 30 -3.86 -9.68 -0.04
C HIS A 30 -4.90 -10.50 -0.81
N ALA A 31 -5.82 -9.80 -1.48
CA ALA A 31 -6.87 -10.45 -2.25
C ALA A 31 -6.27 -11.35 -3.33
N SER A 32 -5.30 -10.82 -4.05
CA SER A 32 -4.65 -11.57 -5.12
C SER A 32 -3.13 -11.53 -4.97
N ARG A 33 -2.66 -11.23 -3.76
CA ARG A 33 -1.22 -11.16 -3.49
C ARG A 33 -0.50 -10.32 -4.54
N ARG A 34 -0.83 -9.03 -4.59
CA ARG A 34 -0.21 -8.12 -5.54
C ARG A 34 0.18 -6.82 -4.86
N THR A 35 0.51 -5.81 -5.65
CA THR A 35 0.90 -4.51 -5.12
C THR A 35 0.57 -3.39 -6.10
N THR A 36 0.40 -2.18 -5.57
CA THR A 36 0.08 -1.01 -6.39
C THR A 36 0.64 0.26 -5.79
N TRP A 37 0.79 1.27 -6.63
CA TRP A 37 1.32 2.56 -6.19
C TRP A 37 0.21 3.47 -5.67
N ILE A 38 -1.02 3.19 -6.09
CA ILE A 38 -2.15 3.99 -5.68
C ILE A 38 -3.04 3.27 -4.68
N ASP A 39 -3.27 3.90 -3.54
CA ASP A 39 -4.10 3.33 -2.49
C ASP A 39 -5.49 2.99 -3.00
N PRO A 40 -6.03 1.83 -2.62
CA PRO A 40 -7.36 1.39 -3.02
C PRO A 40 -8.44 1.85 -2.05
N ARG A 41 -8.11 2.86 -1.25
CA ARG A 41 -9.03 3.39 -0.26
C ARG A 41 -9.58 4.75 -0.68
N ASN A 42 -9.27 5.17 -1.91
CA ASN A 42 -9.74 6.46 -2.42
C ASN A 42 -9.35 6.63 -3.89
N GLY A 43 -8.08 6.39 -4.19
CA GLY A 43 -7.60 6.53 -5.56
C GLY A 43 -6.74 7.77 -5.75
N ARG A 44 -5.60 7.79 -5.09
CA ARG A 44 -4.67 8.92 -5.20
C ARG A 44 -3.27 8.52 -4.75
N ALA A 45 -2.58 7.75 -5.57
CA ALA A 45 -1.24 7.30 -5.24
C ALA A 45 -1.18 6.77 -3.81
N SER A 46 0.00 6.79 -3.20
CA SER A 46 0.17 6.32 -1.84
C SER A 46 0.37 7.48 -0.87
N THR B 1 10.23 -0.66 -13.38
CA THR B 1 9.85 0.56 -12.63
C THR B 1 9.96 0.34 -11.12
N GLY B 2 9.26 -0.69 -10.63
CA GLY B 2 9.29 -0.98 -9.22
C GLY B 2 8.02 -1.65 -8.74
N LEU B 3 7.64 -1.39 -7.49
CA LEU B 3 6.44 -1.96 -6.91
C LEU B 3 6.59 -3.47 -6.71
N PRO B 4 7.44 -3.88 -5.75
CA PRO B 4 7.66 -5.30 -5.46
C PRO B 4 6.37 -6.04 -5.18
N SER B 5 5.92 -6.83 -6.15
CA SER B 5 4.69 -7.60 -5.99
C SER B 5 4.66 -8.35 -4.67
N TYR B 6 3.49 -8.85 -4.29
CA TYR B 6 3.32 -9.59 -3.05
C TYR B 6 4.20 -10.84 -3.05
N ASP B 7 5.42 -10.69 -2.55
CA ASP B 7 6.37 -11.81 -2.49
C ASP B 7 7.67 -11.36 -1.85
N GLU B 8 8.11 -10.16 -2.18
CA GLU B 8 9.36 -9.62 -1.64
C GLU B 8 9.07 -8.70 -0.45
N ALA B 9 7.96 -7.98 -0.53
CA ALA B 9 7.57 -7.06 0.54
C ALA B 9 6.90 -7.81 1.69
N LEU B 10 7.63 -8.76 2.27
CA LEU B 10 7.11 -9.54 3.39
C LEU B 10 8.08 -9.54 4.56
N HIS B 11 9.34 -9.88 4.28
CA HIS B 11 10.36 -9.91 5.31
C HIS B 11 11.51 -8.97 4.97
N GLY A 1 -10.95 9.49 12.24
CA GLY A 1 -10.93 10.33 11.05
C GLY A 1 -10.80 11.79 11.44
N PRO A 2 -11.65 12.27 12.37
CA PRO A 2 -11.61 13.67 12.82
C PRO A 2 -10.23 14.10 13.28
N LEU A 3 -9.60 13.28 14.11
CA LEU A 3 -8.26 13.58 14.61
C LEU A 3 -7.60 12.34 15.20
N GLY A 4 -6.46 11.96 14.64
CA GLY A 4 -5.75 10.79 15.13
C GLY A 4 -4.61 10.39 14.22
N SER A 5 -4.94 10.01 12.98
CA SER A 5 -3.93 9.59 12.02
C SER A 5 -3.50 10.77 11.15
N GLY A 6 -4.48 11.47 10.60
CA GLY A 6 -4.18 12.62 9.75
C GLY A 6 -4.21 12.27 8.28
N GLU A 7 -3.06 11.91 7.73
CA GLU A 7 -2.95 11.54 6.32
C GLU A 7 -2.72 10.05 6.16
N GLU A 8 -3.31 9.26 7.06
CA GLU A 8 -3.16 7.81 7.02
C GLU A 8 -4.53 7.13 7.00
N GLU A 9 -5.12 7.06 5.82
CA GLU A 9 -6.43 6.43 5.66
C GLU A 9 -6.34 4.93 5.90
N PRO A 10 -7.40 4.33 6.49
CA PRO A 10 -7.43 2.90 6.78
C PRO A 10 -7.29 2.05 5.51
N LEU A 11 -6.53 0.96 5.63
CA LEU A 11 -6.32 0.05 4.51
C LEU A 11 -7.53 -0.87 4.36
N PRO A 12 -8.00 -1.08 3.13
CA PRO A 12 -9.17 -1.92 2.88
C PRO A 12 -9.08 -3.30 3.54
N PRO A 13 -10.07 -4.17 3.27
CA PRO A 13 -10.14 -5.52 3.87
C PRO A 13 -9.08 -6.50 3.39
N ARG A 14 -8.35 -6.14 2.37
CA ARG A 14 -7.32 -7.03 1.84
C ARG A 14 -6.10 -6.27 1.37
N TRP A 15 -5.67 -5.30 2.16
CA TRP A 15 -4.50 -4.51 1.79
C TRP A 15 -3.62 -4.18 2.99
N SER A 16 -2.42 -3.68 2.69
CA SER A 16 -1.46 -3.31 3.72
C SER A 16 -0.62 -2.13 3.26
N MET A 17 0.55 -1.97 3.87
CA MET A 17 1.44 -0.87 3.51
C MET A 17 2.90 -1.31 3.60
N GLN A 18 3.73 -0.79 2.69
CA GLN A 18 5.14 -1.14 2.67
C GLN A 18 5.92 -0.19 1.75
N VAL A 19 7.01 0.35 2.26
CA VAL A 19 7.85 1.26 1.49
C VAL A 19 8.75 0.49 0.54
N ALA A 20 8.87 0.97 -0.69
CA ALA A 20 9.70 0.32 -1.68
C ALA A 20 10.96 1.14 -1.97
N PRO A 21 12.01 0.47 -2.47
CA PRO A 21 13.28 1.13 -2.80
C PRO A 21 13.09 2.18 -3.89
N ASN A 22 12.05 1.98 -4.70
CA ASN A 22 11.75 2.90 -5.79
C ASN A 22 11.78 4.34 -5.31
N GLY A 23 11.23 4.58 -4.13
CA GLY A 23 11.20 5.93 -3.58
C GLY A 23 9.85 6.29 -3.01
N ARG A 24 8.83 5.49 -3.30
CA ARG A 24 7.49 5.75 -2.81
C ARG A 24 6.88 4.50 -2.18
N THR A 25 5.92 4.71 -1.29
CA THR A 25 5.25 3.60 -0.62
C THR A 25 4.18 3.03 -1.54
N PHE A 26 3.99 1.72 -1.47
CA PHE A 26 2.99 1.07 -2.31
C PHE A 26 1.90 0.43 -1.45
N PHE A 27 0.95 -0.21 -2.13
CA PHE A 27 -0.16 -0.86 -1.44
C PHE A 27 -0.25 -2.32 -1.83
N ILE A 28 -0.26 -3.17 -0.82
CA ILE A 28 -0.35 -4.59 -1.03
C ILE A 28 -1.80 -5.03 -1.13
N ASP A 29 -2.04 -6.06 -1.90
CA ASP A 29 -3.39 -6.58 -2.11
C ASP A 29 -3.44 -8.08 -1.85
N HIS A 30 -4.23 -8.47 -0.85
CA HIS A 30 -4.37 -9.88 -0.50
C HIS A 30 -5.39 -10.56 -1.41
N ALA A 31 -6.31 -9.78 -1.94
CA ALA A 31 -7.34 -10.31 -2.83
C ALA A 31 -6.71 -11.15 -3.93
N SER A 32 -5.61 -10.65 -4.49
CA SER A 32 -4.90 -11.35 -5.55
C SER A 32 -3.43 -11.57 -5.19
N ARG A 33 -3.03 -11.12 -4.00
CA ARG A 33 -1.66 -11.27 -3.54
C ARG A 33 -0.70 -10.49 -4.44
N ARG A 34 -0.86 -9.17 -4.48
CA ARG A 34 -0.01 -8.32 -5.30
C ARG A 34 0.16 -6.94 -4.66
N THR A 35 0.68 -6.00 -5.44
CA THR A 35 0.87 -4.64 -4.95
C THR A 35 0.62 -3.61 -6.05
N THR A 36 0.77 -2.34 -5.71
CA THR A 36 0.54 -1.26 -6.66
C THR A 36 0.99 0.08 -6.09
N TRP A 37 1.10 1.08 -6.96
CA TRP A 37 1.52 2.41 -6.55
C TRP A 37 0.32 3.27 -6.16
N ILE A 38 -0.82 2.63 -5.94
CA ILE A 38 -2.03 3.38 -5.59
C ILE A 38 -2.70 2.80 -4.34
N ASP A 39 -3.35 3.67 -3.58
CA ASP A 39 -4.03 3.27 -2.36
C ASP A 39 -5.54 3.19 -2.58
N PRO A 40 -6.11 1.97 -2.56
CA PRO A 40 -7.55 1.80 -2.74
C PRO A 40 -8.34 2.78 -1.88
N ARG A 41 -7.83 3.00 -0.67
CA ARG A 41 -8.46 3.91 0.28
C ARG A 41 -8.79 5.25 -0.39
N ASN A 42 -7.99 5.62 -1.37
CA ASN A 42 -8.20 6.87 -2.09
C ASN A 42 -8.20 6.65 -3.61
N GLY A 43 -7.09 6.15 -4.12
CA GLY A 43 -6.98 5.89 -5.54
C GLY A 43 -5.96 6.80 -6.21
N ARG A 44 -4.89 7.11 -5.51
CA ARG A 44 -3.85 7.99 -6.03
C ARG A 44 -2.45 7.44 -5.71
N ALA A 45 -1.43 8.08 -6.27
CA ALA A 45 -0.06 7.66 -6.05
C ALA A 45 0.36 7.87 -4.61
N SER A 46 0.74 6.79 -3.94
CA SER A 46 1.17 6.85 -2.54
C SER A 46 2.49 7.62 -2.43
N THR B 1 10.61 -0.20 -13.61
CA THR B 1 9.61 -0.49 -12.53
C THR B 1 10.29 -0.94 -11.25
N GLY B 2 9.81 -0.45 -10.12
CA GLY B 2 10.38 -0.81 -8.84
C GLY B 2 9.32 -1.05 -7.78
N LEU B 3 8.32 -1.87 -8.11
CA LEU B 3 7.25 -2.17 -7.17
C LEU B 3 7.31 -3.63 -6.72
N PRO B 4 7.99 -3.90 -5.60
CA PRO B 4 8.12 -5.26 -5.06
C PRO B 4 6.77 -5.93 -4.88
N SER B 5 6.44 -6.84 -5.79
CA SER B 5 5.18 -7.55 -5.74
C SER B 5 4.96 -8.21 -4.39
N TYR B 6 3.69 -8.28 -3.97
CA TYR B 6 3.33 -8.87 -2.69
C TYR B 6 3.76 -10.33 -2.64
N ASP B 7 5.01 -10.56 -2.27
CA ASP B 7 5.55 -11.91 -2.16
C ASP B 7 6.99 -11.90 -1.67
N GLU B 8 7.78 -10.97 -2.19
CA GLU B 8 9.18 -10.85 -1.80
C GLU B 8 9.39 -9.69 -0.83
N ALA B 9 8.55 -8.66 -0.96
CA ALA B 9 8.64 -7.49 -0.09
C ALA B 9 7.78 -7.67 1.15
N LEU B 10 7.98 -8.77 1.86
CA LEU B 10 7.22 -9.05 3.08
C LEU B 10 8.03 -9.91 4.04
N HIS B 11 8.95 -9.27 4.76
CA HIS B 11 9.79 -9.97 5.72
C HIS B 11 10.51 -9.00 6.64
N GLY A 1 -13.76 11.77 21.16
CA GLY A 1 -14.01 12.52 19.94
C GLY A 1 -12.71 13.16 19.46
N PRO A 2 -11.98 13.85 20.33
CA PRO A 2 -10.72 14.51 19.97
C PRO A 2 -9.74 13.54 19.30
N LEU A 3 -9.81 12.27 19.70
CA LEU A 3 -8.93 11.25 19.14
C LEU A 3 -9.73 10.16 18.44
N GLY A 4 -10.92 10.52 17.96
CA GLY A 4 -11.77 9.56 17.28
C GLY A 4 -12.57 10.18 16.16
N SER A 5 -11.87 10.73 15.17
CA SER A 5 -12.53 11.37 14.04
C SER A 5 -12.12 10.70 12.73
N GLY A 6 -10.81 10.60 12.50
CA GLY A 6 -10.31 10.00 11.29
C GLY A 6 -8.90 9.47 11.45
N GLU A 7 -7.92 10.37 11.43
CA GLU A 7 -6.53 9.99 11.57
C GLU A 7 -6.13 8.98 10.49
N GLU A 8 -6.09 9.45 9.25
CA GLU A 8 -5.73 8.59 8.13
C GLU A 8 -6.75 7.47 7.95
N GLU A 9 -7.09 7.19 6.70
CA GLU A 9 -8.06 6.13 6.39
C GLU A 9 -7.38 4.77 6.31
N PRO A 10 -7.84 3.78 7.09
CA PRO A 10 -7.25 2.43 7.08
C PRO A 10 -7.33 1.76 5.71
N LEU A 11 -6.50 0.75 5.51
CA LEU A 11 -6.47 0.01 4.26
C LEU A 11 -7.68 -0.92 4.15
N PRO A 12 -8.20 -1.13 2.93
CA PRO A 12 -9.37 -1.98 2.72
C PRO A 12 -9.26 -3.35 3.40
N PRO A 13 -10.23 -4.24 3.14
CA PRO A 13 -10.29 -5.57 3.76
C PRO A 13 -9.16 -6.51 3.38
N ARG A 14 -8.39 -6.17 2.38
CA ARG A 14 -7.30 -7.03 1.95
C ARG A 14 -6.11 -6.24 1.46
N TRP A 15 -5.76 -5.19 2.19
CA TRP A 15 -4.62 -4.37 1.79
C TRP A 15 -3.75 -3.97 2.97
N SER A 16 -2.58 -3.42 2.64
CA SER A 16 -1.62 -2.97 3.64
C SER A 16 -0.66 -1.96 3.04
N MET A 17 0.41 -1.67 3.77
CA MET A 17 1.42 -0.72 3.31
C MET A 17 2.81 -1.31 3.40
N GLN A 18 3.70 -0.81 2.55
CA GLN A 18 5.09 -1.29 2.53
C GLN A 18 5.97 -0.39 1.68
N VAL A 19 7.10 0.02 2.24
CA VAL A 19 8.03 0.89 1.54
C VAL A 19 8.97 0.07 0.66
N ALA A 20 9.02 0.40 -0.62
CA ALA A 20 9.87 -0.32 -1.57
C ALA A 20 11.18 0.41 -1.80
N PRO A 21 12.14 -0.25 -2.48
CA PRO A 21 13.45 0.35 -2.78
C PRO A 21 13.34 1.45 -3.82
N ASN A 22 12.30 1.39 -4.63
CA ASN A 22 12.07 2.39 -5.67
C ASN A 22 12.17 3.80 -5.10
N GLY A 23 11.77 3.94 -3.84
CA GLY A 23 11.83 5.24 -3.19
C GLY A 23 10.49 5.68 -2.64
N ARG A 24 9.42 4.96 -2.99
CA ARG A 24 8.08 5.30 -2.53
C ARG A 24 7.35 4.08 -1.96
N THR A 25 6.36 4.33 -1.13
CA THR A 25 5.58 3.26 -0.52
C THR A 25 4.48 2.80 -1.47
N PHE A 26 4.17 1.51 -1.41
CA PHE A 26 3.14 0.96 -2.27
C PHE A 26 1.99 0.37 -1.46
N PHE A 27 1.03 -0.23 -2.16
CA PHE A 27 -0.12 -0.83 -1.49
C PHE A 27 -0.20 -2.32 -1.80
N ILE A 28 -0.11 -3.12 -0.75
CA ILE A 28 -0.18 -4.56 -0.90
C ILE A 28 -1.62 -5.02 -0.97
N ASP A 29 -1.86 -6.05 -1.79
CA ASP A 29 -3.20 -6.60 -1.96
C ASP A 29 -3.21 -8.08 -1.61
N HIS A 30 -3.98 -8.43 -0.59
CA HIS A 30 -4.07 -9.83 -0.15
C HIS A 30 -5.07 -10.60 -1.01
N ALA A 31 -6.03 -9.89 -1.58
CA ALA A 31 -7.05 -10.52 -2.43
C ALA A 31 -6.40 -11.26 -3.59
N SER A 32 -5.35 -10.67 -4.14
CA SER A 32 -4.63 -11.27 -5.27
C SER A 32 -3.17 -11.57 -4.91
N ARG A 33 -2.70 -11.02 -3.79
CA ARG A 33 -1.32 -11.24 -3.36
C ARG A 33 -0.35 -10.43 -4.23
N ARG A 34 -0.71 -9.19 -4.51
CA ARG A 34 0.13 -8.32 -5.33
C ARG A 34 0.31 -6.96 -4.67
N THR A 35 0.80 -6.00 -5.44
CA THR A 35 1.03 -4.64 -4.94
C THR A 35 0.69 -3.59 -5.99
N THR A 36 0.78 -2.33 -5.61
CA THR A 36 0.49 -1.23 -6.53
C THR A 36 0.96 0.11 -5.96
N TRP A 37 0.99 1.13 -6.82
CA TRP A 37 1.43 2.46 -6.40
C TRP A 37 0.25 3.36 -6.03
N ILE A 38 -0.93 2.79 -5.89
CA ILE A 38 -2.12 3.57 -5.55
C ILE A 38 -2.86 2.98 -4.36
N ASP A 39 -3.59 3.84 -3.66
CA ASP A 39 -4.35 3.42 -2.48
C ASP A 39 -5.83 3.22 -2.84
N PRO A 40 -6.33 1.97 -2.77
CA PRO A 40 -7.73 1.68 -3.09
C PRO A 40 -8.70 2.49 -2.26
N ARG A 41 -8.22 3.04 -1.15
CA ARG A 41 -9.08 3.85 -0.28
C ARG A 41 -9.66 5.02 -1.06
N ASN A 42 -8.79 5.86 -1.62
CA ASN A 42 -9.22 7.00 -2.39
C ASN A 42 -8.84 6.84 -3.86
N GLY A 43 -7.64 6.33 -4.09
CA GLY A 43 -7.17 6.13 -5.46
C GLY A 43 -6.08 7.11 -5.84
N ARG A 44 -5.18 7.39 -4.89
CA ARG A 44 -4.08 8.31 -5.14
C ARG A 44 -2.73 7.63 -4.90
N ALA A 45 -1.66 8.27 -5.36
CA ALA A 45 -0.32 7.73 -5.21
C ALA A 45 0.07 7.63 -3.73
N SER A 46 0.04 6.40 -3.20
CA SER A 46 0.39 6.17 -1.81
C SER A 46 -0.33 7.15 -0.89
N THR B 1 8.91 -1.04 -12.53
CA THR B 1 8.62 0.28 -11.90
C THR B 1 9.01 0.28 -10.43
N GLY B 2 9.97 -0.58 -10.08
CA GLY B 2 10.42 -0.66 -8.70
C GLY B 2 9.32 -1.05 -7.74
N LEU B 3 8.23 -1.60 -8.28
CA LEU B 3 7.10 -2.01 -7.45
C LEU B 3 7.11 -3.52 -7.24
N PRO B 4 7.39 -3.98 -6.00
CA PRO B 4 7.42 -5.40 -5.68
C PRO B 4 6.10 -6.10 -6.01
N SER B 5 5.82 -7.20 -5.33
CA SER B 5 4.58 -7.94 -5.56
C SER B 5 4.24 -8.83 -4.37
N TYR B 6 4.13 -8.22 -3.19
CA TYR B 6 3.79 -8.96 -1.99
C TYR B 6 4.95 -9.86 -1.56
N ASP B 7 5.22 -10.89 -2.37
CA ASP B 7 6.29 -11.83 -2.07
C ASP B 7 7.60 -11.09 -1.74
N GLU B 8 8.07 -10.28 -2.68
CA GLU B 8 9.29 -9.52 -2.49
C GLU B 8 9.07 -8.33 -1.57
N ALA B 9 7.86 -7.78 -1.59
CA ALA B 9 7.52 -6.63 -0.76
C ALA B 9 7.71 -6.95 0.72
N LEU B 10 7.08 -8.02 1.18
CA LEU B 10 7.17 -8.43 2.58
C LEU B 10 8.59 -8.87 2.92
N HIS B 11 9.34 -9.29 1.90
CA HIS B 11 10.71 -9.75 2.11
C HIS B 11 11.71 -8.68 1.71
N GLY A 1 6.41 16.93 9.05
CA GLY A 1 7.47 16.21 9.72
C GLY A 1 6.89 15.17 10.65
N PRO A 2 5.93 15.57 11.51
CA PRO A 2 5.29 14.65 12.46
C PRO A 2 4.31 13.69 11.77
N LEU A 3 3.87 12.68 12.52
CA LEU A 3 2.94 11.70 12.00
C LEU A 3 1.50 12.10 12.31
N GLY A 4 1.09 13.26 11.82
CA GLY A 4 -0.26 13.73 12.06
C GLY A 4 -1.31 12.88 11.36
N SER A 5 -2.39 13.53 10.92
CA SER A 5 -3.46 12.83 10.23
C SER A 5 -4.14 13.74 9.21
N GLY A 6 -4.77 13.12 8.21
CA GLY A 6 -5.46 13.90 7.19
C GLY A 6 -5.52 13.16 5.86
N GLU A 7 -6.72 12.73 5.49
CA GLU A 7 -6.91 12.01 4.23
C GLU A 7 -6.16 10.68 4.25
N GLU A 8 -6.06 10.08 5.43
CA GLU A 8 -5.38 8.81 5.58
C GLU A 8 -6.36 7.70 5.95
N GLU A 9 -7.14 7.25 4.98
CA GLU A 9 -8.10 6.19 5.19
C GLU A 9 -7.42 4.88 5.51
N PRO A 10 -7.98 4.08 6.44
CA PRO A 10 -7.41 2.78 6.83
C PRO A 10 -7.44 1.75 5.70
N LEU A 11 -6.29 1.17 5.41
CA LEU A 11 -6.14 0.17 4.35
C LEU A 11 -7.37 -0.76 4.30
N PRO A 12 -7.87 -1.07 3.09
CA PRO A 12 -9.04 -1.94 2.90
C PRO A 12 -8.93 -3.26 3.66
N PRO A 13 -9.89 -4.17 3.43
CA PRO A 13 -9.95 -5.49 4.10
C PRO A 13 -8.89 -6.48 3.66
N ARG A 14 -8.17 -6.16 2.62
CA ARG A 14 -7.15 -7.08 2.11
C ARG A 14 -5.91 -6.34 1.63
N TRP A 15 -5.53 -5.30 2.35
CA TRP A 15 -4.34 -4.53 1.96
C TRP A 15 -3.49 -4.14 3.16
N SER A 16 -2.30 -3.63 2.86
CA SER A 16 -1.36 -3.19 3.87
C SER A 16 -0.63 -1.93 3.42
N MET A 17 0.53 -1.67 4.01
CA MET A 17 1.32 -0.50 3.67
C MET A 17 2.80 -0.78 3.84
N GLN A 18 3.58 -0.53 2.80
CA GLN A 18 5.02 -0.77 2.85
C GLN A 18 5.76 0.16 1.89
N VAL A 19 6.82 0.78 2.39
CA VAL A 19 7.62 1.69 1.57
C VAL A 19 8.59 0.90 0.69
N ALA A 20 8.57 1.19 -0.60
CA ALA A 20 9.44 0.50 -1.54
C ALA A 20 10.75 1.25 -1.72
N PRO A 21 11.87 0.51 -1.83
CA PRO A 21 13.19 1.11 -2.02
C PRO A 21 13.22 2.03 -3.23
N ASN A 22 12.30 1.80 -4.16
CA ASN A 22 12.20 2.62 -5.36
C ASN A 22 12.13 4.09 -5.01
N GLY A 23 11.50 4.40 -3.89
CA GLY A 23 11.39 5.79 -3.46
C GLY A 23 9.96 6.18 -3.10
N ARG A 24 9.00 5.34 -3.45
CA ARG A 24 7.60 5.62 -3.16
C ARG A 24 6.95 4.46 -2.42
N THR A 25 5.89 4.77 -1.67
CA THR A 25 5.17 3.75 -0.92
C THR A 25 4.14 3.08 -1.81
N PHE A 26 3.92 1.79 -1.58
CA PHE A 26 2.95 1.05 -2.36
C PHE A 26 1.87 0.46 -1.47
N PHE A 27 0.93 -0.23 -2.10
CA PHE A 27 -0.17 -0.87 -1.37
C PHE A 27 -0.24 -2.34 -1.69
N ILE A 28 -0.11 -3.14 -0.65
CA ILE A 28 -0.15 -4.58 -0.80
C ILE A 28 -1.59 -5.06 -0.93
N ASP A 29 -1.79 -6.07 -1.75
CA ASP A 29 -3.12 -6.62 -1.99
C ASP A 29 -3.15 -8.12 -1.69
N HIS A 30 -4.00 -8.50 -0.74
CA HIS A 30 -4.13 -9.91 -0.35
C HIS A 30 -5.22 -10.59 -1.17
N ALA A 31 -6.15 -9.80 -1.68
CA ALA A 31 -7.26 -10.34 -2.47
C ALA A 31 -6.74 -11.04 -3.73
N SER A 32 -5.72 -10.46 -4.34
CA SER A 32 -5.14 -11.03 -5.56
C SER A 32 -3.68 -11.42 -5.36
N ARG A 33 -3.09 -10.98 -4.24
CA ARG A 33 -1.70 -11.29 -3.94
C ARG A 33 -0.75 -10.47 -4.81
N ARG A 34 -0.92 -9.15 -4.77
CA ARG A 34 -0.07 -8.25 -5.56
C ARG A 34 -0.01 -6.87 -4.92
N THR A 35 0.86 -6.01 -5.46
CA THR A 35 1.00 -4.65 -4.94
C THR A 35 0.76 -3.62 -6.03
N THR A 36 0.95 -2.35 -5.68
CA THR A 36 0.76 -1.27 -6.63
C THR A 36 1.15 0.08 -6.03
N TRP A 37 1.27 1.09 -6.89
CA TRP A 37 1.63 2.43 -6.46
C TRP A 37 0.40 3.26 -6.16
N ILE A 38 -0.73 2.60 -5.90
CA ILE A 38 -1.97 3.31 -5.64
C ILE A 38 -2.69 2.73 -4.42
N ASP A 39 -3.33 3.62 -3.66
CA ASP A 39 -4.06 3.22 -2.48
C ASP A 39 -5.54 3.02 -2.80
N PRO A 40 -6.04 1.77 -2.75
CA PRO A 40 -7.44 1.48 -3.04
C PRO A 40 -8.38 2.40 -2.27
N ARG A 41 -7.97 2.72 -1.05
CA ARG A 41 -8.75 3.60 -0.19
C ARG A 41 -9.16 4.88 -0.93
N ASN A 42 -8.23 5.42 -1.70
CA ASN A 42 -8.48 6.63 -2.47
C ASN A 42 -8.37 6.36 -3.97
N GLY A 43 -7.17 6.00 -4.41
CA GLY A 43 -6.95 5.72 -5.82
C GLY A 43 -5.94 6.65 -6.46
N ARG A 44 -4.95 7.05 -5.68
CA ARG A 44 -3.91 7.96 -6.17
C ARG A 44 -2.53 7.41 -5.86
N ALA A 45 -1.50 8.07 -6.38
CA ALA A 45 -0.12 7.65 -6.17
C ALA A 45 0.27 7.76 -4.70
N SER A 46 -0.28 6.88 -3.87
CA SER A 46 0.02 6.87 -2.44
C SER A 46 0.03 8.28 -1.85
N THR B 1 9.95 -1.24 -13.22
CA THR B 1 8.90 -0.64 -12.37
C THR B 1 9.44 -0.29 -10.99
N GLY B 2 9.93 -1.30 -10.28
CA GLY B 2 10.47 -1.08 -8.95
C GLY B 2 9.42 -1.24 -7.86
N LEU B 3 8.36 -1.98 -8.17
CA LEU B 3 7.28 -2.20 -7.22
C LEU B 3 7.33 -3.62 -6.65
N PRO B 4 7.86 -3.78 -5.43
CA PRO B 4 7.95 -5.09 -4.78
C PRO B 4 6.58 -5.77 -4.67
N SER B 5 6.27 -6.60 -5.67
CA SER B 5 4.99 -7.29 -5.70
C SER B 5 4.81 -8.19 -4.48
N TYR B 6 3.56 -8.31 -4.03
CA TYR B 6 3.23 -9.13 -2.88
C TYR B 6 3.78 -10.56 -3.05
N ASP B 7 5.02 -10.76 -2.61
CA ASP B 7 5.67 -12.06 -2.72
C ASP B 7 7.11 -11.99 -2.25
N GLU B 8 7.78 -10.88 -2.55
CA GLU B 8 9.16 -10.68 -2.16
C GLU B 8 9.32 -9.52 -1.19
N ALA B 9 8.32 -8.62 -1.17
CA ALA B 9 8.35 -7.47 -0.28
C ALA B 9 8.12 -7.88 1.17
N LEU B 10 7.35 -8.93 1.37
CA LEU B 10 7.05 -9.43 2.71
C LEU B 10 8.32 -9.88 3.42
N HIS B 11 8.65 -9.23 4.52
CA HIS B 11 9.84 -9.56 5.30
C HIS B 11 9.73 -9.04 6.72
N GLY A 1 -9.02 9.47 17.39
CA GLY A 1 -7.63 9.62 17.74
C GLY A 1 -7.02 8.26 18.03
N PRO A 2 -7.66 7.44 18.88
CA PRO A 2 -7.17 6.11 19.23
C PRO A 2 -7.30 5.11 18.09
N LEU A 3 -6.19 4.54 17.66
CA LEU A 3 -6.18 3.58 16.57
C LEU A 3 -6.50 4.26 15.24
N GLY A 4 -5.52 4.99 14.71
CA GLY A 4 -5.72 5.68 13.44
C GLY A 4 -5.65 7.18 13.60
N SER A 5 -6.35 7.90 12.71
CA SER A 5 -6.35 9.36 12.74
C SER A 5 -4.95 9.91 12.52
N GLY A 6 -4.88 11.12 11.97
CA GLY A 6 -3.60 11.75 11.72
C GLY A 6 -3.35 11.96 10.23
N GLU A 7 -2.38 11.23 9.69
CA GLU A 7 -2.04 11.34 8.28
C GLU A 7 -1.88 9.96 7.64
N GLU A 8 -2.69 9.01 8.10
CA GLU A 8 -2.65 7.65 7.58
C GLU A 8 -4.06 7.07 7.46
N GLU A 9 -4.56 7.04 6.23
CA GLU A 9 -5.90 6.50 5.98
C GLU A 9 -5.92 4.98 6.13
N PRO A 10 -7.02 4.43 6.67
CA PRO A 10 -7.17 2.98 6.87
C PRO A 10 -7.01 2.20 5.56
N LEU A 11 -6.52 0.97 5.68
CA LEU A 11 -6.33 0.10 4.53
C LEU A 11 -7.53 -0.83 4.38
N PRO A 12 -8.03 -1.02 3.14
CA PRO A 12 -9.19 -1.87 2.90
C PRO A 12 -9.09 -3.25 3.54
N PRO A 13 -10.09 -4.11 3.28
CA PRO A 13 -10.18 -5.46 3.86
C PRO A 13 -9.16 -6.46 3.33
N ARG A 14 -8.33 -6.04 2.40
CA ARG A 14 -7.35 -6.95 1.84
C ARG A 14 -6.11 -6.20 1.36
N TRP A 15 -5.71 -5.20 2.13
CA TRP A 15 -4.53 -4.42 1.75
C TRP A 15 -3.66 -4.08 2.95
N SER A 16 -2.46 -3.58 2.65
CA SER A 16 -1.50 -3.20 3.67
C SER A 16 -0.69 -1.99 3.22
N MET A 17 0.50 -1.82 3.79
CA MET A 17 1.36 -0.71 3.45
C MET A 17 2.83 -1.09 3.59
N GLN A 18 3.61 -0.84 2.55
CA GLN A 18 5.02 -1.15 2.56
C GLN A 18 5.80 -0.24 1.61
N VAL A 19 6.93 0.27 2.09
CA VAL A 19 7.77 1.15 1.29
C VAL A 19 8.66 0.35 0.35
N ALA A 20 8.71 0.76 -0.91
CA ALA A 20 9.51 0.08 -1.91
C ALA A 20 10.84 0.80 -2.13
N PRO A 21 11.88 0.07 -2.58
CA PRO A 21 13.19 0.63 -2.85
C PRO A 21 13.14 1.71 -3.93
N ASN A 22 12.13 1.61 -4.79
CA ASN A 22 11.95 2.57 -5.87
C ASN A 22 12.00 4.00 -5.34
N GLY A 23 11.49 4.19 -4.12
CA GLY A 23 11.49 5.50 -3.53
C GLY A 23 10.11 5.93 -3.05
N ARG A 24 9.08 5.16 -3.39
CA ARG A 24 7.73 5.48 -2.99
C ARG A 24 7.03 4.27 -2.37
N THR A 25 6.05 4.54 -1.52
CA THR A 25 5.29 3.49 -0.86
C THR A 25 4.20 2.95 -1.78
N PHE A 26 3.92 1.67 -1.66
CA PHE A 26 2.90 1.04 -2.48
C PHE A 26 1.79 0.45 -1.62
N PHE A 27 0.85 -0.20 -2.27
CA PHE A 27 -0.28 -0.82 -1.58
C PHE A 27 -0.39 -2.29 -1.94
N ILE A 28 -0.35 -3.13 -0.92
CA ILE A 28 -0.44 -4.56 -1.12
C ILE A 28 -1.88 -5.01 -1.20
N ASP A 29 -2.11 -6.07 -1.96
CA ASP A 29 -3.45 -6.62 -2.15
C ASP A 29 -3.47 -8.11 -1.81
N HIS A 30 -4.23 -8.48 -0.79
CA HIS A 30 -4.33 -9.87 -0.36
C HIS A 30 -5.32 -10.63 -1.23
N ALA A 31 -6.33 -9.92 -1.74
CA ALA A 31 -7.35 -10.53 -2.59
C ALA A 31 -6.72 -11.37 -3.69
N SER A 32 -5.56 -10.92 -4.18
CA SER A 32 -4.85 -11.63 -5.23
C SER A 32 -3.36 -11.75 -4.92
N ARG A 33 -2.96 -11.34 -3.72
CA ARG A 33 -1.56 -11.41 -3.33
C ARG A 33 -0.67 -10.60 -4.28
N ARG A 34 -0.92 -9.30 -4.34
CA ARG A 34 -0.14 -8.43 -5.22
C ARG A 34 0.07 -7.06 -4.60
N THR A 35 0.51 -6.11 -5.42
CA THR A 35 0.77 -4.75 -4.96
C THR A 35 0.46 -3.74 -6.06
N THR A 36 0.68 -2.46 -5.76
CA THR A 36 0.43 -1.40 -6.73
C THR A 36 0.86 -0.04 -6.18
N TRP A 37 1.00 0.93 -7.08
CA TRP A 37 1.40 2.27 -6.70
C TRP A 37 0.20 3.14 -6.36
N ILE A 38 -0.95 2.52 -6.12
CA ILE A 38 -2.15 3.28 -5.81
C ILE A 38 -2.82 2.77 -4.54
N ASP A 39 -3.37 3.71 -3.78
CA ASP A 39 -4.04 3.37 -2.53
C ASP A 39 -5.56 3.30 -2.71
N PRO A 40 -6.15 2.10 -2.61
CA PRO A 40 -7.59 1.93 -2.77
C PRO A 40 -8.36 2.90 -1.89
N ARG A 41 -7.81 3.18 -0.72
CA ARG A 41 -8.44 4.10 0.24
C ARG A 41 -8.72 5.44 -0.43
N ASN A 42 -7.91 5.80 -1.42
CA ASN A 42 -8.08 7.06 -2.13
C ASN A 42 -8.06 6.83 -3.64
N GLY A 43 -6.90 6.43 -4.16
CA GLY A 43 -6.77 6.18 -5.59
C GLY A 43 -5.77 7.12 -6.24
N ARG A 44 -4.59 7.23 -5.65
CA ARG A 44 -3.54 8.10 -6.19
C ARG A 44 -2.16 7.48 -5.98
N ALA A 45 -1.16 8.03 -6.65
CA ALA A 45 0.21 7.55 -6.53
C ALA A 45 0.72 7.71 -5.12
N SER A 46 1.05 6.59 -4.48
CA SER A 46 1.56 6.61 -3.10
C SER A 46 3.08 6.56 -3.09
N THR B 1 10.32 3.32 -11.63
CA THR B 1 9.80 1.93 -11.52
C THR B 1 10.48 1.19 -10.36
N GLY B 2 9.84 0.12 -9.92
CA GLY B 2 10.40 -0.67 -8.83
C GLY B 2 9.35 -1.03 -7.78
N LEU B 3 8.32 -1.73 -8.21
CA LEU B 3 7.24 -2.15 -7.31
C LEU B 3 7.40 -3.62 -6.92
N PRO B 4 7.86 -3.89 -5.69
CA PRO B 4 8.06 -5.25 -5.20
C PRO B 4 6.73 -5.97 -4.97
N SER B 5 6.45 -6.96 -5.81
CA SER B 5 5.21 -7.73 -5.70
C SER B 5 4.98 -8.21 -4.27
N TYR B 6 3.72 -8.46 -3.94
CA TYR B 6 3.36 -8.93 -2.61
C TYR B 6 3.76 -10.39 -2.40
N ASP B 7 5.03 -10.60 -2.07
CA ASP B 7 5.55 -11.94 -1.84
C ASP B 7 7.05 -11.90 -1.53
N GLU B 8 7.75 -10.99 -2.19
CA GLU B 8 9.18 -10.84 -1.99
C GLU B 8 9.48 -9.69 -1.03
N ALA B 9 8.56 -8.74 -0.93
CA ALA B 9 8.72 -7.60 -0.05
C ALA B 9 7.96 -7.79 1.25
N LEU B 10 8.34 -8.80 2.02
CA LEU B 10 7.69 -9.09 3.29
C LEU B 10 8.62 -9.87 4.22
N HIS B 11 9.59 -9.17 4.79
CA HIS B 11 10.54 -9.78 5.70
C HIS B 11 11.31 -8.73 6.48
N GLY A 1 -10.05 14.87 16.31
CA GLY A 1 -8.67 15.20 15.99
C GLY A 1 -7.82 15.08 17.24
N PRO A 2 -8.23 15.70 18.35
CA PRO A 2 -7.47 15.66 19.60
C PRO A 2 -7.48 14.27 20.24
N LEU A 3 -8.66 13.65 20.28
CA LEU A 3 -8.80 12.33 20.86
C LEU A 3 -8.99 11.28 19.76
N GLY A 4 -7.97 11.11 18.93
CA GLY A 4 -8.05 10.14 17.85
C GLY A 4 -6.70 9.53 17.52
N SER A 5 -6.71 8.46 16.74
CA SER A 5 -5.49 7.78 16.35
C SER A 5 -5.60 7.22 14.94
N GLY A 6 -4.45 7.04 14.28
CA GLY A 6 -4.45 6.51 12.93
C GLY A 6 -3.43 7.20 12.05
N GLU A 7 -2.89 6.46 11.09
CA GLU A 7 -1.90 7.00 10.17
C GLU A 7 -2.55 7.94 9.16
N GLU A 8 -3.50 7.41 8.40
CA GLU A 8 -4.21 8.20 7.40
C GLU A 8 -5.57 7.60 7.10
N GLU A 9 -5.60 6.61 6.22
CA GLU A 9 -6.83 5.95 5.84
C GLU A 9 -6.74 4.44 6.07
N PRO A 10 -7.67 3.85 6.83
CA PRO A 10 -7.68 2.42 7.12
C PRO A 10 -7.66 1.58 5.85
N LEU A 11 -6.56 0.86 5.63
CA LEU A 11 -6.42 0.01 4.45
C LEU A 11 -7.63 -0.91 4.31
N PRO A 12 -8.12 -1.13 3.09
CA PRO A 12 -9.28 -1.99 2.84
C PRO A 12 -9.16 -3.36 3.50
N PRO A 13 -10.12 -4.25 3.23
CA PRO A 13 -10.16 -5.61 3.82
C PRO A 13 -9.05 -6.55 3.36
N ARG A 14 -8.34 -6.17 2.32
CA ARG A 14 -7.29 -7.03 1.80
C ARG A 14 -6.09 -6.23 1.34
N TRP A 15 -5.67 -5.27 2.15
CA TRP A 15 -4.52 -4.45 1.79
C TRP A 15 -3.65 -4.08 2.99
N SER A 16 -2.48 -3.53 2.68
CA SER A 16 -1.52 -3.12 3.71
C SER A 16 -0.62 -2.02 3.16
N MET A 17 0.49 -1.78 3.84
CA MET A 17 1.43 -0.75 3.43
C MET A 17 2.86 -1.29 3.41
N GLN A 18 3.69 -0.69 2.57
CA GLN A 18 5.09 -1.10 2.45
C GLN A 18 5.89 -0.09 1.63
N VAL A 19 7.02 0.34 2.19
CA VAL A 19 7.89 1.29 1.52
C VAL A 19 8.85 0.57 0.59
N ALA A 20 8.86 0.99 -0.67
CA ALA A 20 9.72 0.37 -1.67
C ALA A 20 10.97 1.22 -1.93
N PRO A 21 12.07 0.58 -2.34
CA PRO A 21 13.33 1.27 -2.62
C PRO A 21 13.16 2.28 -3.74
N ASN A 22 12.17 2.04 -4.59
CA ASN A 22 11.88 2.93 -5.72
C ASN A 22 11.84 4.39 -5.26
N GLY A 23 11.37 4.59 -4.03
CA GLY A 23 11.30 5.93 -3.48
C GLY A 23 9.91 6.28 -2.97
N ARG A 24 8.93 5.43 -3.28
CA ARG A 24 7.56 5.67 -2.84
C ARG A 24 6.97 4.42 -2.20
N THR A 25 5.98 4.63 -1.33
CA THR A 25 5.32 3.52 -0.67
C THR A 25 4.28 2.90 -1.59
N PHE A 26 4.11 1.60 -1.49
CA PHE A 26 3.15 0.91 -2.32
C PHE A 26 2.06 0.25 -1.47
N PHE A 27 1.01 -0.23 -2.13
CA PHE A 27 -0.10 -0.86 -1.45
C PHE A 27 -0.21 -2.32 -1.84
N ILE A 28 -0.29 -3.16 -0.83
CA ILE A 28 -0.40 -4.58 -1.04
C ILE A 28 -1.86 -5.00 -1.15
N ASP A 29 -2.08 -6.07 -1.88
CA ASP A 29 -3.42 -6.60 -2.10
C ASP A 29 -3.48 -8.09 -1.79
N HIS A 30 -4.25 -8.45 -0.77
CA HIS A 30 -4.39 -9.83 -0.36
C HIS A 30 -5.43 -10.56 -1.22
N ALA A 31 -6.35 -9.78 -1.79
CA ALA A 31 -7.39 -10.35 -2.64
C ALA A 31 -6.78 -11.16 -3.77
N SER A 32 -5.69 -10.65 -4.33
CA SER A 32 -4.99 -11.33 -5.43
C SER A 32 -3.53 -11.59 -5.09
N ARG A 33 -3.07 -11.10 -3.93
CA ARG A 33 -1.70 -11.29 -3.51
C ARG A 33 -0.74 -10.53 -4.44
N ARG A 34 -0.86 -9.21 -4.44
CA ARG A 34 -0.02 -8.37 -5.28
C ARG A 34 0.16 -6.98 -4.67
N THR A 35 0.82 -6.09 -5.40
CA THR A 35 1.06 -4.74 -4.93
C THR A 35 0.85 -3.72 -6.05
N THR A 36 0.85 -2.44 -5.70
CA THR A 36 0.65 -1.38 -6.68
C THR A 36 1.08 -0.03 -6.13
N TRP A 37 1.13 0.96 -7.01
CA TRP A 37 1.51 2.32 -6.62
C TRP A 37 0.29 3.16 -6.30
N ILE A 38 -0.84 2.51 -6.01
CA ILE A 38 -2.06 3.21 -5.71
C ILE A 38 -2.75 2.65 -4.47
N ASP A 39 -3.24 3.54 -3.61
CA ASP A 39 -3.93 3.13 -2.39
C ASP A 39 -5.43 3.15 -2.59
N PRO A 40 -6.10 1.98 -2.52
CA PRO A 40 -7.55 1.88 -2.71
C PRO A 40 -8.30 2.87 -1.82
N ARG A 41 -7.79 3.09 -0.61
CA ARG A 41 -8.40 4.00 0.34
C ARG A 41 -8.72 5.34 -0.32
N ASN A 42 -7.88 5.72 -1.28
CA ASN A 42 -8.06 6.99 -1.99
C ASN A 42 -8.02 6.76 -3.50
N GLY A 43 -6.86 6.32 -3.99
CA GLY A 43 -6.71 6.07 -5.41
C GLY A 43 -5.60 6.90 -6.03
N ARG A 44 -4.55 7.14 -5.26
CA ARG A 44 -3.41 7.93 -5.74
C ARG A 44 -2.10 7.31 -5.29
N ALA A 45 -0.99 7.93 -5.69
CA ALA A 45 0.34 7.43 -5.32
C ALA A 45 0.44 7.19 -3.83
N SER A 46 0.49 5.93 -3.44
CA SER A 46 0.59 5.56 -2.04
C SER A 46 1.81 6.22 -1.38
N THR B 1 9.51 1.52 -13.11
CA THR B 1 9.29 0.23 -12.42
C THR B 1 9.99 0.21 -11.06
N GLY B 2 9.79 -0.86 -10.30
CA GLY B 2 10.41 -0.98 -9.00
C GLY B 2 9.40 -1.18 -7.89
N LEU B 3 8.35 -1.93 -8.18
CA LEU B 3 7.30 -2.21 -7.21
C LEU B 3 7.39 -3.64 -6.70
N PRO B 4 7.96 -3.83 -5.50
CA PRO B 4 8.10 -5.17 -4.90
C PRO B 4 6.75 -5.88 -4.76
N SER B 5 6.49 -6.84 -5.63
CA SER B 5 5.24 -7.58 -5.61
C SER B 5 4.98 -8.17 -4.23
N TYR B 6 3.70 -8.40 -3.93
CA TYR B 6 3.31 -8.95 -2.64
C TYR B 6 3.71 -10.42 -2.54
N ASP B 7 5.01 -10.64 -2.37
CA ASP B 7 5.54 -12.00 -2.25
C ASP B 7 7.03 -11.97 -1.91
N GLU B 8 7.75 -11.06 -2.55
CA GLU B 8 9.18 -10.92 -2.32
C GLU B 8 9.48 -9.63 -1.56
N ALA B 9 8.48 -9.09 -0.87
CA ALA B 9 8.63 -7.87 -0.10
C ALA B 9 7.65 -7.82 1.07
N LEU B 10 7.88 -8.65 2.06
CA LEU B 10 7.01 -8.70 3.24
C LEU B 10 7.79 -9.16 4.47
N HIS B 11 9.08 -8.87 4.50
CA HIS B 11 9.93 -9.25 5.62
C HIS B 11 11.14 -8.34 5.72
#